data_7KRH
# 
_entry.id   7KRH 
# 
_audit_conform.dict_name       mmcif_pdbx.dic 
_audit_conform.dict_version    5.380 
_audit_conform.dict_location   http://mmcif.pdb.org/dictionaries/ascii/mmcif_pdbx.dic 
# 
loop_
_database_2.database_id 
_database_2.database_code 
_database_2.pdbx_database_accession 
_database_2.pdbx_DOI 
PDB   7KRH         pdb_00007krh 10.2210/pdb7krh/pdb 
WWPDB D_1000253049 ?            ?                   
# 
_pdbx_database_status.status_code                     REL 
_pdbx_database_status.status_code_sf                  REL 
_pdbx_database_status.status_code_mr                  ? 
_pdbx_database_status.entry_id                        7KRH 
_pdbx_database_status.recvd_initial_deposition_date   2020-11-19 
_pdbx_database_status.SG_entry                        N 
_pdbx_database_status.deposit_site                    RCSB 
_pdbx_database_status.process_site                    RCSB 
_pdbx_database_status.status_code_cs                  ? 
_pdbx_database_status.status_code_nmr_data            ? 
_pdbx_database_status.methods_development_category    ? 
_pdbx_database_status.pdb_format_compatible           Y 
# 
loop_
_audit_author.name 
_audit_author.pdbx_ordinal 
_audit_author.identifier_ORCID 
'Walton, W.G.'  1 0000-0001-6745-534X 
'Redinbo, M.R.' 2 0000-0003-0814-5346 
'Dangl, J.L.'   3 0000-0003-3199-8654 
# 
_citation.abstract                  ? 
_citation.abstract_id_CAS           ? 
_citation.book_id_ISBN              ? 
_citation.book_publisher            ? 
_citation.book_publisher_city       ? 
_citation.book_title                ? 
_citation.coordinate_linkage        ? 
_citation.country                   UK 
_citation.database_id_Medline       ? 
_citation.details                   ? 
_citation.id                        primary 
_citation.journal_abbrev            'Nat Microbiol' 
_citation.journal_id_ASTM           ? 
_citation.journal_id_CSD            ? 
_citation.journal_id_ISSN           2058-5276 
_citation.journal_full              ? 
_citation.journal_issue             ? 
_citation.journal_volume            7 
_citation.language                  ? 
_citation.page_first                1817 
_citation.page_last                 1833 
_citation.title                     'Diverse MarR bacterial regulators of auxin catabolism in the plant microbiome.' 
_citation.year                      2022 
_citation.database_id_CSD           ? 
_citation.pdbx_database_id_DOI      10.1038/s41564-022-01244-3 
_citation.pdbx_database_id_PubMed   36266335 
_citation.unpublished_flag          ? 
# 
loop_
_citation_author.citation_id 
_citation_author.name 
_citation_author.ordinal 
_citation_author.identifier_ORCID 
primary 'Conway, J.M.'       1  0000-0002-2715-2149 
primary 'Walton, W.G.'       2  ?                   
primary 'Salas-Gonzalez, I.' 3  0000-0002-0347-5058 
primary 'Law, T.F.'          4  ?                   
primary 'Lindberg, C.A.'     5  ?                   
primary 'Crook, L.E.'        6  ?                   
primary 'Kosina, S.M.'       7  0000-0003-2885-1248 
primary 'Fitzpatrick, C.R.'  8  ?                   
primary 'Lietzan, A.D.'      9  0000-0001-6388-2491 
primary 'Northen, T.R.'      10 0000-0001-8404-3259 
primary 'Jones, C.D.'        11 ?                   
primary 'Finkel, O.M.'       12 0000-0003-4770-0402 
primary 'Redinbo, M.R.'      13 0000-0003-0814-5346 
primary 'Dangl, J.L.'        14 0000-0003-3199-8654 
# 
_cell.angle_alpha                  90.000 
_cell.angle_alpha_esd              ? 
_cell.angle_beta                   90.000 
_cell.angle_beta_esd               ? 
_cell.angle_gamma                  90.000 
_cell.angle_gamma_esd              ? 
_cell.entry_id                     7KRH 
_cell.details                      ? 
_cell.formula_units_Z              ? 
_cell.length_a                     54.899 
_cell.length_a_esd                 ? 
_cell.length_b                     113.476 
_cell.length_b_esd                 ? 
_cell.length_c                     115.125 
_cell.length_c_esd                 ? 
_cell.volume                       717196.391 
_cell.volume_esd                   ? 
_cell.Z_PDB                        16 
_cell.reciprocal_angle_alpha       ? 
_cell.reciprocal_angle_beta        ? 
_cell.reciprocal_angle_gamma       ? 
_cell.reciprocal_angle_alpha_esd   ? 
_cell.reciprocal_angle_beta_esd    ? 
_cell.reciprocal_angle_gamma_esd   ? 
_cell.reciprocal_length_a          ? 
_cell.reciprocal_length_b          ? 
_cell.reciprocal_length_c          ? 
_cell.reciprocal_length_a_esd      ? 
_cell.reciprocal_length_b_esd      ? 
_cell.reciprocal_length_c_esd      ? 
_cell.pdbx_unique_axis             ? 
# 
_symmetry.entry_id                         7KRH 
_symmetry.cell_setting                     ? 
_symmetry.Int_Tables_number                22 
_symmetry.space_group_name_Hall            'F 2 2' 
_symmetry.space_group_name_H-M             'F 2 2 2' 
_symmetry.pdbx_full_space_group_name_H-M   ? 
# 
loop_
_entity.id 
_entity.type 
_entity.src_method 
_entity.pdbx_description 
_entity.formula_weight 
_entity.pdbx_number_of_molecules 
_entity.pdbx_ec 
_entity.pdbx_mutation 
_entity.pdbx_fragment 
_entity.details 
1 polymer     man 'Transcriptional regulator, MarR family' 20867.600 1   ? 'S28A, R46A' ? ? 
2 non-polymer syn 'SULFATE ION'                            96.063    3   ? ?            ? ? 
3 water       nat water                                    18.015    113 ? ?            ? ? 
# 
_entity_poly.entity_id                      1 
_entity_poly.type                           'polypeptide(L)' 
_entity_poly.nstd_linkage                   no 
_entity_poly.nstd_monomer                   no 
_entity_poly.pdbx_seq_one_letter_code       
;MHHHHHHSSGVDLGTENLYFQSNAMAEQPPETHRFVDDYLPALLAQASQLIASEFHEVARQHGFSVSEWAVMASLAGSEP
ISIGQLAQVTVTKQPTVTRLLDRMEARGQVERLPHESDRRITLVRITRKGLKAVEHLMELAREHERRVLEPFGLRRAEEL
KQTLRQMIDLHVHVPVEEPEED
;
_entity_poly.pdbx_seq_one_letter_code_can   
;MHHHHHHSSGVDLGTENLYFQSNAMAEQPPETHRFVDDYLPALLAQASQLIASEFHEVARQHGFSVSEWAVMASLAGSEP
ISIGQLAQVTVTKQPTVTRLLDRMEARGQVERLPHESDRRITLVRITRKGLKAVEHLMELAREHERRVLEPFGLRRAEEL
KQTLRQMIDLHVHVPVEEPEED
;
_entity_poly.pdbx_strand_id                 A 
_entity_poly.pdbx_target_identifier         ? 
# 
loop_
_entity_poly_seq.entity_id 
_entity_poly_seq.num 
_entity_poly_seq.mon_id 
_entity_poly_seq.hetero 
1 1   MET n 
1 2   HIS n 
1 3   HIS n 
1 4   HIS n 
1 5   HIS n 
1 6   HIS n 
1 7   HIS n 
1 8   SER n 
1 9   SER n 
1 10  GLY n 
1 11  VAL n 
1 12  ASP n 
1 13  LEU n 
1 14  GLY n 
1 15  THR n 
1 16  GLU n 
1 17  ASN n 
1 18  LEU n 
1 19  TYR n 
1 20  PHE n 
1 21  GLN n 
1 22  SER n 
1 23  ASN n 
1 24  ALA n 
1 25  MET n 
1 26  ALA n 
1 27  GLU n 
1 28  GLN n 
1 29  PRO n 
1 30  PRO n 
1 31  GLU n 
1 32  THR n 
1 33  HIS n 
1 34  ARG n 
1 35  PHE n 
1 36  VAL n 
1 37  ASP n 
1 38  ASP n 
1 39  TYR n 
1 40  LEU n 
1 41  PRO n 
1 42  ALA n 
1 43  LEU n 
1 44  LEU n 
1 45  ALA n 
1 46  GLN n 
1 47  ALA n 
1 48  SER n 
1 49  GLN n 
1 50  LEU n 
1 51  ILE n 
1 52  ALA n 
1 53  SER n 
1 54  GLU n 
1 55  PHE n 
1 56  HIS n 
1 57  GLU n 
1 58  VAL n 
1 59  ALA n 
1 60  ARG n 
1 61  GLN n 
1 62  HIS n 
1 63  GLY n 
1 64  PHE n 
1 65  SER n 
1 66  VAL n 
1 67  SER n 
1 68  GLU n 
1 69  TRP n 
1 70  ALA n 
1 71  VAL n 
1 72  MET n 
1 73  ALA n 
1 74  SER n 
1 75  LEU n 
1 76  ALA n 
1 77  GLY n 
1 78  SER n 
1 79  GLU n 
1 80  PRO n 
1 81  ILE n 
1 82  SER n 
1 83  ILE n 
1 84  GLY n 
1 85  GLN n 
1 86  LEU n 
1 87  ALA n 
1 88  GLN n 
1 89  VAL n 
1 90  THR n 
1 91  VAL n 
1 92  THR n 
1 93  LYS n 
1 94  GLN n 
1 95  PRO n 
1 96  THR n 
1 97  VAL n 
1 98  THR n 
1 99  ARG n 
1 100 LEU n 
1 101 LEU n 
1 102 ASP n 
1 103 ARG n 
1 104 MET n 
1 105 GLU n 
1 106 ALA n 
1 107 ARG n 
1 108 GLY n 
1 109 GLN n 
1 110 VAL n 
1 111 GLU n 
1 112 ARG n 
1 113 LEU n 
1 114 PRO n 
1 115 HIS n 
1 116 GLU n 
1 117 SER n 
1 118 ASP n 
1 119 ARG n 
1 120 ARG n 
1 121 ILE n 
1 122 THR n 
1 123 LEU n 
1 124 VAL n 
1 125 ARG n 
1 126 ILE n 
1 127 THR n 
1 128 ARG n 
1 129 LYS n 
1 130 GLY n 
1 131 LEU n 
1 132 LYS n 
1 133 ALA n 
1 134 VAL n 
1 135 GLU n 
1 136 HIS n 
1 137 LEU n 
1 138 MET n 
1 139 GLU n 
1 140 LEU n 
1 141 ALA n 
1 142 ARG n 
1 143 GLU n 
1 144 HIS n 
1 145 GLU n 
1 146 ARG n 
1 147 ARG n 
1 148 VAL n 
1 149 LEU n 
1 150 GLU n 
1 151 PRO n 
1 152 PHE n 
1 153 GLY n 
1 154 LEU n 
1 155 ARG n 
1 156 ARG n 
1 157 ALA n 
1 158 GLU n 
1 159 GLU n 
1 160 LEU n 
1 161 LYS n 
1 162 GLN n 
1 163 THR n 
1 164 LEU n 
1 165 ARG n 
1 166 GLN n 
1 167 MET n 
1 168 ILE n 
1 169 ASP n 
1 170 LEU n 
1 171 HIS n 
1 172 VAL n 
1 173 HIS n 
1 174 VAL n 
1 175 PRO n 
1 176 VAL n 
1 177 GLU n 
1 178 GLU n 
1 179 PRO n 
1 180 GLU n 
1 181 GLU n 
1 182 ASP n 
# 
_entity_src_gen.entity_id                          1 
_entity_src_gen.pdbx_src_id                        1 
_entity_src_gen.pdbx_alt_source_flag               sample 
_entity_src_gen.pdbx_seq_type                      'Biological sequence' 
_entity_src_gen.pdbx_beg_seq_num                   1 
_entity_src_gen.pdbx_end_seq_num                   182 
_entity_src_gen.gene_src_common_name               ? 
_entity_src_gen.gene_src_genus                     ? 
_entity_src_gen.pdbx_gene_src_gene                 Vapar_1489 
_entity_src_gen.gene_src_species                   ? 
_entity_src_gen.gene_src_strain                    ? 
_entity_src_gen.gene_src_tissue                    ? 
_entity_src_gen.gene_src_tissue_fraction           ? 
_entity_src_gen.gene_src_details                   ? 
_entity_src_gen.pdbx_gene_src_fragment             ? 
_entity_src_gen.pdbx_gene_src_scientific_name      'Variovorax paradoxus' 
_entity_src_gen.pdbx_gene_src_ncbi_taxonomy_id     34073 
_entity_src_gen.pdbx_gene_src_variant              ? 
_entity_src_gen.pdbx_gene_src_cell_line            ? 
_entity_src_gen.pdbx_gene_src_atcc                 ? 
_entity_src_gen.pdbx_gene_src_organ                ? 
_entity_src_gen.pdbx_gene_src_organelle            ? 
_entity_src_gen.pdbx_gene_src_cell                 ? 
_entity_src_gen.pdbx_gene_src_cellular_location    ? 
_entity_src_gen.host_org_common_name               ? 
_entity_src_gen.pdbx_host_org_scientific_name      'Escherichia coli' 
_entity_src_gen.pdbx_host_org_ncbi_taxonomy_id     562 
_entity_src_gen.host_org_genus                     ? 
_entity_src_gen.pdbx_host_org_gene                 ? 
_entity_src_gen.pdbx_host_org_organ                ? 
_entity_src_gen.host_org_species                   ? 
_entity_src_gen.pdbx_host_org_tissue               ? 
_entity_src_gen.pdbx_host_org_tissue_fraction      ? 
_entity_src_gen.pdbx_host_org_strain               ? 
_entity_src_gen.pdbx_host_org_variant              ? 
_entity_src_gen.pdbx_host_org_cell_line            ? 
_entity_src_gen.pdbx_host_org_atcc                 ? 
_entity_src_gen.pdbx_host_org_culture_collection   ? 
_entity_src_gen.pdbx_host_org_cell                 ? 
_entity_src_gen.pdbx_host_org_organelle            ? 
_entity_src_gen.pdbx_host_org_cellular_location    ? 
_entity_src_gen.pdbx_host_org_vector_type          ? 
_entity_src_gen.pdbx_host_org_vector               ? 
_entity_src_gen.host_org_details                   ? 
_entity_src_gen.expression_system_id               ? 
_entity_src_gen.plasmid_name                       ? 
_entity_src_gen.plasmid_details                    ? 
_entity_src_gen.pdbx_description                   ? 
# 
_struct_ref.id                         1 
_struct_ref.db_name                    UNP 
_struct_ref.db_code                    C5CSP2_VARPS 
_struct_ref.pdbx_db_accession          C5CSP2 
_struct_ref.pdbx_db_isoform            ? 
_struct_ref.entity_id                  1 
_struct_ref.pdbx_seq_one_letter_code   
;MAEQPPETHRFVDDYLPALLAQASQLISSEFHEVARQHGFSVSEWRVMASLAGSEPISIGQLAQVTVTKQPTVTRLLDRM
EARGQVERLPHESDRRITLVRITRKGLKAVEHLMELAREHERRVLEPFGLRRAEELKQTLRQMIDLHVHVPVEEPEED
;
_struct_ref.pdbx_align_begin           1 
# 
_struct_ref_seq.align_id                      1 
_struct_ref_seq.ref_id                        1 
_struct_ref_seq.pdbx_PDB_id_code              7KRH 
_struct_ref_seq.pdbx_strand_id                A 
_struct_ref_seq.seq_align_beg                 25 
_struct_ref_seq.pdbx_seq_align_beg_ins_code   ? 
_struct_ref_seq.seq_align_end                 182 
_struct_ref_seq.pdbx_seq_align_end_ins_code   ? 
_struct_ref_seq.pdbx_db_accession             C5CSP2 
_struct_ref_seq.db_align_beg                  1 
_struct_ref_seq.pdbx_db_align_beg_ins_code    ? 
_struct_ref_seq.db_align_end                  158 
_struct_ref_seq.pdbx_db_align_end_ins_code    ? 
_struct_ref_seq.pdbx_auth_seq_align_beg       1 
_struct_ref_seq.pdbx_auth_seq_align_end       158 
# 
loop_
_struct_ref_seq_dif.align_id 
_struct_ref_seq_dif.pdbx_pdb_id_code 
_struct_ref_seq_dif.mon_id 
_struct_ref_seq_dif.pdbx_pdb_strand_id 
_struct_ref_seq_dif.seq_num 
_struct_ref_seq_dif.pdbx_pdb_ins_code 
_struct_ref_seq_dif.pdbx_seq_db_name 
_struct_ref_seq_dif.pdbx_seq_db_accession_code 
_struct_ref_seq_dif.db_mon_id 
_struct_ref_seq_dif.pdbx_seq_db_seq_num 
_struct_ref_seq_dif.details 
_struct_ref_seq_dif.pdbx_auth_seq_num 
_struct_ref_seq_dif.pdbx_ordinal 
1 7KRH MET A 1  ? UNP C5CSP2 ?   ?  'initiating methionine' -23 1  
1 7KRH HIS A 2  ? UNP C5CSP2 ?   ?  'expression tag'        -22 2  
1 7KRH HIS A 3  ? UNP C5CSP2 ?   ?  'expression tag'        -21 3  
1 7KRH HIS A 4  ? UNP C5CSP2 ?   ?  'expression tag'        -20 4  
1 7KRH HIS A 5  ? UNP C5CSP2 ?   ?  'expression tag'        -19 5  
1 7KRH HIS A 6  ? UNP C5CSP2 ?   ?  'expression tag'        -18 6  
1 7KRH HIS A 7  ? UNP C5CSP2 ?   ?  'expression tag'        -17 7  
1 7KRH SER A 8  ? UNP C5CSP2 ?   ?  'expression tag'        -16 8  
1 7KRH SER A 9  ? UNP C5CSP2 ?   ?  'expression tag'        -15 9  
1 7KRH GLY A 10 ? UNP C5CSP2 ?   ?  'expression tag'        -14 10 
1 7KRH VAL A 11 ? UNP C5CSP2 ?   ?  'expression tag'        -13 11 
1 7KRH ASP A 12 ? UNP C5CSP2 ?   ?  'expression tag'        -12 12 
1 7KRH LEU A 13 ? UNP C5CSP2 ?   ?  'expression tag'        -11 13 
1 7KRH GLY A 14 ? UNP C5CSP2 ?   ?  'expression tag'        -10 14 
1 7KRH THR A 15 ? UNP C5CSP2 ?   ?  'expression tag'        -9  15 
1 7KRH GLU A 16 ? UNP C5CSP2 ?   ?  'expression tag'        -8  16 
1 7KRH ASN A 17 ? UNP C5CSP2 ?   ?  'expression tag'        -7  17 
1 7KRH LEU A 18 ? UNP C5CSP2 ?   ?  'expression tag'        -6  18 
1 7KRH TYR A 19 ? UNP C5CSP2 ?   ?  'expression tag'        -5  19 
1 7KRH PHE A 20 ? UNP C5CSP2 ?   ?  'expression tag'        -4  20 
1 7KRH GLN A 21 ? UNP C5CSP2 ?   ?  'expression tag'        -3  21 
1 7KRH SER A 22 ? UNP C5CSP2 ?   ?  'expression tag'        -2  22 
1 7KRH ASN A 23 ? UNP C5CSP2 ?   ?  'expression tag'        -1  23 
1 7KRH ALA A 24 ? UNP C5CSP2 ?   ?  'expression tag'        0   24 
1 7KRH ALA A 52 ? UNP C5CSP2 SER 28 'engineered mutation'   28  25 
1 7KRH ALA A 70 ? UNP C5CSP2 ARG 46 'engineered mutation'   46  26 
# 
loop_
_chem_comp.id 
_chem_comp.type 
_chem_comp.mon_nstd_flag 
_chem_comp.name 
_chem_comp.pdbx_synonyms 
_chem_comp.formula 
_chem_comp.formula_weight 
ALA 'L-peptide linking' y ALANINE         ? 'C3 H7 N O2'     89.093  
ARG 'L-peptide linking' y ARGININE        ? 'C6 H15 N4 O2 1' 175.209 
ASN 'L-peptide linking' y ASPARAGINE      ? 'C4 H8 N2 O3'    132.118 
ASP 'L-peptide linking' y 'ASPARTIC ACID' ? 'C4 H7 N O4'     133.103 
GLN 'L-peptide linking' y GLUTAMINE       ? 'C5 H10 N2 O3'   146.144 
GLU 'L-peptide linking' y 'GLUTAMIC ACID' ? 'C5 H9 N O4'     147.129 
GLY 'peptide linking'   y GLYCINE         ? 'C2 H5 N O2'     75.067  
HIS 'L-peptide linking' y HISTIDINE       ? 'C6 H10 N3 O2 1' 156.162 
HOH non-polymer         . WATER           ? 'H2 O'           18.015  
ILE 'L-peptide linking' y ISOLEUCINE      ? 'C6 H13 N O2'    131.173 
LEU 'L-peptide linking' y LEUCINE         ? 'C6 H13 N O2'    131.173 
LYS 'L-peptide linking' y LYSINE          ? 'C6 H15 N2 O2 1' 147.195 
MET 'L-peptide linking' y METHIONINE      ? 'C5 H11 N O2 S'  149.211 
PHE 'L-peptide linking' y PHENYLALANINE   ? 'C9 H11 N O2'    165.189 
PRO 'L-peptide linking' y PROLINE         ? 'C5 H9 N O2'     115.130 
SER 'L-peptide linking' y SERINE          ? 'C3 H7 N O3'     105.093 
SO4 non-polymer         . 'SULFATE ION'   ? 'O4 S -2'        96.063  
THR 'L-peptide linking' y THREONINE       ? 'C4 H9 N O3'     119.119 
TRP 'L-peptide linking' y TRYPTOPHAN      ? 'C11 H12 N2 O2'  204.225 
TYR 'L-peptide linking' y TYROSINE        ? 'C9 H11 N O3'    181.189 
VAL 'L-peptide linking' y VALINE          ? 'C5 H11 N O2'    117.146 
# 
_exptl.absorpt_coefficient_mu     ? 
_exptl.absorpt_correction_T_max   ? 
_exptl.absorpt_correction_T_min   ? 
_exptl.absorpt_correction_type    ? 
_exptl.absorpt_process_details    ? 
_exptl.entry_id                   7KRH 
_exptl.crystals_number            1 
_exptl.details                    ? 
_exptl.method                     'X-RAY DIFFRACTION' 
_exptl.method_details             ? 
# 
_exptl_crystal.colour                      ? 
_exptl_crystal.density_diffrn              ? 
_exptl_crystal.density_Matthews            2.15 
_exptl_crystal.density_method              ? 
_exptl_crystal.density_percent_sol         42.74 
_exptl_crystal.description                 ? 
_exptl_crystal.F_000                       ? 
_exptl_crystal.id                          1 
_exptl_crystal.preparation                 ? 
_exptl_crystal.size_max                    ? 
_exptl_crystal.size_mid                    ? 
_exptl_crystal.size_min                    ? 
_exptl_crystal.size_rad                    ? 
_exptl_crystal.colour_lustre               ? 
_exptl_crystal.colour_modifier             ? 
_exptl_crystal.colour_primary              ? 
_exptl_crystal.density_meas                ? 
_exptl_crystal.density_meas_esd            ? 
_exptl_crystal.density_meas_gt             ? 
_exptl_crystal.density_meas_lt             ? 
_exptl_crystal.density_meas_temp           ? 
_exptl_crystal.density_meas_temp_esd       ? 
_exptl_crystal.density_meas_temp_gt        ? 
_exptl_crystal.density_meas_temp_lt        ? 
_exptl_crystal.pdbx_crystal_image_url      ? 
_exptl_crystal.pdbx_crystal_image_format   ? 
_exptl_crystal.pdbx_mosaicity              ? 
_exptl_crystal.pdbx_mosaicity_esd          ? 
# 
_exptl_crystal_grow.apparatus       ? 
_exptl_crystal_grow.atmosphere      ? 
_exptl_crystal_grow.crystal_id      1 
_exptl_crystal_grow.details         ? 
_exptl_crystal_grow.method          'VAPOR DIFFUSION, SITTING DROP' 
_exptl_crystal_grow.method_ref      ? 
_exptl_crystal_grow.pH              ? 
_exptl_crystal_grow.pressure        ? 
_exptl_crystal_grow.pressure_esd    ? 
_exptl_crystal_grow.seeding         ? 
_exptl_crystal_grow.seeding_ref     ? 
_exptl_crystal_grow.temp            293 
_exptl_crystal_grow.temp_details    ? 
_exptl_crystal_grow.temp_esd        ? 
_exptl_crystal_grow.time            ? 
_exptl_crystal_grow.pdbx_details    '0.1 M Tris: HCl, pH 8.5, 2 M Ammonium Sulfate' 
_exptl_crystal_grow.pdbx_pH_range   ? 
# 
_diffrn.ambient_environment              ? 
_diffrn.ambient_temp                     100 
_diffrn.ambient_temp_details             ? 
_diffrn.ambient_temp_esd                 ? 
_diffrn.crystal_id                       1 
_diffrn.crystal_support                  ? 
_diffrn.crystal_treatment                ? 
_diffrn.details                          ? 
_diffrn.id                               1 
_diffrn.ambient_pressure                 ? 
_diffrn.ambient_pressure_esd             ? 
_diffrn.ambient_pressure_gt              ? 
_diffrn.ambient_pressure_lt              ? 
_diffrn.ambient_temp_gt                  ? 
_diffrn.ambient_temp_lt                  ? 
_diffrn.pdbx_serial_crystal_experiment   N 
# 
_diffrn_detector.details                      ? 
_diffrn_detector.detector                     PIXEL 
_diffrn_detector.diffrn_id                    1 
_diffrn_detector.type                         'DECTRIS PILATUS3 6M' 
_diffrn_detector.area_resol_mean              ? 
_diffrn_detector.dtime                        ? 
_diffrn_detector.pdbx_frames_total            ? 
_diffrn_detector.pdbx_collection_time_total   ? 
_diffrn_detector.pdbx_collection_date         2020-02-15 
_diffrn_detector.pdbx_frequency               ? 
# 
_diffrn_radiation.collimation                      ? 
_diffrn_radiation.diffrn_id                        1 
_diffrn_radiation.filter_edge                      ? 
_diffrn_radiation.inhomogeneity                    ? 
_diffrn_radiation.monochromator                    ? 
_diffrn_radiation.polarisn_norm                    ? 
_diffrn_radiation.polarisn_ratio                   ? 
_diffrn_radiation.probe                            ? 
_diffrn_radiation.type                             ? 
_diffrn_radiation.xray_symbol                      ? 
_diffrn_radiation.wavelength_id                    1 
_diffrn_radiation.pdbx_monochromatic_or_laue_m_l   M 
_diffrn_radiation.pdbx_wavelength_list             ? 
_diffrn_radiation.pdbx_wavelength                  ? 
_diffrn_radiation.pdbx_diffrn_protocol             'SINGLE WAVELENGTH' 
_diffrn_radiation.pdbx_analyzer                    ? 
_diffrn_radiation.pdbx_scattering_type             x-ray 
# 
_diffrn_radiation_wavelength.id           1 
_diffrn_radiation_wavelength.wavelength   1.03318 
_diffrn_radiation_wavelength.wt           1.0 
# 
_diffrn_source.current                     ? 
_diffrn_source.details                     ? 
_diffrn_source.diffrn_id                   1 
_diffrn_source.power                       ? 
_diffrn_source.size                        ? 
_diffrn_source.source                      SYNCHROTRON 
_diffrn_source.target                      ? 
_diffrn_source.type                        'APS BEAMLINE 23-ID-D' 
_diffrn_source.voltage                     ? 
_diffrn_source.take-off_angle              ? 
_diffrn_source.pdbx_wavelength_list        1.03318 
_diffrn_source.pdbx_wavelength             ? 
_diffrn_source.pdbx_synchrotron_beamline   23-ID-D 
_diffrn_source.pdbx_synchrotron_site       APS 
# 
_reflns.B_iso_Wilson_estimate            24.59 
_reflns.entry_id                         7KRH 
_reflns.data_reduction_details           ? 
_reflns.data_reduction_method            ? 
_reflns.d_resolution_high                1.41 
_reflns.d_resolution_low                 45.41 
_reflns.details                          ? 
_reflns.limit_h_max                      ? 
_reflns.limit_h_min                      ? 
_reflns.limit_k_max                      ? 
_reflns.limit_k_min                      ? 
_reflns.limit_l_max                      ? 
_reflns.limit_l_min                      ? 
_reflns.number_all                       ? 
_reflns.number_obs                       28873 
_reflns.observed_criterion               ? 
_reflns.observed_criterion_F_max         ? 
_reflns.observed_criterion_F_min         ? 
_reflns.observed_criterion_I_max         ? 
_reflns.observed_criterion_I_min         ? 
_reflns.observed_criterion_sigma_F       ? 
_reflns.observed_criterion_sigma_I       ? 
_reflns.percent_possible_obs             99.73 
_reflns.R_free_details                   ? 
_reflns.Rmerge_F_all                     ? 
_reflns.Rmerge_F_obs                     ? 
_reflns.Friedel_coverage                 ? 
_reflns.number_gt                        ? 
_reflns.threshold_expression             ? 
_reflns.pdbx_redundancy                  2.0 
_reflns.pdbx_Rmerge_I_obs                ? 
_reflns.pdbx_Rmerge_I_all                ? 
_reflns.pdbx_Rsym_value                  ? 
_reflns.pdbx_netI_over_av_sigmaI         ? 
_reflns.pdbx_netI_over_sigmaI            25.59 
_reflns.pdbx_res_netI_over_av_sigmaI_2   ? 
_reflns.pdbx_res_netI_over_sigmaI_2      ? 
_reflns.pdbx_chi_squared                 ? 
_reflns.pdbx_scaling_rejects             ? 
_reflns.pdbx_d_res_high_opt              ? 
_reflns.pdbx_d_res_low_opt               ? 
_reflns.pdbx_d_res_opt_method            ? 
_reflns.phase_calculation_details        ? 
_reflns.pdbx_Rrim_I_all                  ? 
_reflns.pdbx_Rpim_I_all                  ? 
_reflns.pdbx_d_opt                       ? 
_reflns.pdbx_number_measured_all         ? 
_reflns.pdbx_diffrn_id                   1 
_reflns.pdbx_ordinal                     1 
_reflns.pdbx_CC_half                     1 
_reflns.pdbx_CC_star                     ? 
_reflns.pdbx_R_split                     ? 
# 
_reflns_shell.d_res_high                  1.5 
_reflns_shell.d_res_low                   1.554 
_reflns_shell.meanI_over_sigI_all         ? 
_reflns_shell.meanI_over_sigI_obs         ? 
_reflns_shell.number_measured_all         ? 
_reflns_shell.number_measured_obs         ? 
_reflns_shell.number_possible             ? 
_reflns_shell.number_unique_all           ? 
_reflns_shell.number_unique_obs           2837 
_reflns_shell.percent_possible_all        ? 
_reflns_shell.percent_possible_obs        ? 
_reflns_shell.Rmerge_F_all                ? 
_reflns_shell.Rmerge_F_obs                ? 
_reflns_shell.Rmerge_I_all                ? 
_reflns_shell.Rmerge_I_obs                ? 
_reflns_shell.meanI_over_sigI_gt          ? 
_reflns_shell.meanI_over_uI_all           ? 
_reflns_shell.meanI_over_uI_gt            ? 
_reflns_shell.number_measured_gt          ? 
_reflns_shell.number_unique_gt            ? 
_reflns_shell.percent_possible_gt         ? 
_reflns_shell.Rmerge_F_gt                 ? 
_reflns_shell.Rmerge_I_gt                 ? 
_reflns_shell.pdbx_redundancy             ? 
_reflns_shell.pdbx_Rsym_value             ? 
_reflns_shell.pdbx_chi_squared            ? 
_reflns_shell.pdbx_netI_over_sigmaI_all   ? 
_reflns_shell.pdbx_netI_over_sigmaI_obs   ? 
_reflns_shell.pdbx_Rrim_I_all             ? 
_reflns_shell.pdbx_Rpim_I_all             ? 
_reflns_shell.pdbx_rejects                ? 
_reflns_shell.pdbx_ordinal                1 
_reflns_shell.pdbx_diffrn_id              1 
_reflns_shell.pdbx_CC_half                0.838 
_reflns_shell.pdbx_CC_star                ? 
_reflns_shell.pdbx_R_split                ? 
# 
_refine.aniso_B[1][1]                            ? 
_refine.aniso_B[1][2]                            ? 
_refine.aniso_B[1][3]                            ? 
_refine.aniso_B[2][2]                            ? 
_refine.aniso_B[2][3]                            ? 
_refine.aniso_B[3][3]                            ? 
_refine.B_iso_max                                ? 
_refine.B_iso_mean                               33.77 
_refine.B_iso_min                                ? 
_refine.correlation_coeff_Fo_to_Fc               ? 
_refine.correlation_coeff_Fo_to_Fc_free          ? 
_refine.details                                  ? 
_refine.diff_density_max                         ? 
_refine.diff_density_max_esd                     ? 
_refine.diff_density_min                         ? 
_refine.diff_density_min_esd                     ? 
_refine.diff_density_rms                         ? 
_refine.diff_density_rms_esd                     ? 
_refine.entry_id                                 7KRH 
_refine.pdbx_refine_id                           'X-RAY DIFFRACTION' 
_refine.ls_abs_structure_details                 ? 
_refine.ls_abs_structure_Flack                   ? 
_refine.ls_abs_structure_Flack_esd               ? 
_refine.ls_abs_structure_Rogers                  ? 
_refine.ls_abs_structure_Rogers_esd              ? 
_refine.ls_d_res_high                            1.50 
_refine.ls_d_res_low                             30.31 
_refine.ls_extinction_coef                       ? 
_refine.ls_extinction_coef_esd                   ? 
_refine.ls_extinction_expression                 ? 
_refine.ls_extinction_method                     ? 
_refine.ls_goodness_of_fit_all                   ? 
_refine.ls_goodness_of_fit_all_esd               ? 
_refine.ls_goodness_of_fit_obs                   ? 
_refine.ls_goodness_of_fit_obs_esd               ? 
_refine.ls_hydrogen_treatment                    ? 
_refine.ls_matrix_type                           ? 
_refine.ls_number_constraints                    ? 
_refine.ls_number_parameters                     ? 
_refine.ls_number_reflns_all                     ? 
_refine.ls_number_reflns_obs                     28867 
_refine.ls_number_reflns_R_free                  2000 
_refine.ls_number_reflns_R_work                  26867 
_refine.ls_number_restraints                     ? 
_refine.ls_percent_reflns_obs                    99.75 
_refine.ls_percent_reflns_R_free                 6.93 
_refine.ls_R_factor_all                          ? 
_refine.ls_R_factor_obs                          0.1980 
_refine.ls_R_factor_R_free                       0.2226 
_refine.ls_R_factor_R_free_error                 ? 
_refine.ls_R_factor_R_free_error_details         ? 
_refine.ls_R_factor_R_work                       0.1962 
_refine.ls_R_Fsqd_factor_obs                     ? 
_refine.ls_R_I_factor_obs                        ? 
_refine.ls_redundancy_reflns_all                 ? 
_refine.ls_redundancy_reflns_obs                 ? 
_refine.ls_restrained_S_all                      ? 
_refine.ls_restrained_S_obs                      ? 
_refine.ls_shift_over_esd_max                    ? 
_refine.ls_shift_over_esd_mean                   ? 
_refine.ls_structure_factor_coef                 ? 
_refine.ls_weighting_details                     ? 
_refine.ls_weighting_scheme                      ? 
_refine.ls_wR_factor_all                         ? 
_refine.ls_wR_factor_obs                         ? 
_refine.ls_wR_factor_R_free                      ? 
_refine.ls_wR_factor_R_work                      ? 
_refine.occupancy_max                            ? 
_refine.occupancy_min                            ? 
_refine.solvent_model_details                    'FLAT BULK SOLVENT MODEL' 
_refine.solvent_model_param_bsol                 ? 
_refine.solvent_model_param_ksol                 ? 
_refine.pdbx_R_complete                          ? 
_refine.ls_R_factor_gt                           ? 
_refine.ls_goodness_of_fit_gt                    ? 
_refine.ls_goodness_of_fit_ref                   ? 
_refine.ls_shift_over_su_max                     ? 
_refine.ls_shift_over_su_max_lt                  ? 
_refine.ls_shift_over_su_mean                    ? 
_refine.ls_shift_over_su_mean_lt                 ? 
_refine.pdbx_ls_sigma_I                          ? 
_refine.pdbx_ls_sigma_F                          1.35 
_refine.pdbx_ls_sigma_Fsqd                       ? 
_refine.pdbx_data_cutoff_high_absF               ? 
_refine.pdbx_data_cutoff_high_rms_absF           ? 
_refine.pdbx_data_cutoff_low_absF                ? 
_refine.pdbx_isotropic_thermal_model             ? 
_refine.pdbx_ls_cross_valid_method               'FREE R-VALUE' 
_refine.pdbx_method_to_determine_struct          'MOLECULAR REPLACEMENT' 
_refine.pdbx_starting_model                      7KFO 
_refine.pdbx_stereochemistry_target_values       'GeoStd + Monomer Library + CDL v1.2' 
_refine.pdbx_R_Free_selection_details            ? 
_refine.pdbx_stereochem_target_val_spec_case     ? 
_refine.pdbx_overall_ESU_R                       ? 
_refine.pdbx_overall_ESU_R_Free                  ? 
_refine.pdbx_solvent_vdw_probe_radii             1.1100 
_refine.pdbx_solvent_ion_probe_radii             ? 
_refine.pdbx_solvent_shrinkage_radii             0.9000 
_refine.pdbx_real_space_R                        ? 
_refine.pdbx_density_correlation                 ? 
_refine.pdbx_pd_number_of_powder_patterns        ? 
_refine.pdbx_pd_number_of_points                 ? 
_refine.pdbx_pd_meas_number_of_points            ? 
_refine.pdbx_pd_proc_ls_prof_R_factor            ? 
_refine.pdbx_pd_proc_ls_prof_wR_factor           ? 
_refine.pdbx_pd_Marquardt_correlation_coeff      ? 
_refine.pdbx_pd_Fsqrd_R_factor                   ? 
_refine.pdbx_pd_ls_matrix_band_width             ? 
_refine.pdbx_overall_phase_error                 23.7497 
_refine.pdbx_overall_SU_R_free_Cruickshank_DPI   ? 
_refine.pdbx_overall_SU_R_free_Blow_DPI          ? 
_refine.pdbx_overall_SU_R_Blow_DPI               ? 
_refine.pdbx_TLS_residual_ADP_flag               ? 
_refine.pdbx_diffrn_id                           1 
_refine.overall_SU_B                             ? 
_refine.overall_SU_ML                            0.1618 
_refine.overall_SU_R_Cruickshank_DPI             ? 
_refine.overall_SU_R_free                        ? 
_refine.overall_FOM_free_R_set                   ? 
_refine.overall_FOM_work_R_set                   ? 
_refine.pdbx_average_fsc_overall                 ? 
_refine.pdbx_average_fsc_work                    ? 
_refine.pdbx_average_fsc_free                    ? 
# 
_refine_hist.pdbx_refine_id                   'X-RAY DIFFRACTION' 
_refine_hist.cycle_id                         LAST 
_refine_hist.details                          ? 
_refine_hist.d_res_high                       1.50 
_refine_hist.d_res_low                        30.31 
_refine_hist.number_atoms_solvent             113 
_refine_hist.number_atoms_total               1256 
_refine_hist.number_reflns_all                ? 
_refine_hist.number_reflns_obs                ? 
_refine_hist.number_reflns_R_free             ? 
_refine_hist.number_reflns_R_work             ? 
_refine_hist.R_factor_all                     ? 
_refine_hist.R_factor_obs                     ? 
_refine_hist.R_factor_R_free                  ? 
_refine_hist.R_factor_R_work                  ? 
_refine_hist.pdbx_number_residues_total       ? 
_refine_hist.pdbx_B_iso_mean_ligand           ? 
_refine_hist.pdbx_B_iso_mean_solvent          ? 
_refine_hist.pdbx_number_atoms_protein        1128 
_refine_hist.pdbx_number_atoms_nucleic_acid   0 
_refine_hist.pdbx_number_atoms_ligand         15 
_refine_hist.pdbx_number_atoms_lipid          ? 
_refine_hist.pdbx_number_atoms_carb           ? 
_refine_hist.pdbx_pseudo_atom_details         ? 
# 
loop_
_refine_ls_restr.pdbx_refine_id 
_refine_ls_restr.criterion 
_refine_ls_restr.dev_ideal 
_refine_ls_restr.dev_ideal_target 
_refine_ls_restr.number 
_refine_ls_restr.rejects 
_refine_ls_restr.type 
_refine_ls_restr.weight 
_refine_ls_restr.pdbx_restraint_function 
'X-RAY DIFFRACTION' ? 0.0076  ? 1332 ? f_bond_d           ? ? 
'X-RAY DIFFRACTION' ? 0.9109  ? 1823 ? f_angle_d          ? ? 
'X-RAY DIFFRACTION' ? 0.0503  ? 201  ? f_chiral_restr     ? ? 
'X-RAY DIFFRACTION' ? 0.0048  ? 246  ? f_plane_restr      ? ? 
'X-RAY DIFFRACTION' ? 27.6200 ? 528  ? f_dihedral_angle_d ? ? 
# 
loop_
_refine_ls_shell.pdbx_refine_id 
_refine_ls_shell.d_res_high 
_refine_ls_shell.d_res_low 
_refine_ls_shell.number_reflns_all 
_refine_ls_shell.number_reflns_obs 
_refine_ls_shell.number_reflns_R_free 
_refine_ls_shell.number_reflns_R_work 
_refine_ls_shell.percent_reflns_obs 
_refine_ls_shell.percent_reflns_R_free 
_refine_ls_shell.R_factor_all 
_refine_ls_shell.R_factor_obs 
_refine_ls_shell.R_factor_R_free 
_refine_ls_shell.R_factor_R_free_error 
_refine_ls_shell.R_factor_R_work 
_refine_ls_shell.redundancy_reflns_all 
_refine_ls_shell.redundancy_reflns_obs 
_refine_ls_shell.wR_factor_all 
_refine_ls_shell.wR_factor_obs 
_refine_ls_shell.wR_factor_R_free 
_refine_ls_shell.wR_factor_R_work 
_refine_ls_shell.pdbx_R_complete 
_refine_ls_shell.pdbx_total_number_of_bins_used 
_refine_ls_shell.pdbx_phase_error 
_refine_ls_shell.pdbx_fsc_work 
_refine_ls_shell.pdbx_fsc_free 
'X-RAY DIFFRACTION' 1.50 1.54  . . 138 1879 99.85 . . . 0.3018 . 0.2737 . . . . . . . . . . . 
'X-RAY DIFFRACTION' 1.54 1.58  . . 146 1910 99.90 . . . 0.2748 . 0.2520 . . . . . . . . . . . 
'X-RAY DIFFRACTION' 1.58 1.63  . . 142 1897 99.76 . . . 0.2949 . 0.2460 . . . . . . . . . . . 
'X-RAY DIFFRACTION' 1.63 1.68  . . 140 1886 99.90 . . . 0.2699 . 0.2389 . . . . . . . . . . . 
'X-RAY DIFFRACTION' 1.68 1.74  . . 141 1899 99.85 . . . 0.2773 . 0.2436 . . . . . . . . . . . 
'X-RAY DIFFRACTION' 1.74 1.81  . . 145 1924 99.81 . . . 0.2757 . 0.2290 . . . . . . . . . . . 
'X-RAY DIFFRACTION' 1.81 1.89  . . 138 1905 99.90 . . . 0.2303 . 0.2249 . . . . . . . . . . . 
'X-RAY DIFFRACTION' 1.89 1.99  . . 146 1913 99.85 . . . 0.2317 . 0.2107 . . . . . . . . . . . 
'X-RAY DIFFRACTION' 1.99 2.11  . . 134 1918 99.66 . . . 0.2026 . 0.2030 . . . . . . . . . . . 
'X-RAY DIFFRACTION' 2.11 2.28  . . 149 1913 99.71 . . . 0.2169 . 0.2011 . . . . . . . . . . . 
'X-RAY DIFFRACTION' 2.28 2.51  . . 139 1933 99.62 . . . 0.2241 . 0.1904 . . . . . . . . . . . 
'X-RAY DIFFRACTION' 2.51 2.87  . . 145 1927 99.95 . . . 0.2465 . 0.2009 . . . . . . . . . . . 
'X-RAY DIFFRACTION' 2.87 3.61  . . 147 1940 99.52 . . . 0.2037 . 0.1872 . . . . . . . . . . . 
'X-RAY DIFFRACTION' 3.61 30.31 . . 150 2023 99.31 . . . 0.2073 . 0.1765 . . . . . . . . . . . 
# 
_struct.entry_id                     7KRH 
_struct.title                        
'Crystal structure of the MarR family transcriptional regulator from Variovorax paradoxus with S28A and R46A mutations' 
_struct.pdbx_model_details           ? 
_struct.pdbx_formula_weight          ? 
_struct.pdbx_formula_weight_method   ? 
_struct.pdbx_model_type_details      ? 
_struct.pdbx_CASP_flag               N 
# 
_struct_keywords.entry_id        7KRH 
_struct_keywords.text            'Transcriptional Regulator, Ligand Binding, DNA BINDING PROTEIN' 
_struct_keywords.pdbx_keywords   'DNA BINDING PROTEIN' 
# 
loop_
_struct_asym.id 
_struct_asym.pdbx_blank_PDB_chainid_flag 
_struct_asym.pdbx_modified 
_struct_asym.entity_id 
_struct_asym.details 
A N N 1 ? 
B N N 2 ? 
C N N 2 ? 
D N N 2 ? 
E N N 3 ? 
# 
loop_
_struct_conf.conf_type_id 
_struct_conf.id 
_struct_conf.pdbx_PDB_helix_id 
_struct_conf.beg_label_comp_id 
_struct_conf.beg_label_asym_id 
_struct_conf.beg_label_seq_id 
_struct_conf.pdbx_beg_PDB_ins_code 
_struct_conf.end_label_comp_id 
_struct_conf.end_label_asym_id 
_struct_conf.end_label_seq_id 
_struct_conf.pdbx_end_PDB_ins_code 
_struct_conf.beg_auth_comp_id 
_struct_conf.beg_auth_asym_id 
_struct_conf.beg_auth_seq_id 
_struct_conf.end_auth_comp_id 
_struct_conf.end_auth_asym_id 
_struct_conf.end_auth_seq_id 
_struct_conf.pdbx_PDB_helix_class 
_struct_conf.details 
_struct_conf.pdbx_PDB_helix_length 
HELX_P HELX_P1 AA1 ARG A 34  ? ASP A 38  ? ARG A 10  ASP A 14  5 ? 5  
HELX_P HELX_P2 AA2 TYR A 39  ? HIS A 62  ? TYR A 15  HIS A 38  1 ? 24 
HELX_P HELX_P3 AA3 SER A 65  ? ALA A 76  ? SER A 41  ALA A 52  1 ? 12 
HELX_P HELX_P4 AA4 ILE A 83  ? THR A 90  ? ILE A 59  THR A 66  1 ? 8  
HELX_P HELX_P5 AA5 LYS A 93  ? ARG A 107 ? LYS A 69  ARG A 83  1 ? 15 
HELX_P HELX_P6 AA6 THR A 127 ? GLU A 150 ? THR A 103 GLU A 126 1 ? 24 
HELX_P HELX_P7 AA7 PHE A 152 ? VAL A 172 ? PHE A 128 VAL A 148 1 ? 21 
# 
_struct_conf_type.id          HELX_P 
_struct_conf_type.criteria    ? 
_struct_conf_type.reference   ? 
# 
_struct_sheet.id               AA1 
_struct_sheet.type             ? 
_struct_sheet.number_strands   3 
_struct_sheet.details          ? 
# 
loop_
_struct_sheet_order.sheet_id 
_struct_sheet_order.range_id_1 
_struct_sheet_order.range_id_2 
_struct_sheet_order.offset 
_struct_sheet_order.sense 
AA1 1 2 ? anti-parallel 
AA1 2 3 ? anti-parallel 
# 
loop_
_struct_sheet_range.sheet_id 
_struct_sheet_range.id 
_struct_sheet_range.beg_label_comp_id 
_struct_sheet_range.beg_label_asym_id 
_struct_sheet_range.beg_label_seq_id 
_struct_sheet_range.pdbx_beg_PDB_ins_code 
_struct_sheet_range.end_label_comp_id 
_struct_sheet_range.end_label_asym_id 
_struct_sheet_range.end_label_seq_id 
_struct_sheet_range.pdbx_end_PDB_ins_code 
_struct_sheet_range.beg_auth_comp_id 
_struct_sheet_range.beg_auth_asym_id 
_struct_sheet_range.beg_auth_seq_id 
_struct_sheet_range.end_auth_comp_id 
_struct_sheet_range.end_auth_asym_id 
_struct_sheet_range.end_auth_seq_id 
AA1 1 ILE A 81  ? SER A 82  ? ILE A 57 SER A 58  
AA1 2 THR A 122 ? ILE A 126 ? THR A 98 ILE A 102 
AA1 3 VAL A 110 ? PRO A 114 ? VAL A 86 PRO A 90  
# 
loop_
_pdbx_struct_sheet_hbond.sheet_id 
_pdbx_struct_sheet_hbond.range_id_1 
_pdbx_struct_sheet_hbond.range_id_2 
_pdbx_struct_sheet_hbond.range_1_label_atom_id 
_pdbx_struct_sheet_hbond.range_1_label_comp_id 
_pdbx_struct_sheet_hbond.range_1_label_asym_id 
_pdbx_struct_sheet_hbond.range_1_label_seq_id 
_pdbx_struct_sheet_hbond.range_1_PDB_ins_code 
_pdbx_struct_sheet_hbond.range_1_auth_atom_id 
_pdbx_struct_sheet_hbond.range_1_auth_comp_id 
_pdbx_struct_sheet_hbond.range_1_auth_asym_id 
_pdbx_struct_sheet_hbond.range_1_auth_seq_id 
_pdbx_struct_sheet_hbond.range_2_label_atom_id 
_pdbx_struct_sheet_hbond.range_2_label_comp_id 
_pdbx_struct_sheet_hbond.range_2_label_asym_id 
_pdbx_struct_sheet_hbond.range_2_label_seq_id 
_pdbx_struct_sheet_hbond.range_2_PDB_ins_code 
_pdbx_struct_sheet_hbond.range_2_auth_atom_id 
_pdbx_struct_sheet_hbond.range_2_auth_comp_id 
_pdbx_struct_sheet_hbond.range_2_auth_asym_id 
_pdbx_struct_sheet_hbond.range_2_auth_seq_id 
AA1 1 2 N ILE A 81  ? N ILE A 57 O VAL A 124 ? O VAL A 100 
AA1 2 3 O LEU A 123 ? O LEU A 99 N LEU A 113 ? N LEU A 89  
# 
loop_
_struct_site.id 
_struct_site.pdbx_evidence_code 
_struct_site.pdbx_auth_asym_id 
_struct_site.pdbx_auth_comp_id 
_struct_site.pdbx_auth_seq_id 
_struct_site.pdbx_auth_ins_code 
_struct_site.pdbx_num_residues 
_struct_site.details 
AC1 Software A SO4 201 ? 6  'binding site for residue SO4 A 201' 
AC2 Software A SO4 202 ? 11 'binding site for residue SO4 A 202' 
AC3 Software A SO4 203 ? 5  'binding site for residue SO4 A 203' 
# 
loop_
_struct_site_gen.id 
_struct_site_gen.site_id 
_struct_site_gen.pdbx_num_res 
_struct_site_gen.label_comp_id 
_struct_site_gen.label_asym_id 
_struct_site_gen.label_seq_id 
_struct_site_gen.pdbx_auth_ins_code 
_struct_site_gen.auth_comp_id 
_struct_site_gen.auth_asym_id 
_struct_site_gen.auth_seq_id 
_struct_site_gen.label_atom_id 
_struct_site_gen.label_alt_id 
_struct_site_gen.symmetry 
_struct_site_gen.details 
1  AC1 6  ARG A 60  ? ARG A 36  . ? 1_555  ? 
2  AC1 6  SER A 65  ? SER A 41  . ? 1_555  ? 
3  AC1 6  VAL A 66  ? VAL A 42  . ? 1_555  ? 
4  AC1 6  ARG A 103 ? ARG A 79  . ? 3_556  ? 
5  AC1 6  HOH E .   ? HOH A 312 . ? 1_555  ? 
6  AC1 6  HOH E .   ? HOH A 325 . ? 1_555  ? 
7  AC2 11 ARG A 125 ? ARG A 101 . ? 1_555  ? 
8  AC2 11 ARG A 125 ? ARG A 101 . ? 14_555 ? 
9  AC2 11 THR A 127 ? THR A 103 . ? 14_555 ? 
10 AC2 11 THR A 127 ? THR A 103 . ? 1_555  ? 
11 AC2 11 ARG A 128 ? ARG A 104 . ? 14_555 ? 
12 AC2 11 ARG A 128 ? ARG A 104 . ? 1_555  ? 
13 AC2 11 HOH E .   ? HOH A 307 . ? 1_555  ? 
14 AC2 11 HOH E .   ? HOH A 320 . ? 1_555  ? 
15 AC2 11 HOH E .   ? HOH A 320 . ? 14_555 ? 
16 AC2 11 HOH E .   ? HOH A 344 . ? 14_555 ? 
17 AC2 11 HOH E .   ? HOH A 344 . ? 1_555  ? 
18 AC3 5  SER A 53  ? SER A 29  . ? 1_555  ? 
19 AC3 5  HIS A 56  ? HIS A 32  . ? 1_555  ? 
20 AC3 5  ARG A 60  ? ARG A 36  . ? 1_555  ? 
21 AC3 5  ARG A 99  ? ARG A 75  . ? 3_556  ? 
22 AC3 5  HOH E .   ? HOH A 301 . ? 1_555  ? 
# 
_atom_sites.entry_id                    7KRH 
_atom_sites.Cartn_transf_matrix[1][1]   ? 
_atom_sites.Cartn_transf_matrix[1][2]   ? 
_atom_sites.Cartn_transf_matrix[1][3]   ? 
_atom_sites.Cartn_transf_matrix[2][1]   ? 
_atom_sites.Cartn_transf_matrix[2][2]   ? 
_atom_sites.Cartn_transf_matrix[2][3]   ? 
_atom_sites.Cartn_transf_matrix[3][1]   ? 
_atom_sites.Cartn_transf_matrix[3][2]   ? 
_atom_sites.Cartn_transf_matrix[3][3]   ? 
_atom_sites.Cartn_transf_vector[1]      ? 
_atom_sites.Cartn_transf_vector[2]      ? 
_atom_sites.Cartn_transf_vector[3]      ? 
_atom_sites.fract_transf_matrix[1][1]   0.00454108 
_atom_sites.fract_transf_matrix[1][2]   0.01755184 
_atom_sites.fract_transf_matrix[1][3]   -0.00176001 
_atom_sites.fract_transf_matrix[2][1]   0.00399501 
_atom_sites.fract_transf_matrix[2][2]   -0.00180024 
_atom_sites.fract_transf_matrix[2][3]   -0.00764528 
_atom_sites.fract_transf_matrix[3][1]   -0.00743306 
_atom_sites.fract_transf_matrix[3][2]   0.00149825 
_atom_sites.fract_transf_matrix[3][3]   -0.00423691 
_atom_sites.fract_transf_vector[1]      0.075566 
_atom_sites.fract_transf_vector[2]      0.408662 
_atom_sites.fract_transf_vector[3]      0.375738 
_atom_sites.solution_primary            ? 
_atom_sites.solution_secondary          ? 
_atom_sites.solution_hydrogens          ? 
_atom_sites.special_details             ? 
# 
loop_
_atom_type.symbol 
_atom_type.scat_dispersion_real 
_atom_type.scat_dispersion_imag 
_atom_type.scat_Cromer_Mann_a1 
_atom_type.scat_Cromer_Mann_a2 
_atom_type.scat_Cromer_Mann_a3 
_atom_type.scat_Cromer_Mann_a4 
_atom_type.scat_Cromer_Mann_b1 
_atom_type.scat_Cromer_Mann_b2 
_atom_type.scat_Cromer_Mann_b3 
_atom_type.scat_Cromer_Mann_b4 
_atom_type.scat_Cromer_Mann_c 
_atom_type.scat_source 
_atom_type.scat_dispersion_source 
C ? ? 3.54356 2.42580 ? ? 25.62398 1.50364  ? ? 0.0 
;2-Gaussian fit: Grosse-Kunstleve RW, Sauter NK, Adams PD: Newsletter of the IUCr Commission on Crystallographic Computing 2004, 3, 22-31.
;
? 
N ? ? 4.01032 2.96436 ? ? 19.97189 1.75589  ? ? 0.0 
;2-Gaussian fit: Grosse-Kunstleve RW, Sauter NK, Adams PD: Newsletter of the IUCr Commission on Crystallographic Computing 2004, 3, 22-31.
;
? 
O ? ? 4.49882 3.47563 ? ? 15.80542 1.70748  ? ? 0.0 
;2-Gaussian fit: Grosse-Kunstleve RW, Sauter NK, Adams PD: Newsletter of the IUCr Commission on Crystallographic Computing 2004, 3, 22-31.
;
? 
S ? ? 9.55732 6.39887 ? ? 1.23737  29.19336 ? ? 0.0 
;2-Gaussian fit: Grosse-Kunstleve RW, Sauter NK, Adams PD: Newsletter of the IUCr Commission on Crystallographic Computing 2004, 3, 22-31.
;
? 
# 
loop_
_atom_site.group_PDB 
_atom_site.id 
_atom_site.type_symbol 
_atom_site.label_atom_id 
_atom_site.label_alt_id 
_atom_site.label_comp_id 
_atom_site.label_asym_id 
_atom_site.label_entity_id 
_atom_site.label_seq_id 
_atom_site.pdbx_PDB_ins_code 
_atom_site.Cartn_x 
_atom_site.Cartn_y 
_atom_site.Cartn_z 
_atom_site.occupancy 
_atom_site.B_iso_or_equiv 
_atom_site.pdbx_formal_charge 
_atom_site.auth_seq_id 
_atom_site.auth_comp_id 
_atom_site.auth_asym_id 
_atom_site.auth_atom_id 
_atom_site.pdbx_PDB_model_num 
ATOM   1    N N   . ARG A 1 34  ? 16.53964  -20.84884 -19.10292 1.000 38.24954  ? 10  ARG A N   1 
ATOM   2    C CA  . ARG A 1 34  ? 15.18230  -20.24520 -19.03800 1.000 40.96416  ? 10  ARG A CA  1 
ATOM   3    C C   . ARG A 1 34  ? 15.24652  -18.76718 -18.63210 1.000 34.62433  ? 10  ARG A C   1 
ATOM   4    O O   . ARG A 1 34  ? 15.49076  -18.47090 -17.52076 1.000 32.44858  ? 10  ARG A O   1 
ATOM   5    C CB  . ARG A 1 34  ? 14.33523  -21.04635 -18.07715 1.000 41.10790  ? 10  ARG A CB  1 
ATOM   6    C CG  . ARG A 1 34  ? 12.99941  -20.39451 -17.82792 1.000 52.86505  ? 10  ARG A CG  1 
ATOM   7    C CD  . ARG A 1 34  ? 11.93283  -21.39253 -18.14450 1.000 56.74571  ? 10  ARG A CD  1 
ATOM   8    N NE  . ARG A 1 34  ? 10.61954  -20.81350 -18.35621 1.000 63.11180  ? 10  ARG A NE  1 
ATOM   9    C CZ  . ARG A 1 34  ? 9.59617   -21.16761 -17.62501 1.000 61.50848  ? 10  ARG A CZ  1 
ATOM   10   N NH1 . ARG A 1 34  ? 8.40701   -20.67186 -17.85023 1.000 47.16700  ? 10  ARG A NH1 1 
ATOM   11   N NH2 . ARG A 1 34  ? 9.78926   -22.04877 -16.66195 1.000 67.61554  ? 10  ARG A NH2 1 
ATOM   12   N N   . PHE A 1 35  ? 14.91945  -17.89323 -19.55744 1.000 37.17939  ? 11  PHE A N   1 
ATOM   13   C CA  . PHE A 1 35  ? 15.06610  -16.43920 -19.33333 1.000 32.95670  ? 11  PHE A CA  1 
ATOM   14   C C   . PHE A 1 35  ? 14.33937  -15.94130 -18.08528 1.000 26.70341  ? 11  PHE A C   1 
ATOM   15   O O   . PHE A 1 35  ? 14.91884  -15.24701 -17.34545 1.000 29.13297  ? 11  PHE A O   1 
ATOM   16   C CB  . PHE A 1 35  ? 14.49508  -15.69782 -20.53358 1.000 31.87398  ? 11  PHE A CB  1 
ATOM   17   C CG  . PHE A 1 35  ? 14.53723  -14.20741 -20.38187 1.000 36.09139  ? 11  PHE A CG  1 
ATOM   18   C CD1 . PHE A 1 35  ? 15.71979  -13.52039 -20.51814 1.000 36.81523  ? 11  PHE A CD1 1 
ATOM   19   C CD2 . PHE A 1 35  ? 13.40598  -13.50680 -20.04991 1.000 28.51254  ? 11  PHE A CD2 1 
ATOM   20   C CE1 . PHE A 1 35  ? 15.75992  -12.15067 -20.37479 1.000 36.85213  ? 11  PHE A CE1 1 
ATOM   21   C CE2 . PHE A 1 35  ? 13.45341  -12.13867 -19.90353 1.000 27.86578  ? 11  PHE A CE2 1 
ATOM   22   C CZ  . PHE A 1 35  ? 14.62774  -11.46318 -20.07250 1.000 33.37330  ? 11  PHE A CZ  1 
ATOM   23   N N   . VAL A 1 36  ? 13.12900  -16.40100 -17.86492 1.000 26.35860  ? 12  VAL A N   1 
ATOM   24   C CA  . VAL A 1 36  ? 12.28747  -15.78053 -16.84980 1.000 23.28687  ? 12  VAL A CA  1 
ATOM   25   C C   . VAL A 1 36  ? 12.65390  -16.22373 -15.43939 1.000 27.88831  ? 12  VAL A C   1 
ATOM   26   O O   . VAL A 1 36  ? 12.27872  -15.54863 -14.46660 1.000 26.45925  ? 12  VAL A O   1 
ATOM   27   C CB  . VAL A 1 36  ? 10.81813  -16.08436 -17.19220 1.000 24.22582  ? 12  VAL A CB  1 
ATOM   28   C CG1 . VAL A 1 36  ? 10.42766  -17.48918 -16.77844 1.000 28.28047  ? 12  VAL A CG1 1 
ATOM   29   C CG2 . VAL A 1 36  ? 9.89334   -15.05773 -16.55365 1.000 27.73928  ? 12  VAL A CG2 1 
ATOM   30   N N   . ASP A 1 37  ? 13.40327  -17.32115 -15.30115 1.000 26.33061  ? 13  ASP A N   1 
ATOM   31   C CA  . ASP A 1 37  ? 13.68267  -17.87514 -13.97814 1.000 25.17065  ? 13  ASP A CA  1 
ATOM   32   C C   . ASP A 1 37  ? 14.46915  -16.91367 -13.10315 1.000 25.79837  ? 13  ASP A C   1 
ATOM   33   O O   . ASP A 1 37  ? 14.29537  -16.91934 -11.87980 1.000 28.61845  ? 13  ASP A O   1 
ATOM   34   C CB  . ASP A 1 37  ? 14.47994  -19.17932 -14.10160 1.000 27.95592  ? 13  ASP A CB  1 
ATOM   35   C CG  . ASP A 1 37  ? 13.61729  -20.37248 -14.46160 1.000 49.43228  ? 13  ASP A CG  1 
ATOM   36   O OD1 . ASP A 1 37  ? 12.38322  -20.31943 -14.26026 1.000 43.87044  ? 13  ASP A OD1 1 
ATOM   37   O OD2 . ASP A 1 37  ? 14.19287  -21.37190 -14.94325 1.000 43.42330  ? 13  ASP A OD2 1 
ATOM   38   N N   A ASP A 1 38  ? 15.35047  -16.09095 -13.67775 0.609 26.21404  ? 14  ASP A N   1 
ATOM   39   N N   B ASP A 1 38  ? 15.35360  -16.11558 -13.70835 0.391 26.19832  ? 14  ASP A N   1 
ATOM   40   C CA  A ASP A 1 38  ? 16.14573  -15.17643 -12.86550 0.609 28.02360  ? 14  ASP A CA  1 
ATOM   41   C CA  B ASP A 1 38  ? 16.23599  -15.19152 -13.01073 0.391 27.62300  ? 14  ASP A CA  1 
ATOM   42   C C   A ASP A 1 38  ? 15.98043  -13.71663 -13.28524 0.609 24.45454  ? 14  ASP A C   1 
ATOM   43   C C   B ASP A 1 38  ? 16.12603  -13.78888 -13.59902 0.391 27.02863  ? 14  ASP A C   1 
ATOM   44   O O   A ASP A 1 38  ? 16.77681  -12.86744 -12.88348 0.609 26.43699  ? 14  ASP A O   1 
ATOM   45   O O   B ASP A 1 38  ? 17.11637  -13.05518 -13.67268 0.391 25.90463  ? 14  ASP A O   1 
ATOM   46   C CB  A ASP A 1 38  ? 17.62136  -15.58976 -12.87999 0.609 31.02873  ? 14  ASP A CB  1 
ATOM   47   C CB  B ASP A 1 38  ? 17.68288  -15.68997 -13.05822 0.391 31.29175  ? 14  ASP A CB  1 
ATOM   48   C CG  A ASP A 1 38  ? 18.25851  -15.46105 -14.24748 0.609 32.43413  ? 14  ASP A CG  1 
ATOM   49   C CG  B ASP A 1 38  ? 18.53319  -15.14360 -11.92535 0.391 33.19296  ? 14  ASP A CG  1 
ATOM   50   O OD1 A ASP A 1 38  ? 19.48518  -15.21663 -14.30604 0.609 46.78640  ? 14  ASP A OD1 1 
ATOM   51   O OD1 B ASP A 1 38  ? 18.18170  -15.36523 -10.74747 0.391 39.49207  ? 14  ASP A OD1 1 
ATOM   52   O OD2 A ASP A 1 38  ? 17.55017  -15.61414 -15.26276 0.609 36.60729  ? 14  ASP A OD2 1 
ATOM   53   O OD2 B ASP A 1 38  ? 19.56602  -14.50189 -12.21679 0.391 43.29187  ? 14  ASP A OD2 1 
ATOM   54   N N   . TYR A 1 39  ? 14.93456  -13.40165 -14.04308 1.000 23.07486  ? 15  TYR A N   1 
ATOM   55   C CA  . TYR A 1 39  ? 14.71234  -12.05849 -14.57230 1.000 23.32934  ? 15  TYR A CA  1 
ATOM   56   C C   . TYR A 1 39  ? 14.07125  -11.19859 -13.47769 1.000 20.57671  ? 15  TYR A C   1 
ATOM   57   O O   . TYR A 1 39  ? 12.94023  -11.47180 -13.06615 1.000 21.13338  ? 15  TYR A O   1 
ATOM   58   C CB  . TYR A 1 39  ? 13.83878  -12.14991 -15.82330 1.000 22.95928  ? 15  TYR A CB  1 
ATOM   59   C CG  . TYR A 1 39  ? 13.54280  -10.83200 -16.48423 1.000 22.50127  ? 15  TYR A CG  1 
ATOM   60   C CD1 . TYR A 1 39  ? 14.55851  -9.94937  -16.81829 1.000 23.07945  ? 15  TYR A CD1 1 
ATOM   61   C CD2 . TYR A 1 39  ? 12.23562  -10.47457 -16.77888 1.000 20.76103  ? 15  TYR A CD2 1 
ATOM   62   C CE1 . TYR A 1 39  ? 14.28529  -8.74170  -17.41256 1.000 20.36590  ? 15  TYR A CE1 1 
ATOM   63   C CE2 . TYR A 1 39  ? 11.93231  -9.26490  -17.38935 1.000 21.83412  ? 15  TYR A CE2 1 
ATOM   64   C CZ  . TYR A 1 39  ? 12.95500  -8.39922  -17.70886 1.000 20.55007  ? 15  TYR A CZ  1 
ATOM   65   O OH  . TYR A 1 39  ? 12.63848  -7.20276  -18.28853 1.000 23.87999  ? 15  TYR A OH  1 
ATOM   66   N N   . LEU A 1 40  ? 14.80598  -10.17303 -13.00791 1.000 21.78222  ? 16  LEU A N   1 
ATOM   67   C CA  . LEU A 1 40  ? 14.37809  -9.38428  -11.84507 1.000 20.38417  ? 16  LEU A CA  1 
ATOM   68   C C   . LEU A 1 40  ? 12.93694  -8.88679  -11.92690 1.000 19.24330  ? 16  LEU A C   1 
ATOM   69   O O   . LEU A 1 40  ? 12.20550  -9.05425  -10.94073 1.000 19.06560  ? 16  LEU A O   1 
ATOM   70   C CB  . LEU A 1 40  ? 15.33779  -8.20757  -11.61606 1.000 23.10015  ? 16  LEU A CB  1 
ATOM   71   C CG  . LEU A 1 40  ? 14.92384  -7.31472  -10.43472 1.000 24.38839  ? 16  LEU A CG  1 
ATOM   72   C CD1 . LEU A 1 40  ? 14.96589  -8.07622  -9.11310  1.000 26.71042  ? 16  LEU A CD1 1 
ATOM   73   C CD2 . LEU A 1 40  ? 15.75503  -6.02909  -10.37226 1.000 26.75837  ? 16  LEU A CD2 1 
ATOM   74   N N   . PRO A 1 41  ? 12.47144  -8.25893  -13.01416 1.000 19.88527  ? 17  PRO A N   1 
ATOM   75   C CA  . PRO A 1 41  ? 11.07486  -7.78450  -13.01425 1.000 18.77625  ? 17  PRO A CA  1 
ATOM   76   C C   . PRO A 1 41  ? 10.06203  -8.90184  -12.82973 1.000 19.46443  ? 17  PRO A C   1 
ATOM   77   O O   . PRO A 1 41  ? 9.02432   -8.72416  -12.16209 1.000 19.35194  ? 17  PRO A O   1 
ATOM   78   C CB  . PRO A 1 41  ? 10.94593  -7.10890  -14.39216 1.000 21.96859  ? 17  PRO A CB  1 
ATOM   79   C CG  . PRO A 1 41  ? 12.36649  -6.69748  -14.73797 1.000 22.24967  ? 17  PRO A CG  1 
ATOM   80   C CD  . PRO A 1 41  ? 13.17794  -7.86209  -14.25065 1.000 22.64618  ? 17  PRO A CD  1 
ATOM   81   N N   . ALA A 1 42  ? 10.32184  -10.07361 -13.42313 1.000 19.22493  ? 18  ALA A N   1 
ATOM   82   C CA  . ALA A 1 42  ? 9.39920   -11.18594 -13.22493 1.000 17.34267  ? 18  ALA A CA  1 
ATOM   83   C C   . ALA A 1 42  ? 9.44016   -11.70274 -11.79437 1.000 18.44575  ? 18  ALA A C   1 
ATOM   84   O O   . ALA A 1 42  ? 8.40133   -12.08994 -11.23636 1.000 19.22408  ? 18  ALA A O   1 
ATOM   85   C CB  . ALA A 1 42  ? 9.71893   -12.32482 -14.19472 1.000 20.58238  ? 18  ALA A CB  1 
ATOM   86   N N   . LEU A 1 43  ? 10.62923  -11.71859 -11.18198 1.000 18.96232  ? 19  LEU A N   1 
ATOM   87   C CA  . LEU A 1 43  ? 10.72804  -12.16336 -9.79463  1.000 18.20719  ? 19  LEU A CA  1 
ATOM   88   C C   . LEU A 1 43  ? 9.99135   -11.21505 -8.86185  1.000 17.19261  ? 19  LEU A C   1 
ATOM   89   O O   . LEU A 1 43  ? 9.22875   -11.64921 -7.98707  1.000 18.70433  ? 19  LEU A O   1 
ATOM   90   C CB  . LEU A 1 43  ? 12.19883  -12.28474 -9.39399  1.000 20.54929  ? 19  LEU A CB  1 
ATOM   91   C CG  . LEU A 1 43  ? 13.01299  -13.35983 -10.10775 1.000 22.02500  ? 19  LEU A CG  1 
ATOM   92   C CD1 . LEU A 1 43  ? 14.47766  -13.18763 -9.69299  1.000 24.91982  ? 19  LEU A CD1 1 
ATOM   93   C CD2 . LEU A 1 43  ? 12.51061  -14.75571 -9.73845  1.000 23.86680  ? 19  LEU A CD2 1 
ATOM   94   N N   . LEU A 1 44  ? 10.17303  -9.91012  -9.06151  1.000 17.96935  ? 20  LEU A N   1 
ATOM   95   C CA  . LEU A 1 44  ? 9.47680   -8.93912  -8.22243  1.000 18.73126  ? 20  LEU A CA  1 
ATOM   96   C C   . LEU A 1 44  ? 7.96735   -9.04996  -8.39956  1.000 19.16171  ? 20  LEU A C   1 
ATOM   97   O O   . LEU A 1 44  ? 7.20198   -8.99540  -7.41885  1.000 18.73677  ? 20  LEU A O   1 
ATOM   98   C CB  . LEU A 1 44  ? 9.94020   -7.52647  -8.57686  1.000 19.66110  ? 20  LEU A CB  1 
ATOM   99   C CG  . LEU A 1 44  ? 11.33314  -7.11133  -8.11848  1.000 18.98003  ? 20  LEU A CG  1 
ATOM   100  C CD1 . LEU A 1 44  ? 11.76490  -5.82069  -8.82955  1.000 20.06475  ? 20  LEU A CD1 1 
ATOM   101  C CD2 . LEU A 1 44  ? 11.34382  -6.92974  -6.62154  1.000 20.65060  ? 20  LEU A CD2 1 
ATOM   102  N N   . ALA A 1 45  ? 7.51549   -9.18498  -9.64930  1.000 18.42761  ? 21  ALA A N   1 
ATOM   103  C CA  . ALA A 1 45  ? 6.07631   -9.20377  -9.89668  1.000 17.25250  ? 21  ALA A CA  1 
ATOM   104  C C   . ALA A 1 45  ? 5.41564   -10.43656 -9.30271  1.000 18.03824  ? 21  ALA A C   1 
ATOM   105  O O   . ALA A 1 45  ? 4.31440   -10.34950 -8.72991  1.000 18.14262  ? 21  ALA A O   1 
ATOM   106  C CB  . ALA A 1 45  ? 5.80719   -9.11965  -11.40797 1.000 17.78287  ? 21  ALA A CB  1 
ATOM   107  N N   . GLN A 1 46  ? 6.07167   -11.61288 -9.42634  1.000 17.17453  ? 22  GLN A N   1 
ATOM   108  C CA  . GLN A 1 46  ? 5.47508   -12.81500 -8.86835  1.000 17.58653  ? 22  GLN A CA  1 
ATOM   109  C C   . GLN A 1 46  ? 5.48177   -12.77995 -7.34244  1.000 18.27548  ? 22  GLN A C   1 
ATOM   110  O O   . GLN A 1 46  ? 4.47260   -13.11306 -6.69637  1.000 18.17894  ? 22  GLN A O   1 
ATOM   111  C CB  . GLN A 1 46  ? 6.23716   -14.03938 -9.35287  1.000 19.67265  ? 22  GLN A CB  1 
ATOM   112  C CG  . GLN A 1 46  ? 6.10366   -14.32857 -10.84255 1.000 20.32029  ? 22  GLN A CG  1 
ATOM   113  C CD  . GLN A 1 46  ? 7.14265   -15.35284 -11.27675 1.000 24.75328  ? 22  GLN A CD  1 
ATOM   114  O OE1 . GLN A 1 46  ? 8.17882   -15.00939 -11.87427 1.000 28.32915  ? 22  GLN A OE1 1 
ATOM   115  N NE2 . GLN A 1 46  ? 6.88609   -16.61108 -10.94971 1.000 20.88755  ? 22  GLN A NE2 1 
ATOM   116  N N   . ALA A 1 47  ? 6.61417   -12.38309 -6.74504  1.000 18.66042  ? 23  ALA A N   1 
ATOM   117  C CA  . ALA A 1 47  ? 6.65818   -12.31751 -5.28405  1.000 17.17669  ? 23  ALA A CA  1 
ATOM   118  C C   . ALA A 1 47  ? 5.60081   -11.35304 -4.74855  1.000 19.33776  ? 23  ALA A C   1 
ATOM   119  O O   . ALA A 1 47  ? 4.85462   -11.66297 -3.79302  1.000 19.89367  ? 23  ALA A O   1 
ATOM   120  C CB  . ALA A 1 47  ? 8.05064   -11.88966 -4.83467  1.000 20.54760  ? 23  ALA A CB  1 
ATOM   121  N N   . SER A 1 48  ? 5.51617   -10.16934 -5.37464  1.000 18.06880  ? 24  SER A N   1 
ATOM   122  C CA  . SER A 1 48  ? 4.52019   -9.18259  -4.96561  1.000 18.30283  ? 24  SER A CA  1 
ATOM   123  C C   . SER A 1 48  ? 3.11267   -9.73575  -5.03720  1.000 17.87566  ? 24  SER A C   1 
ATOM   124  O O   . SER A 1 48  ? 2.33816   -9.60320  -4.07848  1.000 19.17185  ? 24  SER A O   1 
ATOM   125  C CB  . SER A 1 48  ? 4.66482   -7.94031  -5.83378  1.000 20.06096  ? 24  SER A CB  1 
ATOM   126  O OG  . SER A 1 48  ? 3.80762   -6.89412  -5.39504  1.000 20.19699  ? 24  SER A OG  1 
ATOM   127  N N   . GLN A 1 49  ? 2.75478   -10.35643 -6.16843  1.000 18.08541  ? 25  GLN A N   1 
ATOM   128  C CA  . GLN A 1 49  ? 1.38565   -10.82440 -6.32646  1.000 18.51477  ? 25  GLN A CA  1 
ATOM   129  C C   . GLN A 1 49  ? 1.06293   -11.91132 -5.32052  1.000 18.79305  ? 25  GLN A C   1 
ATOM   130  O O   . GLN A 1 49  ? -0.01711  -11.91460 -4.72460  1.000 19.62142  ? 25  GLN A O   1 
ATOM   131  C CB  . GLN A 1 49  ? 1.18495   -11.33682 -7.75258  1.000 20.29264  ? 25  GLN A CB  1 
ATOM   132  C CG  . GLN A 1 49  ? -0.20911  -11.92259 -8.00078  1.000 21.52083  ? 25  GLN A CG  1 
ATOM   133  C CD  . GLN A 1 49  ? -0.28952  -13.41250 -7.69774  1.000 25.99764  ? 25  GLN A CD  1 
ATOM   134  O OE1 . GLN A 1 49  ? 0.55167   -14.20108 -8.14441  1.000 30.35666  ? 25  GLN A OE1 1 
ATOM   135  N NE2 . GLN A 1 49  ? -1.30137  -13.80779 -6.94391  1.000 27.91967  ? 25  GLN A NE2 1 
ATOM   136  N N   . LEU A 1 50  ? 1.98453   -12.85770 -5.12556  1.000 18.92081  ? 26  LEU A N   1 
ATOM   137  C CA  . LEU A 1 50  ? 1.66137   -13.98861 -4.26971  1.000 18.18448  ? 26  LEU A CA  1 
ATOM   138  C C   . LEU A 1 50  ? 1.45392   -13.52657 -2.82600  1.000 21.08141  ? 26  LEU A C   1 
ATOM   139  O O   . LEU A 1 50  ? 0.47065   -13.91943 -2.16040  1.000 22.57948  ? 26  LEU A O   1 
ATOM   140  C CB  . LEU A 1 50  ? 2.77339   -15.04691 -4.36843  1.000 21.23361  ? 26  LEU A CB  1 
ATOM   141  C CG  . LEU A 1 50  ? 2.85211   -15.73599 -5.73835  1.000 21.51149  ? 26  LEU A CG  1 
ATOM   142  C CD1 . LEU A 1 50  ? 4.16632   -16.46615 -5.93431  1.000 23.31248  ? 26  LEU A CD1 1 
ATOM   143  C CD2 . LEU A 1 50  ? 1.66999   -16.68961 -5.92058  1.000 27.22962  ? 26  LEU A CD2 1 
ATOM   144  N N   A ILE A 1 51  ? 2.35998   -12.67222 -2.32781  0.570 20.60184  ? 27  ILE A N   1 
ATOM   145  N N   B ILE A 1 51  ? 2.35067   -12.67124 -2.32138  0.430 20.54401  ? 27  ILE A N   1 
ATOM   146  C CA  A ILE A 1 51  ? 2.24184   -12.21007 -0.94235  0.570 20.13270  ? 27  ILE A CA  1 
ATOM   147  C CA  B ILE A 1 51  ? 2.20280   -12.25333 -0.92605  0.430 20.05155  ? 27  ILE A CA  1 
ATOM   148  C C   A ILE A 1 51  ? 0.99282   -11.34515 -0.76595  0.570 21.01629  ? 27  ILE A C   1 
ATOM   149  C C   B ILE A 1 51  ? 0.98330   -11.34063 -0.75585  0.430 21.04033  ? 27  ILE A C   1 
ATOM   150  O O   A ILE A 1 51  ? 0.21585   -11.49306 0.20451   0.570 23.32729  ? 27  ILE A O   1 
ATOM   151  O O   B ILE A 1 51  ? 0.19994   -11.46822 0.21456   0.430 23.29941  ? 27  ILE A O   1 
ATOM   152  C CB  A ILE A 1 51  ? 3.51467   -11.44841 -0.53611  0.570 20.34626  ? 27  ILE A CB  1 
ATOM   153  C CB  B ILE A 1 51  ? 3.50322   -11.58690 -0.44609  0.430 20.28182  ? 27  ILE A CB  1 
ATOM   154  C CG1 A ILE A 1 51  ? 4.73316   -12.36246 -0.61893  0.570 23.72443  ? 27  ILE A CG1 1 
ATOM   155  C CG1 B ILE A 1 51  ? 4.62268   -12.62874 -0.35116  0.430 23.32640  ? 27  ILE A CG1 1 
ATOM   156  C CG2 A ILE A 1 51  ? 3.36599   -10.88119 0.86628   0.570 24.68072  ? 27  ILE A CG2 1 
ATOM   157  C CG2 B ILE A 1 51  ? 3.28101   -10.90324 0.89277   0.430 24.55171  ? 27  ILE A CG2 1 
ATOM   158  C CD1 A ILE A 1 51  ? 4.53014   -13.67243 0.07560   0.570 21.05909  ? 27  ILE A CD1 1 
ATOM   159  C CD1 B ILE A 1 51  ? 6.01431   -12.03486 -0.23523  0.430 25.86029  ? 27  ILE A CD1 1 
ATOM   160  N N   . ALA A 1 52  ? 0.78161   -10.42180 -1.70692  1.000 19.92185  ? 28  ALA A N   1 
ATOM   161  C CA  . ALA A 1 52  ? -0.35257  -9.51877  -1.62010  1.000 21.35950  ? 28  ALA A CA  1 
ATOM   162  C C   . ALA A 1 52  ? -1.66398  -10.27302 -1.66903  1.000 20.76589  ? 28  ALA A C   1 
ATOM   163  O O   . ALA A 1 52  ? -2.59227  -9.95809  -0.91314  1.000 23.40504  ? 28  ALA A O   1 
ATOM   164  C CB  . ALA A 1 52  ? -0.28364  -8.49684  -2.74911  1.000 24.95183  ? 28  ALA A CB  1 
ATOM   165  N N   A SER A 1 53  ? -1.76024  -11.27390 -2.54290  0.623 20.28461  ? 29  SER A N   1 
ATOM   166  N N   B SER A 1 53  ? -1.76386  -11.27441 -2.54698  0.248 20.28095  ? 29  SER A N   1 
ATOM   167  N N   C SER A 1 53  ? -1.75718  -11.27227 -2.54975  0.128 20.28833  ? 29  SER A N   1 
ATOM   168  C CA  A SER A 1 53  ? -3.00771  -12.01977 -2.66413  0.623 22.70528  ? 29  SER A CA  1 
ATOM   169  C CA  B SER A 1 53  ? -3.01189  -12.01938 -2.67101  0.248 22.88973  ? 29  SER A CA  1 
ATOM   170  C CA  C SER A 1 53  ? -3.00742  -12.01386 -2.67690  0.128 22.95088  ? 29  SER A CA  1 
ATOM   171  C C   A SER A 1 53  ? -3.35734  -12.70712 -1.35487  0.623 23.12443  ? 29  SER A C   1 
ATOM   172  C C   B SER A 1 53  ? -3.35911  -12.72784 -1.36935  0.248 23.21093  ? 29  SER A C   1 
ATOM   173  C C   C SER A 1 53  ? -3.35467  -12.75070 -1.38932  0.128 23.23851  ? 29  SER A C   1 
ATOM   174  O O   A SER A 1 53  ? -4.53980  -12.78352 -0.97620  0.623 23.86431  ? 29  SER A O   1 
ATOM   175  O O   B SER A 1 53  ? -4.53926  -12.83884 -1.00900  0.248 24.05749  ? 29  SER A O   1 
ATOM   176  O O   C SER A 1 53  ? -4.53947  -12.89897 -1.06065  0.128 24.13859  ? 29  SER A O   1 
ATOM   177  C CB  A SER A 1 53  ? -2.89476  -13.04037 -3.79517  0.623 24.61229  ? 29  SER A CB  1 
ATOM   178  C CB  B SER A 1 53  ? -2.91708  -13.02551 -3.81840  0.248 24.65595  ? 29  SER A CB  1 
ATOM   179  C CB  C SER A 1 53  ? -2.92506  -12.99022 -3.84932  0.128 24.66981  ? 29  SER A CB  1 
ATOM   180  O OG  A SER A 1 53  ? -2.96456  -12.39424 -5.04534  0.623 22.75428  ? 29  SER A OG  1 
ATOM   181  O OG  B SER A 1 53  ? -3.95897  -13.98302 -3.72935  0.248 24.38902  ? 29  SER A OG  1 
ATOM   182  O OG  C SER A 1 53  ? -2.06635  -14.07271 -3.54912  0.128 22.64825  ? 29  SER A OG  1 
ATOM   183  N N   . GLU A 1 54  ? -2.34361  -13.21954 -0.65147  1.000 23.49000  ? 30  GLU A N   1 
ATOM   184  C CA  . GLU A 1 54  ? -2.59812  -13.79044 0.66740   1.000 21.97743  ? 30  GLU A CA  1 
ATOM   185  C C   . GLU A 1 54  ? -3.25895  -12.77204 1.58413   1.000 22.80109  ? 30  GLU A C   1 
ATOM   186  O O   . GLU A 1 54  ? -4.25148  -13.07999 2.26525   1.000 26.74595  ? 30  GLU A O   1 
ATOM   187  C CB  . GLU A 1 54  ? -1.29144  -14.26530 1.30065   1.000 24.98536  ? 30  GLU A CB  1 
ATOM   188  C CG  . GLU A 1 54  ? -0.81551  -15.54972 0.70033   1.000 24.22014  ? 30  GLU A CG  1 
ATOM   189  C CD  . GLU A 1 54  ? 0.50234   -16.00094 1.26700   1.000 25.62380  ? 30  GLU A CD  1 
ATOM   190  O OE1 . GLU A 1 54  ? 0.99963   -15.38938 2.24270   1.000 26.46781  ? 30  GLU A OE1 1 
ATOM   191  O OE2 . GLU A 1 54  ? 1.01363   -17.00329 0.73516   1.000 26.95411  ? 30  GLU A OE2 1 
ATOM   192  N N   . PHE A 1 55  ? -2.71022  -11.55382 1.63242   1.000 22.66779  ? 31  PHE A N   1 
ATOM   193  C CA  . PHE A 1 55  ? -3.37426  -10.64573 2.58958   1.000 21.72529  ? 31  PHE A CA  1 
ATOM   194  C C   . PHE A 1 55  ? -4.69888  -10.05783 2.08516   1.000 21.44202  ? 31  PHE A C   1 
ATOM   195  O O   . PHE A 1 55  ? -5.57573  -9.68702  2.89972   1.000 21.66774  ? 31  PHE A O   1 
ATOM   196  C CB  . PHE A 1 55  ? -2.47851  -9.49798  3.02713   1.000 22.96948  ? 31  PHE A CB  1 
ATOM   197  C CG  . PHE A 1 55  ? -3.01343  -8.80873  4.24622   1.000 22.56311  ? 31  PHE A CG  1 
ATOM   198  C CD1 . PHE A 1 55  ? -2.99810  -9.46506  5.47148   1.000 24.84290  ? 31  PHE A CD1 1 
ATOM   199  C CD2 . PHE A 1 55  ? -3.60262  -7.55502  4.15489   1.000 24.67411  ? 31  PHE A CD2 1 
ATOM   200  C CE1 . PHE A 1 55  ? -3.54415  -8.87746  6.60034   1.000 24.48273  ? 31  PHE A CE1 1 
ATOM   201  C CE2 . PHE A 1 55  ? -4.14020  -6.95663  5.28909   1.000 24.39237  ? 31  PHE A CE2 1 
ATOM   202  C CZ  . PHE A 1 55  ? -4.10305  -7.62152  6.50587   1.000 25.13561  ? 31  PHE A CZ  1 
ATOM   203  N N   . HIS A 1 56  ? -4.88615  -9.97090  0.77158   1.000 22.27358  ? 32  HIS A N   1 
ATOM   204  C CA  . HIS A 1 56  ? -6.12164  -9.39039  0.25784   1.000 20.69848  ? 32  HIS A CA  1 
ATOM   205  C C   . HIS A 1 56  ? -7.32940  -10.21546 0.66011   1.000 22.82397  ? 32  HIS A C   1 
ATOM   206  O O   . HIS A 1 56  ? -8.43255  -9.67141  0.81770   1.000 23.30061  ? 32  HIS A O   1 
ATOM   207  C CB  . HIS A 1 56  ? -6.02521  -9.26632  -1.25741  1.000 21.90477  ? 32  HIS A CB  1 
ATOM   208  C CG  . HIS A 1 56  ? -5.03268  -8.24115  -1.68901  1.000 23.72351  ? 32  HIS A CG  1 
ATOM   209  N ND1 . HIS A 1 56  ? -4.58679  -8.12950  -2.98530  1.000 28.62015  ? 32  HIS A ND1 1 
ATOM   210  C CD2 . HIS A 1 56  ? -4.40717  -7.26865  -0.98488  1.000 23.79977  ? 32  HIS A CD2 1 
ATOM   211  C CE1 . HIS A 1 56  ? -3.72876  -7.12668  -3.06584  1.000 26.38953  ? 32  HIS A CE1 1 
ATOM   212  N NE2 . HIS A 1 56  ? -3.60132  -6.58906  -1.86720  1.000 30.93620  ? 32  HIS A NE2 1 
ATOM   213  N N   A GLU A 1 57  ? -7.15125  -11.52797 0.81214   0.516 22.85896  ? 33  GLU A N   1 
ATOM   214  N N   B GLU A 1 57  ? -7.15105  -11.52722 0.83051   0.484 22.91946  ? 33  GLU A N   1 
ATOM   215  C CA  A GLU A 1 57  ? -8.23544  -12.37310 1.30215   0.516 22.84424  ? 33  GLU A CA  1 
ATOM   216  C CA  B GLU A 1 57  ? -8.25171  -12.36509 1.29867   0.484 22.87298  ? 33  GLU A CA  1 
ATOM   217  C C   A GLU A 1 57  ? -8.70092  -11.90443 2.67401   0.516 25.73643  ? 33  GLU A C   1 
ATOM   218  C C   B GLU A 1 57  ? -8.70406  -11.93962 2.68757   0.484 25.79094  ? 33  GLU A C   1 
ATOM   219  O O   A GLU A 1 57  ? -9.90602  -11.76338 2.92739   0.516 27.05858  ? 33  GLU A O   1 
ATOM   220  O O   B GLU A 1 57  ? -9.90839  -11.86653 2.96888   0.484 26.81378  ? 33  GLU A O   1 
ATOM   221  C CB  A GLU A 1 57  ? -7.76618  -13.82737 1.36075   0.516 30.32316  ? 33  GLU A CB  1 
ATOM   222  C CB  B GLU A 1 57  ? -7.82800  -13.83485 1.30254   0.484 30.27205  ? 33  GLU A CB  1 
ATOM   223  C CG  A GLU A 1 57  ? -8.87707  -14.86313 1.36071   0.516 28.76789  ? 33  GLU A CG  1 
ATOM   224  C CG  B GLU A 1 57  ? -7.86275  -14.50015 -0.06080  0.484 29.08312  ? 33  GLU A CG  1 
ATOM   225  C CD  A GLU A 1 57  ? -8.33513  -16.28017 1.25373   0.516 43.00246  ? 33  GLU A CD  1 
ATOM   226  C CD  B GLU A 1 57  ? -9.28017  -14.75241 -0.55189  0.484 41.14473  ? 33  GLU A CD  1 
ATOM   227  O OE1 A GLU A 1 57  ? -8.56493  -17.08100 2.18552   0.516 48.77342  ? 33  GLU A OE1 1 
ATOM   228  O OE1 B GLU A 1 57  ? -10.15081 -15.09652 0.27981   0.484 42.61913  ? 33  GLU A OE1 1 
ATOM   229  O OE2 A GLU A 1 57  ? -7.67105  -16.59087 0.24122   0.516 44.36034  ? 33  GLU A OE2 1 
ATOM   230  O OE2 B GLU A 1 57  ? -9.52396  -14.60190 -1.77051  0.484 37.53922  ? 33  GLU A OE2 1 
ATOM   231  N N   . VAL A 1 58  ? -7.74695  -11.63938 3.56652   1.000 23.84742  ? 34  VAL A N   1 
ATOM   232  C CA  . VAL A 1 58  ? -8.07354  -11.15344 4.89969   1.000 22.99907  ? 34  VAL A CA  1 
ATOM   233  C C   . VAL A 1 58  ? -8.76515  -9.80281  4.81731   1.000 23.26560  ? 34  VAL A C   1 
ATOM   234  O O   . VAL A 1 58  ? -9.76952  -9.54961  5.50649   1.000 23.47949  ? 34  VAL A O   1 
ATOM   235  C CB  . VAL A 1 58  ? -6.78964  -11.08371 5.74089   1.000 24.83691  ? 34  VAL A CB  1 
ATOM   236  C CG1 . VAL A 1 58  ? -7.10112  -10.62773 7.15587   1.000 23.42869  ? 34  VAL A CG1 1 
ATOM   237  C CG2 . VAL A 1 58  ? -6.09142  -12.44133 5.72925   1.000 27.62399  ? 34  VAL A CG2 1 
ATOM   238  N N   . ALA A 1 59  ? -8.23816  -8.90903  3.97513   1.000 22.46675  ? 35  ALA A N   1 
ATOM   239  C CA  . ALA A 1 59  ? -8.85160  -7.59073  3.86514   1.000 22.17418  ? 35  ALA A CA  1 
ATOM   240  C C   . ALA A 1 59  ? -10.30988 -7.69650  3.45652   1.000 21.60801  ? 35  ALA A C   1 
ATOM   241  O O   . ALA A 1 59  ? -11.17154 -7.02171  4.04031   1.000 21.91442  ? 35  ALA A O   1 
ATOM   242  C CB  . ALA A 1 59  ? -8.07701  -6.71413  2.87976   1.000 23.86942  ? 35  ALA A CB  1 
ATOM   243  N N   A ARG A 1 60  ? -10.60753 -8.53422  2.45859   0.520 21.89812  ? 36  ARG A N   1 
ATOM   244  N N   B ARG A 1 60  ? -10.61637 -8.54336  2.46880   0.480 21.88024  ? 36  ARG A N   1 
ATOM   245  C CA  A ARG A 1 60  ? -11.98023 -8.63689  1.97063   0.520 24.27747  ? 36  ARG A CA  1 
ATOM   246  C CA  B ARG A 1 60  ? -12.00422 -8.68701  2.02983   0.480 24.26792  ? 36  ARG A CA  1 
ATOM   247  C C   A ARG A 1 60  ? -12.88675 -9.28205  3.00892   0.520 27.82876  ? 36  ARG A C   1 
ATOM   248  C C   B ARG A 1 60  ? -12.85625 -9.35127  3.10110   0.480 27.95924  ? 36  ARG A C   1 
ATOM   249  O O   A ARG A 1 60  ? -14.04593 -8.87473  3.15906   0.520 24.62154  ? 36  ARG A O   1 
ATOM   250  O O   B ARG A 1 60  ? -14.02299 -8.98060  3.29049   0.480 24.88583  ? 36  ARG A O   1 
ATOM   251  C CB  A ARG A 1 60  ? -12.01792 -9.40207  0.64886   0.520 24.67567  ? 36  ARG A CB  1 
ATOM   252  C CB  B ARG A 1 60  ? -12.06865 -9.48036  0.73069   0.480 24.64489  ? 36  ARG A CB  1 
ATOM   253  C CG  A ARG A 1 60  ? -11.49633 -8.57632  -0.52360  0.520 22.25321  ? 36  ARG A CG  1 
ATOM   254  C CG  B ARG A 1 60  ? -11.40133 -8.77312  -0.41955  0.480 22.23389  ? 36  ARG A CG  1 
ATOM   255  C CD  A ARG A 1 60  ? -11.65864 -9.30060  -1.85212  0.520 26.61058  ? 36  ARG A CD  1 
ATOM   256  C CD  B ARG A 1 60  ? -11.75697 -9.42629  -1.72407  0.480 26.42959  ? 36  ARG A CD  1 
ATOM   257  N NE  A ARG A 1 60  ? -10.88413 -10.53752 -1.88113  0.520 27.14073  ? 36  ARG A NE  1 
ATOM   258  N NE  B ARG A 1 60  ? -10.85662 -8.98131  -2.77723  0.480 25.56335  ? 36  ARG A NE  1 
ATOM   259  C CZ  A ARG A 1 60  ? -9.72342  -10.68695 -2.51881  0.520 27.83632  ? 36  ARG A CZ  1 
ATOM   260  C CZ  B ARG A 1 60  ? -9.77853  -9.64552  -3.17320  0.480 28.31775  ? 36  ARG A CZ  1 
ATOM   261  N NH1 A ARG A 1 60  ? -9.08343  -11.84715 -2.46099  0.520 23.90266  ? 36  ARG A NH1 1 
ATOM   262  N NH1 B ARG A 1 60  ? -9.01614  -9.14510  -4.13285  0.480 28.57139  ? 36  ARG A NH1 1 
ATOM   263  N NH2 A ARG A 1 60  ? -9.19679  -9.68401  -3.21515  0.520 26.79897  ? 36  ARG A NH2 1 
ATOM   264  N NH2 B ARG A 1 60  ? -9.46125  -10.80248 -2.61164  0.480 28.17121  ? 36  ARG A NH2 1 
ATOM   265  N N   A GLN A 1 61  ? -12.38078 -10.27403 3.75701   0.520 24.96029  ? 37  GLN A N   1 
ATOM   266  N N   B GLN A 1 61  ? -12.29318 -10.33934 3.80779   0.480 24.92500  ? 37  GLN A N   1 
ATOM   267  C CA  A GLN A 1 61  ? -13.22016 -10.83765 4.80888   0.520 26.19260  ? 37  GLN A CA  1 
ATOM   268  C CA  B GLN A 1 61  ? -12.98121 -10.92569 4.95102   0.480 27.19620  ? 37  GLN A CA  1 
ATOM   269  C C   A GLN A 1 61  ? -13.46251 -9.84524  5.94580   0.520 27.10094  ? 37  GLN A C   1 
ATOM   270  C C   B GLN A 1 61  ? -13.42972 -9.85986  5.93640   0.480 27.04395  ? 37  GLN A C   1 
ATOM   271  O O   A GLN A 1 61  ? -14.38504 -10.05498 6.74180   0.520 31.03925  ? 37  GLN A O   1 
ATOM   272  O O   B GLN A 1 61  ? -14.46539 -10.01244 6.59643   0.480 31.10838  ? 37  GLN A O   1 
ATOM   273  C CB  A GLN A 1 61  ? -12.62727 -12.13570 5.37824   0.520 29.59152  ? 37  GLN A CB  1 
ATOM   274  C CB  B GLN A 1 61  ? -12.05676 -11.91950 5.65312   0.480 27.67507  ? 37  GLN A CB  1 
ATOM   275  C CG  A GLN A 1 61  ? -12.06801 -13.16124 4.38707   0.520 32.69771  ? 37  GLN A CG  1 
ATOM   276  C CG  B GLN A 1 61  ? -12.38312 -13.37830 5.41460   0.480 33.70870  ? 37  GLN A CG  1 
ATOM   277  C CD  A GLN A 1 61  ? -12.84296 -13.29250 3.08634   0.520 38.48141  ? 37  GLN A CD  1 
ATOM   278  C CD  B GLN A 1 61  ? -11.56800 -14.29312 6.31183   0.480 38.31837  ? 37  GLN A CD  1 
ATOM   279  O OE1 A GLN A 1 61  ? -12.27409 -13.12348 1.99640   0.520 31.53911  ? 37  GLN A OE1 1 
ATOM   280  O OE1 B GLN A 1 61  ? -10.41699 -13.99482 6.63673   0.480 37.56941  ? 37  GLN A OE1 1 
ATOM   281  N NE2 A GLN A 1 61  ? -14.12954 -13.63062 3.18407   0.520 32.46609  ? 37  GLN A NE2 1 
ATOM   282  N NE2 B GLN A 1 61  ? -12.16232 -15.40786 6.72249   0.480 44.45874  ? 37  GLN A NE2 1 
ATOM   283  N N   . HIS A 1 62  ? -12.66371 -8.77749  6.04954   1.000 25.92163  ? 38  HIS A N   1 
ATOM   284  C CA  . HIS A 1 62  ? -12.95767 -7.68359  6.96846   1.000 26.15909  ? 38  HIS A CA  1 
ATOM   285  C C   . HIS A 1 62  ? -13.70344 -6.52291  6.31122   1.000 26.95344  ? 38  HIS A C   1 
ATOM   286  O O   . HIS A 1 62  ? -13.77888 -5.44060  6.90215   1.000 28.46421  ? 38  HIS A O   1 
ATOM   287  C CB  . HIS A 1 62  ? -11.66767 -7.18568  7.62443   1.000 29.05429  ? 38  HIS A CB  1 
ATOM   288  C CG  . HIS A 1 62  ? -11.11590 -8.14504  8.62966   1.000 27.39101  ? 38  HIS A CG  1 
ATOM   289  N ND1 . HIS A 1 62  ? -10.54222 -9.34435  8.27131   1.000 29.01919  ? 38  HIS A ND1 1 
ATOM   290  C CD2 . HIS A 1 62  ? -11.12734 -8.12034  9.98486   1.000 30.19978  ? 38  HIS A CD2 1 
ATOM   291  C CE1 . HIS A 1 62  ? -10.18604 -10.00152 9.36368   1.000 30.84715  ? 38  HIS A CE1 1 
ATOM   292  N NE2 . HIS A 1 62  ? -10.52471 -9.27822  10.41450  1.000 34.49621  ? 38  HIS A NE2 1 
ATOM   293  N N   . GLY A 1 63  ? -14.25377 -6.72278  5.11289   1.000 22.77402  ? 39  GLY A N   1 
ATOM   294  C CA  . GLY A 1 63  ? -15.09037 -5.73045  4.45705   1.000 25.22459  ? 39  GLY A CA  1 
ATOM   295  C C   . GLY A 1 63  ? -14.37361 -4.65954  3.65619   1.000 29.33532  ? 39  GLY A C   1 
ATOM   296  O O   . GLY A 1 63  ? -15.01193 -3.68507  3.24071   1.000 28.05070  ? 39  GLY A O   1 
ATOM   297  N N   . PHE A 1 64  ? -13.07698 -4.80069  3.41031   1.000 23.23792  ? 40  PHE A N   1 
ATOM   298  C CA  . PHE A 1 64  ? -12.30783 -3.81919  2.66018   1.000 24.53691  ? 40  PHE A CA  1 
ATOM   299  C C   . PHE A 1 64  ? -12.04327 -4.32800  1.25963   1.000 25.01636  ? 40  PHE A C   1 
ATOM   300  O O   . PHE A 1 64  ? -11.70594 -5.49909  1.06966   1.000 23.10755  ? 40  PHE A O   1 
ATOM   301  C CB  . PHE A 1 64  ? -10.95243 -3.53601  3.32020   1.000 22.55096  ? 40  PHE A CB  1 
ATOM   302  C CG  . PHE A 1 64  ? -11.04751 -2.77831  4.60778   1.000 29.12611  ? 40  PHE A CG  1 
ATOM   303  C CD1 . PHE A 1 64  ? -11.39522 -3.42226  5.77527   1.000 30.07825  ? 40  PHE A CD1 1 
ATOM   304  C CD2 . PHE A 1 64  ? -10.76894 -1.42427  4.65119   1.000 42.79508  ? 40  PHE A CD2 1 
ATOM   305  C CE1 . PHE A 1 64  ? -11.47873 -2.72719  6.97529   1.000 36.01180  ? 40  PHE A CE1 1 
ATOM   306  C CE2 . PHE A 1 64  ? -10.84973 -0.72805  5.84891   1.000 46.07213  ? 40  PHE A CE2 1 
ATOM   307  C CZ  . PHE A 1 64  ? -11.20870 -1.38089  7.00224   1.000 36.28821  ? 40  PHE A CZ  1 
ATOM   308  N N   . SER A 1 65  ? -12.17399 -3.43824  0.28449   1.000 23.58776  ? 41  SER A N   1 
ATOM   309  C CA  . SER A 1 65  ? -11.61916 -3.71255  -1.01959  1.000 22.64112  ? 41  SER A CA  1 
ATOM   310  C C   . SER A 1 65  ? -10.10456 -3.56538  -0.97396  1.000 22.75316  ? 41  SER A C   1 
ATOM   311  O O   . SER A 1 65  ? -9.54304  -2.96216  -0.05033  1.000 21.86215  ? 41  SER A O   1 
ATOM   312  C CB  . SER A 1 65  ? -12.25379 -2.77659  -2.04764  1.000 25.44261  ? 41  SER A CB  1 
ATOM   313  O OG  . SER A 1 65  ? -11.52162 -1.57603  -2.13677  1.000 28.89749  ? 41  SER A OG  1 
ATOM   314  N N   . VAL A 1 66  ? -9.44027  -4.15281  -1.97192  1.000 22.62560  ? 42  VAL A N   1 
ATOM   315  C CA  . VAL A 1 66  ? -7.98253  -4.06438  -2.04820  1.000 20.91778  ? 42  VAL A CA  1 
ATOM   316  C C   . VAL A 1 66  ? -7.53950  -2.61477  -2.14882  1.000 24.10780  ? 42  VAL A C   1 
ATOM   317  O O   . VAL A 1 66  ? -6.58547  -2.19904  -1.48193  1.000 23.83291  ? 42  VAL A O   1 
ATOM   318  C CB  . VAL A 1 66  ? -7.46660  -4.88993  -3.23705  1.000 23.16678  ? 42  VAL A CB  1 
ATOM   319  C CG1 . VAL A 1 66  ? -5.97411  -4.62289  -3.48131  1.000 28.34608  ? 42  VAL A CG1 1 
ATOM   320  C CG2 . VAL A 1 66  ? -7.73173  -6.35454  -2.98231  1.000 29.10429  ? 42  VAL A CG2 1 
ATOM   321  N N   A SER A 1 67  ? -8.22926  -1.81940  -2.97201  0.481 25.22740  ? 43  SER A N   1 
ATOM   322  N N   B SER A 1 67  ? -8.22247  -1.81773  -2.97923  0.519 25.22579  ? 43  SER A N   1 
ATOM   323  C CA  A SER A 1 67  ? -7.81904  -0.42977  -3.15518  0.481 23.32885  ? 43  SER A CA  1 
ATOM   324  C CA  B SER A 1 67  ? -7.79862  -0.42826  -3.14947  0.519 23.18794  ? 43  SER A CA  1 
ATOM   325  C C   A SER A 1 67  ? -8.11160  0.40831   -1.91710  0.481 21.25095  ? 43  SER A C   1 
ATOM   326  C C   B SER A 1 67  ? -8.10440  0.40719   -1.90962  0.519 21.32326  ? 43  SER A C   1 
ATOM   327  O O   A SER A 1 67  ? -7.31714  1.28683   -1.55899  0.481 23.18833  ? 43  SER A O   1 
ATOM   328  O O   B SER A 1 67  ? -7.31634  1.28667   -1.54816  0.519 23.14888  ? 43  SER A O   1 
ATOM   329  C CB  A SER A 1 67  ? -8.50411  0.15401   -4.38944  0.481 27.79876  ? 43  SER A CB  1 
ATOM   330  C CB  B SER A 1 67  ? -8.45794  0.18413   -4.38393  0.519 27.96311  ? 43  SER A CB  1 
ATOM   331  O OG  A SER A 1 67  ? -7.99706  -0.47079  -5.55528  0.481 27.66906  ? 43  SER A OG  1 
ATOM   332  O OG  B SER A 1 67  ? -9.86135  0.14491   -4.26665  0.519 29.61300  ? 43  SER A OG  1 
ATOM   333  N N   . GLU A 1 68  ? -9.22664  0.13835   -1.23518  1.000 21.60896  ? 44  GLU A N   1 
ATOM   334  C CA  . GLU A 1 68  ? -9.51547  0.84838   0.00848   1.000 22.80681  ? 44  GLU A CA  1 
ATOM   335  C C   . GLU A 1 68  ? -8.45209  0.54649   1.05594   1.000 21.94370  ? 44  GLU A C   1 
ATOM   336  O O   . GLU A 1 68  ? -7.95176  1.45490   1.73972   1.000 22.81409  ? 44  GLU A O   1 
ATOM   337  C CB  . GLU A 1 68  ? -10.90838 0.46646   0.53353   1.000 27.37508  ? 44  GLU A CB  1 
ATOM   338  C CG  . GLU A 1 68  ? -12.06225 1.00542   -0.31850  1.000 28.42501  ? 44  GLU A CG  1 
ATOM   339  C CD  . GLU A 1 68  ? -13.33424 0.17657   -0.21285  1.000 55.34803  ? 44  GLU A CD  1 
ATOM   340  O OE1 . GLU A 1 68  ? -13.39346 -0.73281  0.64576   1.000 38.08981  ? 44  GLU A OE1 1 
ATOM   341  O OE2 . GLU A 1 68  ? -14.27375 0.43269   -1.00384  1.000 46.69269  ? 44  GLU A OE2 1 
ATOM   342  N N   . TRP A 1 69  ? -8.08041  -0.73217  1.18587   1.000 20.86561  ? 45  TRP A N   1 
ATOM   343  C CA  . TRP A 1 69  ? -7.01246  -1.11026  2.10612   1.000 20.87505  ? 45  TRP A CA  1 
ATOM   344  C C   . TRP A 1 69  ? -5.69292  -0.44686  1.71503   1.000 22.72322  ? 45  TRP A C   1 
ATOM   345  O O   . TRP A 1 69  ? -4.99466  0.09755   2.57066   1.000 21.55826  ? 45  TRP A O   1 
ATOM   346  C CB  . TRP A 1 69  ? -6.87396  -2.63549  2.15612   1.000 22.03624  ? 45  TRP A CB  1 
ATOM   347  C CG  . TRP A 1 69  ? -5.51679  -3.13534  2.56691   1.000 20.68886  ? 45  TRP A CG  1 
ATOM   348  C CD1 . TRP A 1 69  ? -4.64155  -3.80402  1.77900   1.000 19.87736  ? 45  TRP A CD1 1 
ATOM   349  C CD2 . TRP A 1 69  ? -4.88611  -2.99797  3.84615   1.000 20.87315  ? 45  TRP A CD2 1 
ATOM   350  N NE1 . TRP A 1 69  ? -3.48950  -4.10393  2.48505   1.000 23.96150  ? 45  TRP A NE1 1 
ATOM   351  C CE2 . TRP A 1 69  ? -3.62453  -3.62240  3.76145   1.000 21.53735  ? 45  TRP A CE2 1 
ATOM   352  C CE3 . TRP A 1 69  ? -5.27092  -2.42529  5.05586   1.000 22.27937  ? 45  TRP A CE3 1 
ATOM   353  C CZ2 . TRP A 1 69  ? -2.73619  -3.66772  4.83567   1.000 24.38228  ? 45  TRP A CZ2 1 
ATOM   354  C CZ3 . TRP A 1 69  ? -4.38401  -2.48632  6.12497   1.000 23.88370  ? 45  TRP A CZ3 1 
ATOM   355  C CH2 . TRP A 1 69  ? -3.13815  -3.10016  6.00190   1.000 23.91595  ? 45  TRP A CH2 1 
ATOM   356  N N   . ALA A 1 70  ? -5.33936  -0.46349  0.42260   1.000 20.87553  ? 46  ALA A N   1 
ATOM   357  C CA  . ALA A 1 70  ? -4.07915  0.15745   0.01398   1.000 21.22342  ? 46  ALA A CA  1 
ATOM   358  C C   . ALA A 1 70  ? -4.04292  1.64066   0.36830   1.000 19.91474  ? 46  ALA A C   1 
ATOM   359  O O   . ALA A 1 70  ? -3.01908  2.13453   0.86654   1.000 20.56453  ? 46  ALA A O   1 
ATOM   360  C CB  . ALA A 1 70  ? -3.83792  -0.03394  -1.48964  1.000 23.76800  ? 46  ALA A CB  1 
ATOM   361  N N   . VAL A 1 71  ? -5.15669  2.36082   0.14347   1.000 21.14114  ? 47  VAL A N   1 
ATOM   362  C CA  . VAL A 1 71  ? -5.16276  3.79498   0.44806   1.000 20.80605  ? 47  VAL A CA  1 
ATOM   363  C C   . VAL A 1 71  ? -5.05317  4.02286   1.94775   1.000 21.13242  ? 47  VAL A C   1 
ATOM   364  O O   . VAL A 1 71  ? -4.24216  4.83566   2.41758   1.000 22.92793  ? 47  VAL A O   1 
ATOM   365  C CB  . VAL A 1 71  ? -6.42248  4.47218   -0.11609  1.000 19.60630  ? 47  VAL A CB  1 
ATOM   366  C CG1 . VAL A 1 71  ? -6.61396  5.85707   0.54351   1.000 25.54402  ? 47  VAL A CG1 1 
ATOM   367  C CG2 . VAL A 1 71  ? -6.27361  4.61124   -1.61553  1.000 22.87639  ? 47  VAL A CG2 1 
ATOM   368  N N   . MET A 1 72  ? -5.86720  3.31651   2.72835   1.000 23.48215  ? 48  MET A N   1 
ATOM   369  C CA  . MET A 1 72  ? -5.84602  3.59071   4.16172   1.000 22.52527  ? 48  MET A CA  1 
ATOM   370  C C   . MET A 1 72  ? -4.51904  3.17146   4.79133   1.000 22.72828  ? 48  MET A C   1 
ATOM   371  O O   . MET A 1 72  ? -3.97180  3.89639   5.62927   1.000 25.76261  ? 48  MET A O   1 
ATOM   372  C CB  . MET A 1 72  ? -7.04064  2.93012   4.84102   1.000 25.26870  ? 48  MET A CB  1 
ATOM   373  C CG  . MET A 1 72  ? -8.27827  3.83234   4.75640   1.000 29.64441  ? 48  MET A CG  1 
ATOM   374  S SD  . MET A 1 72  ? -9.68596  3.24509   5.70013   1.000 33.10831  ? 48  MET A SD  1 
ATOM   375  C CE  . MET A 1 72  ? -10.49903 2.29497   4.42477   1.000 42.90156  ? 48  MET A CE  1 
ATOM   376  N N   . ALA A 1 73  ? -3.94832  2.03447   4.37411   1.000 21.72927  ? 49  ALA A N   1 
ATOM   377  C CA  . ALA A 1 73  ? -2.64850  1.63386   4.90215   1.000 23.56097  ? 49  ALA A CA  1 
ATOM   378  C C   . ALA A 1 73  ? -1.54876  2.60362   4.48429   1.000 23.94026  ? 49  ALA A C   1 
ATOM   379  O O   . ALA A 1 73  ? -0.59396  2.81914   5.24713   1.000 26.21996  ? 49  ALA A O   1 
ATOM   380  C CB  . ALA A 1 73  ? -2.31617  0.21711   4.43316   1.000 26.61716  ? 49  ALA A CB  1 
ATOM   381  N N   . SER A 1 74  ? -1.65877  3.18825   3.28292   1.000 22.28340  ? 50  SER A N   1 
ATOM   382  C CA  . SER A 1 74  ? -0.65002  4.12283   2.79697   1.000 22.65647  ? 50  SER A CA  1 
ATOM   383  C C   . SER A 1 74  ? -0.73650  5.46402   3.50905   1.000 23.93936  ? 50  SER A C   1 
ATOM   384  O O   . SER A 1 74  ? 0.26919   6.17597   3.60990   1.000 28.20689  ? 50  SER A O   1 
ATOM   385  C CB  . SER A 1 74  ? -0.82757  4.31253   1.30176   1.000 25.51048  ? 50  SER A CB  1 
ATOM   386  O OG  . SER A 1 74  ? -0.47963  3.10742   0.62396   1.000 27.40445  ? 50  SER A OG  1 
ATOM   387  N N   . LEU A 1 75  ? -1.92012  5.81575   4.01451   1.000 25.00712  ? 51  LEU A N   1 
ATOM   388  C CA  . LEU A 1 75  ? -2.09588  7.08629   4.71271   1.000 25.12314  ? 51  LEU A CA  1 
ATOM   389  C C   . LEU A 1 75  ? -1.93219  6.96484   6.22150   1.000 28.37995  ? 51  LEU A C   1 
ATOM   390  O O   . LEU A 1 75  ? -1.72250  7.98865   6.89220   1.000 27.99074  ? 51  LEU A O   1 
ATOM   391  C CB  . LEU A 1 75  ? -3.47817  7.67515   4.36926   1.000 20.34921  ? 51  LEU A CB  1 
ATOM   392  C CG  . LEU A 1 75  ? -3.64759  8.08717   2.89740   1.000 23.87401  ? 51  LEU A CG  1 
ATOM   393  C CD1 . LEU A 1 75  ? -5.07482  8.50756   2.57936   1.000 26.99480  ? 51  LEU A CD1 1 
ATOM   394  C CD2 . LEU A 1 75  ? -2.66913  9.19316   2.51087   1.000 25.85552  ? 51  LEU A CD2 1 
ATOM   395  N N   . ALA A 1 76  ? -2.01952  5.75678   6.78190   1.000 25.18979  ? 52  ALA A N   1 
ATOM   396  C CA  . ALA A 1 76  ? -1.97199  5.61133   8.23794   1.000 29.32813  ? 52  ALA A CA  1 
ATOM   397  C C   . ALA A 1 76  ? -0.63408  6.08119   8.79992   1.000 30.11952  ? 52  ALA A C   1 
ATOM   398  O O   . ALA A 1 76  ? 0.43636   5.69563   8.31705   1.000 29.52082  ? 52  ALA A O   1 
ATOM   399  C CB  . ALA A 1 76  ? -2.22947  4.16075   8.64206   1.000 24.56101  ? 52  ALA A CB  1 
ATOM   400  N N   . GLY A 1 77  ? -0.70137  6.92301   9.82863   1.000 33.09175  ? 53  GLY A N   1 
ATOM   401  C CA  . GLY A 1 77  ? 0.50986   7.45189   10.42462  1.000 37.99019  ? 53  GLY A CA  1 
ATOM   402  C C   . GLY A 1 77  ? 1.25716   8.44059   9.56571   1.000 33.07454  ? 53  GLY A C   1 
ATOM   403  O O   . GLY A 1 77  ? 2.42235   8.73940   9.84949   1.000 44.37248  ? 53  GLY A O   1 
ATOM   404  N N   . SER A 1 78  ? 0.62579   8.95511   8.51413   1.000 32.03987  ? 54  SER A N   1 
ATOM   405  C CA  . SER A 1 78  ? 1.25634   9.86606   7.57218   1.000 31.37670  ? 54  SER A CA  1 
ATOM   406  C C   . SER A 1 78  ? 0.71441   11.28220  7.71165   1.000 32.02908  ? 54  SER A C   1 
ATOM   407  O O   . SER A 1 78  ? -0.46480  11.49567  8.00877   1.000 36.86241  ? 54  SER A O   1 
ATOM   408  C CB  . SER A 1 78  ? 1.04059   9.40332   6.12649   1.000 35.42775  ? 54  SER A CB  1 
ATOM   409  O OG  . SER A 1 78  ? 1.87100   10.12109  5.23303   1.000 34.52445  ? 54  SER A OG  1 
ATOM   410  N N   . GLU A 1 79  ? 1.59699   12.24781  7.46828   1.000 37.70567  ? 55  GLU A N   1 
ATOM   411  C CA  . GLU A 1 79  ? 1.16995   13.59776  7.17162   1.000 36.71605  ? 55  GLU A CA  1 
ATOM   412  C C   . GLU A 1 79  ? 0.46124   13.60814  5.81912   1.000 39.51495  ? 55  GLU A C   1 
ATOM   413  O O   . GLU A 1 79  ? 0.62528   12.68140  5.02117   1.000 37.76715  ? 55  GLU A O   1 
ATOM   414  C CB  . GLU A 1 79  ? 2.37208   14.53930  7.15046   1.000 48.64461  ? 55  GLU A CB  1 
ATOM   415  C CG  . GLU A 1 79  ? 3.39068   14.21396  6.06846   1.000 56.98895  ? 55  GLU A CG  1 
ATOM   416  C CD  . GLU A 1 79  ? 4.51840   13.33480  6.57546   1.000 86.74829  ? 55  GLU A CD  1 
ATOM   417  O OE1 . GLU A 1 79  ? 5.61164   13.86938  6.86179   1.000 100.72998 ? 55  GLU A OE1 1 
ATOM   418  O OE2 . GLU A 1 79  ? 4.31173   12.10778  6.69069   1.000 71.63698  ? 55  GLU A OE2 1 
ATOM   419  N N   . PRO A 1 80  ? -0.33617  14.63940  5.53881   1.000 34.08456  ? 56  PRO A N   1 
ATOM   420  C CA  . PRO A 1 80  ? -1.03499  14.69905  4.24789   1.000 35.06583  ? 56  PRO A CA  1 
ATOM   421  C C   . PRO A 1 80  ? -0.05383  14.65444  3.08483   1.000 35.63933  ? 56  PRO A C   1 
ATOM   422  O O   . PRO A 1 80  ? 0.97841   15.32755  3.09459   1.000 33.93383  ? 56  PRO A O   1 
ATOM   423  C CB  . PRO A 1 80  ? -1.78021  16.03721  4.30641   1.000 36.82910  ? 56  PRO A CB  1 
ATOM   424  C CG  . PRO A 1 80  ? -1.91927  16.32255  5.75830   1.000 35.83029  ? 56  PRO A CG  1 
ATOM   425  C CD  . PRO A 1 80  ? -0.69479  15.77832  6.40874   1.000 37.22369  ? 56  PRO A CD  1 
ATOM   426  N N   . ILE A 1 81  ? -0.38482  13.84710  2.07616   1.000 30.51080  ? 57  ILE A N   1 
ATOM   427  C CA  . ILE A 1 81  ? 0.45872   13.67793  0.89934   1.000 30.02546  ? 57  ILE A CA  1 
ATOM   428  C C   . ILE A 1 81  ? -0.35462  14.01260  -0.34560  1.000 26.20894  ? 57  ILE A C   1 
ATOM   429  O O   . ILE A 1 81  ? -1.58643  14.02864  -0.33146  1.000 28.46841  ? 57  ILE A O   1 
ATOM   430  C CB  . ILE A 1 81  ? 1.05592   12.25201  0.81526   1.000 29.85949  ? 57  ILE A CB  1 
ATOM   431  C CG1 . ILE A 1 81  ? -0.04015  11.18709  0.66616   1.000 33.80993  ? 57  ILE A CG1 1 
ATOM   432  C CG2 . ILE A 1 81  ? 1.88695   11.94510  2.04101   1.000 32.83019  ? 57  ILE A CG2 1 
ATOM   433  C CD1 . ILE A 1 81  ? 0.54287   9.76017   0.46310   1.000 26.98890  ? 57  ILE A CD1 1 
ATOM   434  N N   . SER A 1 82  ? 0.34900   14.28725  -1.44186  1.000 29.00368  ? 58  SER A N   1 
ATOM   435  C CA  . SER A 1 82  ? -0.35029  14.67339  -2.65546  1.000 29.11331  ? 58  SER A CA  1 
ATOM   436  C C   . SER A 1 82  ? -1.05033  13.46933  -3.28408  1.000 29.91464  ? 58  SER A C   1 
ATOM   437  O O   . SER A 1 82  ? -0.72387  12.31001  -3.00186  1.000 30.48117  ? 58  SER A O   1 
ATOM   438  C CB  . SER A 1 82  ? 0.61414   15.29640  -3.66174  1.000 33.70518  ? 58  SER A CB  1 
ATOM   439  O OG  . SER A 1 82  ? 1.34116   14.30164  -4.36848  1.000 33.75600  ? 58  SER A OG  1 
ATOM   440  N N   . ILE A 1 83  ? -2.02665  13.75854  -4.15050  1.000 30.22859  ? 59  ILE A N   1 
ATOM   441  C CA  . ILE A 1 83  ? -2.70123  12.68644  -4.87757  1.000 29.78588  ? 59  ILE A CA  1 
ATOM   442  C C   . ILE A 1 83  ? -1.69936  11.89893  -5.70619  1.000 31.79303  ? 59  ILE A C   1 
ATOM   443  O O   . ILE A 1 83  ? -1.77590  10.66962  -5.78521  1.000 26.95055  ? 59  ILE A O   1 
ATOM   444  C CB  . ILE A 1 83  ? -3.83909  13.24616  -5.75033  1.000 33.90104  ? 59  ILE A CB  1 
ATOM   445  C CG1 . ILE A 1 83  ? -4.73996  14.17675  -4.93145  1.000 45.01286  ? 59  ILE A CG1 1 
ATOM   446  C CG2 . ILE A 1 83  ? -4.64475  12.10948  -6.37278  1.000 39.61229  ? 59  ILE A CG2 1 
ATOM   447  C CD1 . ILE A 1 83  ? -5.24060  13.57562  -3.63841  1.000 38.93629  ? 59  ILE A CD1 1 
ATOM   448  N N   . GLY A 1 84  ? -0.73963  12.58956  -6.32974  1.000 28.84394  ? 60  GLY A N   1 
ATOM   449  C CA  . GLY A 1 84  ? 0.28789   11.88983  -7.09646  1.000 30.17206  ? 60  GLY A CA  1 
ATOM   450  C C   . GLY A 1 84  ? 1.14279   10.96179  -6.24910  1.000 28.23934  ? 60  GLY A C   1 
ATOM   451  O O   . GLY A 1 84  ? 1.46874   9.84150   -6.66561  1.000 26.16855  ? 60  GLY A O   1 
ATOM   452  N N   . GLN A 1 85  ? 1.54409   11.41725  -5.05974  1.000 26.14485  ? 61  GLN A N   1 
ATOM   453  C CA  . GLN A 1 85  ? 2.30682   10.54960  -4.16872  1.000 25.61062  ? 61  GLN A CA  1 
ATOM   454  C C   . GLN A 1 85  ? 1.48092   9.34053   -3.74390  1.000 23.37141  ? 61  GLN A C   1 
ATOM   455  O O   . GLN A 1 85  ? 1.99076   8.21514   -3.70581  1.000 25.19918  ? 61  GLN A O   1 
ATOM   456  C CB  . GLN A 1 85  ? 2.77982   11.32215  -2.93357  1.000 28.63237  ? 61  GLN A CB  1 
ATOM   457  C CG  . GLN A 1 85  ? 3.58657   12.56970  -3.24146  1.000 44.43433  ? 61  GLN A CG  1 
ATOM   458  C CD  . GLN A 1 85  ? 4.02642   13.29588  -1.98505  1.000 46.33330  ? 61  GLN A CD  1 
ATOM   459  O OE1 . GLN A 1 85  ? 3.25783   14.05791  -1.38815  1.000 39.86009  ? 61  GLN A OE1 1 
ATOM   460  N NE2 . GLN A 1 85  ? 5.26687   13.06583  -1.57545  1.000 62.19859  ? 61  GLN A NE2 1 
ATOM   461  N N   . LEU A 1 86  ? 0.20559   9.55999   -3.39699  1.000 25.14878  ? 62  LEU A N   1 
ATOM   462  C CA  . LEU A 1 86  ? -0.65453  8.43599   -3.02968  1.000 22.66308  ? 62  LEU A CA  1 
ATOM   463  C C   . LEU A 1 86  ? -0.78467  7.44211   -4.17992  1.000 21.20283  ? 62  LEU A C   1 
ATOM   464  O O   . LEU A 1 86  ? -0.74682  6.22122   -3.96257  1.000 22.30904  ? 62  LEU A O   1 
ATOM   465  C CB  . LEU A 1 86  ? -2.03667  8.94760   -2.61143  1.000 22.81037  ? 62  LEU A CB  1 
ATOM   466  C CG  . LEU A 1 86  ? -3.01436  7.85736   -2.16942  1.000 21.02548  ? 62  LEU A CG  1 
ATOM   467  C CD1 . LEU A 1 86  ? -2.51852  7.14051   -0.93931  1.000 22.89613  ? 62  LEU A CD1 1 
ATOM   468  C CD2 . LEU A 1 86  ? -4.41976  8.44234   -1.94888  1.000 22.49528  ? 62  LEU A CD2 1 
ATOM   469  N N   . ALA A 1 87  ? -0.93433  7.94224   -5.40517  1.000 21.51506  ? 63  ALA A N   1 
ATOM   470  C CA  . ALA A 1 87  ? -1.02510  7.06940   -6.57142  1.000 22.16060  ? 63  ALA A CA  1 
ATOM   471  C C   . ALA A 1 87  ? 0.24531   6.24602   -6.73375  1.000 24.10641  ? 63  ALA A C   1 
ATOM   472  O O   . ALA A 1 87  ? 0.18888   5.04876   -7.06223  1.000 22.12831  ? 63  ALA A O   1 
ATOM   473  C CB  . ALA A 1 87  ? -1.29414  7.90386   -7.82367  1.000 23.98189  ? 63  ALA A CB  1 
ATOM   474  N N   . GLN A 1 88  ? 1.40417   6.86311   -6.50056  1.000 22.32365  ? 64  GLN A N   1 
ATOM   475  C CA  . GLN A 1 88  ? 2.64207   6.10521   -6.63190  1.000 21.47841  ? 64  GLN A CA  1 
ATOM   476  C C   . GLN A 1 88  ? 2.75975   5.02558   -5.55546  1.000 21.27720  ? 64  GLN A C   1 
ATOM   477  O O   . GLN A 1 88  ? 3.06289   3.86361   -5.85651  1.000 22.72765  ? 64  GLN A O   1 
ATOM   478  C CB  . GLN A 1 88  ? 3.84651   7.04844   -6.58885  1.000 24.56678  ? 64  GLN A CB  1 
ATOM   479  C CG  . GLN A 1 88  ? 5.19233   6.31517   -6.78601  1.000 27.57187  ? 64  GLN A CG  1 
ATOM   480  C CD  . GLN A 1 88  ? 5.83638   5.88377   -5.47305  1.000 37.42826  ? 64  GLN A CD  1 
ATOM   481  O OE1 . GLN A 1 88  ? 5.88301   6.65990   -4.51572  1.000 34.13326  ? 64  GLN A OE1 1 
ATOM   482  N NE2 . GLN A 1 88  ? 6.32643   4.63664   -5.41663  1.000 27.02086  ? 64  GLN A NE2 1 
ATOM   483  N N   A VAL A 1 89  ? 2.51195   5.38249   -4.29135  0.516 19.84311  ? 65  VAL A N   1 
ATOM   484  N N   B VAL A 1 89  ? 2.53631   5.38310   -4.29491  0.484 19.83436  ? 65  VAL A N   1 
ATOM   485  C CA  A VAL A 1 89  ? 2.73575   4.42768   -3.20730  0.516 20.07133  ? 65  VAL A CA  1 
ATOM   486  C CA  B VAL A 1 89  ? 2.73583   4.39431   -3.23974  0.484 20.03974  ? 65  VAL A CA  1 
ATOM   487  C C   A VAL A 1 89  ? 1.68961   3.31093   -3.18555  0.516 21.04676  ? 65  VAL A C   1 
ATOM   488  C C   B VAL A 1 89  ? 1.74377   3.24465   -3.38600  0.484 19.76090  ? 65  VAL A C   1 
ATOM   489  O O   A VAL A 1 89  ? 1.96614   2.22110   -2.65995  0.516 20.60059  ? 65  VAL A O   1 
ATOM   490  O O   B VAL A 1 89  ? 2.09979   2.07506   -3.20233  0.484 21.80406  ? 65  VAL A O   1 
ATOM   491  C CB  A VAL A 1 89  ? 2.80621   5.16508   -1.85034  0.516 23.83960  ? 65  VAL A CB  1 
ATOM   492  C CB  B VAL A 1 89  ? 2.65259   5.06110   -1.85542  0.484 23.80259  ? 65  VAL A CB  1 
ATOM   493  C CG1 A VAL A 1 89  ? 1.43683   5.68381   -1.41096  0.516 20.30361  ? 65  VAL A CG1 1 
ATOM   494  C CG1 B VAL A 1 89  ? 2.71092   4.01304   -0.76210  0.484 25.35227  ? 65  VAL A CG1 1 
ATOM   495  C CG2 A VAL A 1 89  ? 3.41819   4.27549   -0.78051  0.516 25.84623  ? 65  VAL A CG2 1 
ATOM   496  C CG2 B VAL A 1 89  ? 3.78707   6.07355   -1.70616  0.484 26.62900  ? 65  VAL A CG2 1 
ATOM   497  N N   . THR A 1 90  ? 0.49645   3.54685   -3.73549  1.000 21.66294  ? 66  THR A N   1 
ATOM   498  C CA  . THR A 1 90  ? -0.52032  2.50243   -3.87910  1.000 21.92779  ? 66  THR A CA  1 
ATOM   499  C C   . THR A 1 90  ? -0.47162  1.80431   -5.23030  1.000 24.45621  ? 66  THR A C   1 
ATOM   500  O O   . THR A 1 90  ? -1.31060  0.92387   -5.47407  1.000 26.00507  ? 66  THR A O   1 
ATOM   501  C CB  . THR A 1 90  ? -1.94081  3.06735   -3.68017  1.000 21.07786  ? 66  THR A CB  1 
ATOM   502  O OG1 . THR A 1 90  ? -2.26388  3.99837   -4.71944  1.000 21.64203  ? 66  THR A OG1 1 
ATOM   503  C CG2 . THR A 1 90  ? -2.07781  3.71952   -2.31127  1.000 24.07677  ? 66  THR A CG2 1 
ATOM   504  N N   A VAL A 1 91  ? 0.42751   2.21093   -6.12062  0.617 20.09848  ? 67  VAL A N   1 
ATOM   505  N N   B VAL A 1 91  ? 0.52678   2.12333   -6.06541  0.383 20.55467  ? 67  VAL A N   1 
ATOM   506  C CA  A VAL A 1 91  ? 0.56614   1.59112   -7.43174  0.617 21.44700  ? 67  VAL A CA  1 
ATOM   507  C CA  B VAL A 1 91  ? 0.70701   1.68088   -7.45649  0.383 21.32753  ? 67  VAL A CA  1 
ATOM   508  C C   A VAL A 1 91  ? -0.78817  1.60929   -8.13680  0.617 24.11209  ? 67  VAL A C   1 
ATOM   509  C C   B VAL A 1 91  ? -0.61397  1.65131   -8.22048  0.383 25.10767  ? 67  VAL A C   1 
ATOM   510  O O   A VAL A 1 91  ? -1.26679  0.58389   -8.63761  0.617 24.69278  ? 67  VAL A O   1 
ATOM   511  O O   B VAL A 1 91  ? -0.93507  0.67881   -8.91539  0.383 24.38690  ? 67  VAL A O   1 
ATOM   512  C CB  A VAL A 1 91  ? 1.14325   0.16783   -7.30334  0.617 21.74969  ? 67  VAL A CB  1 
ATOM   513  C CB  B VAL A 1 91  ? 1.44273   0.31973   -7.56182  0.383 22.15340  ? 67  VAL A CB  1 
ATOM   514  C CG1 A VAL A 1 91  ? 1.69030   -0.26590  -8.62350  0.617 27.82069  ? 67  VAL A CG1 1 
ATOM   515  C CG1 B VAL A 1 91  ? 2.89217   0.46154   -7.11674  0.383 20.38276  ? 67  VAL A CG1 1 
ATOM   516  C CG2 A VAL A 1 91  ? 2.24034   0.14214   -6.23991  0.617 22.77601  ? 67  VAL A CG2 1 
ATOM   517  C CG2 B VAL A 1 91  ? 0.75313   -0.79295  -6.78648  0.383 21.54828  ? 67  VAL A CG2 1 
ATOM   518  N N   A THR A 1 92  ? -1.40883  2.78915   -8.17647  0.617 22.84443  ? 68  THR A N   1 
ATOM   519  N N   B THR A 1 92  ? -1.36259  2.74581   -8.14786  0.383 22.79646  ? 68  THR A N   1 
ATOM   520  C CA  A THR A 1 92  ? -2.72416  3.00181   -8.76633  0.617 22.53496  ? 68  THR A CA  1 
ATOM   521  C CA  B THR A 1 92  ? -2.58622  2.88766   -8.91749  0.383 23.62289  ? 68  THR A CA  1 
ATOM   522  C C   A THR A 1 92  ? -2.67185  4.23939   -9.65051  0.617 23.92593  ? 68  THR A C   1 
ATOM   523  C C   B THR A 1 92  ? -2.52397  4.15772   -9.75226  0.383 25.47767  ? 68  THR A C   1 
ATOM   524  O O   A THR A 1 92  ? -2.03484  5.22921   -9.29254  0.617 30.03651  ? 68  THR A O   1 
ATOM   525  O O   B THR A 1 92  ? -1.77130  5.08837   -9.45822  0.383 29.08898  ? 68  THR A O   1 
ATOM   526  C CB  A THR A 1 92  ? -3.78386  3.17524   -7.67004  0.617 26.97089  ? 68  THR A CB  1 
ATOM   527  C CB  B THR A 1 92  ? -3.80747  2.91181   -8.00877  0.383 26.72542  ? 68  THR A CB  1 
ATOM   528  O OG1 A THR A 1 92  ? -3.75325  2.04587   -6.78645  0.617 30.51716  ? 68  THR A OG1 1 
ATOM   529  O OG1 B THR A 1 92  ? -3.59160  3.86528   -6.96788  0.383 25.95448  ? 68  THR A OG1 1 
ATOM   530  C CG2 A THR A 1 92  ? -5.18341  3.30204   -8.26755  0.617 24.93156  ? 68  THR A CG2 1 
ATOM   531  C CG2 B THR A 1 92  ? -4.02444  1.54279   -7.39061  0.383 28.39607  ? 68  THR A CG2 1 
ATOM   532  N N   . LYS A 1 93  ? -3.31976  4.17514   -10.81420 1.000 25.69107  ? 69  LYS A N   1 
ATOM   533  C CA  . LYS A 1 93  ? -3.35325  5.31230   -11.72072 1.000 25.45837  ? 69  LYS A CA  1 
ATOM   534  C C   . LYS A 1 93  ? -4.05890  6.48017   -11.04357 1.000 29.42222  ? 69  LYS A C   1 
ATOM   535  O O   . LYS A 1 93  ? -5.01328  6.29307   -10.29029 1.000 26.22791  ? 69  LYS A O   1 
ATOM   536  C CB  . LYS A 1 93  ? -4.07859  4.96723   -13.03854 1.000 26.72499  ? 69  LYS A CB  1 
ATOM   537  C CG  . LYS A 1 93  ? -3.40579  3.92838   -13.99376 1.000 38.94711  ? 69  LYS A CG  1 
ATOM   538  C CD  . LYS A 1 93  ? -4.20115  3.62099   -15.27176 1.000 70.59382  ? 69  LYS A CD  1 
ATOM   539  C CE  . LYS A 1 93  ? -3.45949  2.61356   -16.16036 1.000 69.58898  ? 69  LYS A CE  1 
ATOM   540  N NZ  . LYS A 1 93  ? -4.22028  2.28208   -17.39272 1.000 83.67419  ? 69  LYS A NZ  1 
ATOM   541  N N   A GLN A 1 94  ? -3.57248  7.69139   -11.31895 0.487 26.17631  ? 70  GLN A N   1 
ATOM   542  N N   B GLN A 1 94  ? -3.57269  7.69256   -11.31818 0.513 26.17346  ? 70  GLN A N   1 
ATOM   543  C CA  A GLN A 1 94  ? -4.11912  8.87450   -10.65911 0.487 29.72054  ? 70  GLN A CA  1 
ATOM   544  C CA  B GLN A 1 94  ? -4.12203  8.87194   -10.65081 0.513 29.71118  ? 70  GLN A CA  1 
ATOM   545  C C   A GLN A 1 94  ? -5.61747  9.06953   -10.88287 0.487 28.13776  ? 70  GLN A C   1 
ATOM   546  C C   B GLN A 1 94  ? -5.62018  9.06838   -10.88056 0.513 28.12432  ? 70  GLN A C   1 
ATOM   547  O O   A GLN A 1 94  ? -6.31669  9.38799   -9.90438  0.487 29.03472  ? 70  GLN A O   1 
ATOM   548  O O   B GLN A 1 94  ? -6.32238  9.38733   -9.90489  0.513 29.05159  ? 70  GLN A O   1 
ATOM   549  C CB  A GLN A 1 94  ? -3.33641  10.11842  -11.09627 0.487 32.45772  ? 70  GLN A CB  1 
ATOM   550  C CB  B GLN A 1 94  ? -3.33874  10.12396  -11.06767 0.513 32.45787  ? 70  GLN A CB  1 
ATOM   551  C CG  A GLN A 1 94  ? -1.96473  10.22312  -10.46640 0.487 34.02156  ? 70  GLN A CG  1 
ATOM   552  C CG  B GLN A 1 94  ? -3.81797  11.39881  -10.38499 0.513 34.14036  ? 70  GLN A CG  1 
ATOM   553  C CD  A GLN A 1 94  ? -1.36677  11.60588  -10.59595 0.487 40.05809  ? 70  GLN A CD  1 
ATOM   554  C CD  B GLN A 1 94  ? -2.70290  12.40404  -10.16119 0.513 42.12846  ? 70  GLN A CD  1 
ATOM   555  O OE1 A GLN A 1 94  ? -2.08323  12.60904  -10.59566 0.487 40.65794  ? 70  GLN A OE1 1 
ATOM   556  O OE1 B GLN A 1 94  ? -1.52279  12.06034  -10.21279 0.513 38.42002  ? 70  GLN A OE1 1 
ATOM   557  N NE2 A GLN A 1 94  ? -0.04422  11.66748  -10.71927 0.487 33.54853  ? 70  GLN A NE2 1 
ATOM   558  N NE2 B GLN A 1 94  ? -3.07438  13.65402  -9.90390  0.513 43.63615  ? 70  GLN A NE2 1 
ATOM   559  N N   . PRO A 1 95  ? -6.17041  8.91176   -12.09248 1.000 28.13965  ? 71  PRO A N   1 
ATOM   560  C CA  . PRO A 1 95  ? -7.63934  9.04645   -12.23133 1.000 27.03824  ? 71  PRO A CA  1 
ATOM   561  C C   . PRO A 1 95  ? -8.42707  8.02895   -11.41213 1.000 26.69242  ? 71  PRO A C   1 
ATOM   562  O O   . PRO A 1 95  ? -9.49298  8.34670   -10.82793 1.000 28.99499  ? 71  PRO A O   1 
ATOM   563  C CB  . PRO A 1 95  ? -7.86347  8.85147   -13.73984 1.000 31.29528  ? 71  PRO A CB  1 
ATOM   564  C CG  . PRO A 1 95  ? -6.56456  9.21920   -14.36945 1.000 30.55428  ? 71  PRO A CG  1 
ATOM   565  C CD  . PRO A 1 95  ? -5.51136  8.75690   -13.40596 1.000 29.93250  ? 71  PRO A CD  1 
ATOM   566  N N   . THR A 1 96  ? -7.89491  6.80150   -11.34064 1.000 25.07803  ? 72  THR A N   1 
ATOM   567  C CA  . THR A 1 96  ? -8.48960  5.76894   -10.50461 1.000 22.29917  ? 72  THR A CA  1 
ATOM   568  C C   . THR A 1 96  ? -8.46843  6.17507   -9.03893  1.000 23.48456  ? 72  THR A C   1 
ATOM   569  O O   . THR A 1 96  ? -9.47045  6.00851   -8.32806  1.000 22.74266  ? 72  THR A O   1 
ATOM   570  C CB  . THR A 1 96  ? -7.74607  4.44675   -10.69802 1.000 27.60937  ? 72  THR A CB  1 
ATOM   571  O OG1 . THR A 1 96  ? -7.81786  4.06539   -12.07842 1.000 28.52680  ? 72  THR A OG1 1 
ATOM   572  C CG2 . THR A 1 96  ? -8.36950  3.35703   -9.85433  1.000 25.90296  ? 72  THR A CG2 1 
ATOM   573  N N   . VAL A 1 97  ? -7.33305  6.71753   -8.57568  1.000 23.14824  ? 73  VAL A N   1 
ATOM   574  C CA  . VAL A 1 97  ? -7.22030  7.18606   -7.19324  1.000 22.30797  ? 73  VAL A CA  1 
ATOM   575  C C   . VAL A 1 97  ? -8.22897  8.28438   -6.92546  1.000 23.87321  ? 73  VAL A C   1 
ATOM   576  O O   . VAL A 1 97  ? -8.84760  8.32626   -5.85816  1.000 24.41334  ? 73  VAL A O   1 
ATOM   577  C CB  . VAL A 1 97  ? -5.79253  7.68268   -6.89836  1.000 23.80309  ? 73  VAL A CB  1 
ATOM   578  C CG1 . VAL A 1 97  ? -5.74521  8.41528   -5.55582  1.000 29.84504  ? 73  VAL A CG1 1 
ATOM   579  C CG2 . VAL A 1 97  ? -4.86944  6.53387   -6.85550  1.000 28.92675  ? 73  VAL A CG2 1 
ATOM   580  N N   . THR A 1 98  ? -8.38891  9.20843   -7.87208  1.000 25.72330  ? 74  THR A N   1 
ATOM   581  C CA  . THR A 1 98  ? -9.32214  10.30517  -7.64288  1.000 29.56977  ? 74  THR A CA  1 
ATOM   582  C C   . THR A 1 98  ? -10.75076 9.79316   -7.46201  1.000 24.82477  ? 74  THR A C   1 
ATOM   583  O O   . THR A 1 98  ? -11.46124 10.23453  -6.54946  1.000 25.45559  ? 74  THR A O   1 
ATOM   584  C CB  . THR A 1 98  ? -9.23110  11.31430  -8.78037  1.000 32.69330  ? 74  THR A CB  1 
ATOM   585  O OG1 . THR A 1 98  ? -7.93485  11.92301  -8.74197  1.000 36.34472  ? 74  THR A OG1 1 
ATOM   586  C CG2 . THR A 1 98  ? -10.28727 12.39763  -8.60880  1.000 35.11638  ? 74  THR A CG2 1 
ATOM   587  N N   A ARG A 1 99  ? -11.18201 8.84611   -8.30115  0.492 24.20188  ? 75  ARG A N   1 
ATOM   588  N N   B ARG A 1 99  ? -11.18156 8.84850   -8.30724  0.508 24.21637  ? 75  ARG A N   1 
ATOM   589  C CA  A ARG A 1 99  ? -12.52940 8.28832   -8.12930  0.492 21.67454  ? 75  ARG A CA  1 
ATOM   590  C CA  B ARG A 1 99  ? -12.52388 8.27335   -8.14018  0.508 21.64065  ? 75  ARG A CA  1 
ATOM   591  C C   A ARG A 1 99  ? -12.66814 7.54683   -6.79506  0.492 21.85701  ? 75  ARG A C   1 
ATOM   592  C C   B ARG A 1 99  ? -12.66558 7.54891   -6.79882  0.508 21.87998  ? 75  ARG A C   1 
ATOM   593  O O   A ARG A 1 99  ? -13.70120 7.65566   -6.09841  0.492 22.66375  ? 75  ARG A O   1 
ATOM   594  O O   B ARG A 1 99  ? -13.70041 7.66090   -6.10614  0.508 22.53076  ? 75  ARG A O   1 
ATOM   595  C CB  A ARG A 1 99  ? -12.85747 7.37694   -9.30904  0.492 24.49922  ? 75  ARG A CB  1 
ATOM   596  C CB  B ARG A 1 99  ? -12.82581 7.32989   -9.30332  0.508 24.42238  ? 75  ARG A CB  1 
ATOM   597  C CG  A ARG A 1 99  ? -13.14411 8.16233   -10.57852 0.492 28.85877  ? 75  ARG A CG  1 
ATOM   598  C CG  B ARG A 1 99  ? -13.02429 8.04960   -10.62768 0.508 29.37803  ? 75  ARG A CG  1 
ATOM   599  C CD  A ARG A 1 99  ? -13.22109 7.26867   -11.80297 0.492 34.40288  ? 75  ARG A CD  1 
ATOM   600  C CD  B ARG A 1 99  ? -13.33685 7.07044   -11.74994 0.508 34.47233  ? 75  ARG A CD  1 
ATOM   601  N NE  A ARG A 1 99  ? -13.82332 7.97029   -12.93179 0.492 35.01505  ? 75  ARG A NE  1 
ATOM   602  N NE  B ARG A 1 99  ? -12.13198 6.47603   -12.32315 0.508 35.87816  ? 75  ARG A NE  1 
ATOM   603  C CZ  A ARG A 1 99  ? -13.15889 8.77000   -13.75723 0.492 41.88216  ? 75  ARG A CZ  1 
ATOM   604  C CZ  B ARG A 1 99  ? -11.43722 7.00733   -13.32542 0.508 35.36806  ? 75  ARG A CZ  1 
ATOM   605  N NH1 A ARG A 1 99  ? -11.85936 8.96745   -13.58916 0.492 40.90437  ? 75  ARG A NH1 1 
ATOM   606  N NH1 B ARG A 1 99  ? -10.35572 6.39006   -13.78253 0.508 32.19353  ? 75  ARG A NH1 1 
ATOM   607  N NH2 A ARG A 1 99  ? -13.79419 9.36870   -14.75577 0.492 44.70942  ? 75  ARG A NH2 1 
ATOM   608  N NH2 B ARG A 1 99  ? -11.82226 8.15317   -13.87250 0.508 42.35269  ? 75  ARG A NH2 1 
ATOM   609  N N   . LEU A 1 100 ? -11.62241 6.80844   -6.41016  1.000 23.08100  ? 76  LEU A N   1 
ATOM   610  C CA  . LEU A 1 100 ? -11.63582 6.11534   -5.12902  1.000 20.62543  ? 76  LEU A CA  1 
ATOM   611  C C   . LEU A 1 100 ? -11.75824 7.09392   -3.97574  1.000 20.94755  ? 76  LEU A C   1 
ATOM   612  O O   . LEU A 1 100 ? -12.54086 6.87154   -3.04833  1.000 23.11633  ? 76  LEU A O   1 
ATOM   613  C CB  . LEU A 1 100 ? -10.35434 5.28450   -4.99565  1.000 23.84569  ? 76  LEU A CB  1 
ATOM   614  C CG  . LEU A 1 100 ? -10.12822 4.51571   -3.70638  1.000 26.57167  ? 76  LEU A CG  1 
ATOM   615  C CD1 . LEU A 1 100 ? -11.25856 3.53238   -3.42003  1.000 26.76496  ? 76  LEU A CD1 1 
ATOM   616  C CD2 . LEU A 1 100 ? -8.81985  3.76658   -3.81679  1.000 30.91235  ? 76  LEU A CD2 1 
ATOM   617  N N   . LEU A 1 101 ? -11.00841 8.19067   -4.03005  1.000 22.44559  ? 77  LEU A N   1 
ATOM   618  C CA  . LEU A 1 101 ? -11.09205 9.17740   -2.96446  1.000 22.75246  ? 77  LEU A CA  1 
ATOM   619  C C   . LEU A 1 101 ? -12.44871 9.86065   -2.95253  1.000 22.26171  ? 77  LEU A C   1 
ATOM   620  O O   . LEU A 1 101 ? -12.93599 10.21096  -1.87539  1.000 23.96150  ? 77  LEU A O   1 
ATOM   621  C CB  . LEU A 1 101 ? -9.98131  10.21531  -3.09871  1.000 24.36314  ? 77  LEU A CB  1 
ATOM   622  C CG  . LEU A 1 101 ? -8.56041  9.68295   -2.89938  1.000 23.62661  ? 77  LEU A CG  1 
ATOM   623  C CD1 . LEU A 1 101 ? -7.54672  10.80428  -3.14548  1.000 23.35562  ? 77  LEU A CD1 1 
ATOM   624  C CD2 . LEU A 1 101 ? -8.37337  9.05725   -1.51554  1.000 24.61307  ? 77  LEU A CD2 1 
ATOM   625  N N   . ASP A 1 102 ? -13.07674 10.04744  -4.11768  1.000 22.25999  ? 78  ASP A N   1 
ATOM   626  C CA  . ASP A 1 102 ? -14.42839 10.60982  -4.10808  1.000 24.05782  ? 78  ASP A CA  1 
ATOM   627  C C   . ASP A 1 102 ? -15.31543 9.77515   -3.20171  1.000 24.49983  ? 78  ASP A C   1 
ATOM   628  O O   . ASP A 1 102 ? -15.98937 10.29556  -2.28637  1.000 26.35613  ? 78  ASP A O   1 
ATOM   629  C CB  . ASP A 1 102 ? -15.02218 10.66448  -5.52967  1.000 23.75716  ? 78  ASP A CB  1 
ATOM   630  C CG  . ASP A 1 102 ? -14.35933 11.70671  -6.41419  1.000 26.89655  ? 78  ASP A CG  1 
ATOM   631  O OD1 . ASP A 1 102 ? -13.70777 12.62367  -5.87585  1.000 30.76166  ? 78  ASP A OD1 1 
ATOM   632  O OD2 . ASP A 1 102 ? -14.50205 11.60937  -7.65995  1.000 32.20151  ? 78  ASP A OD2 1 
ATOM   633  N N   . ARG A 1 103 ? -15.28861 8.45635   -3.40966  1.000 23.66443  ? 79  ARG A N   1 
ATOM   634  C CA  . ARG A 1 103 ? -16.19409 7.67744   -2.55371  1.000 25.75535  ? 79  ARG A CA  1 
ATOM   635  C C   . ARG A 1 103 ? -15.67983 7.48719   -1.11640  1.000 24.38052  ? 79  ARG A C   1 
ATOM   636  O O   . ARG A 1 103 ? -16.48984 7.43865   -0.18199  1.000 25.25297  ? 79  ARG A O   1 
ATOM   637  C CB  . ARG A 1 103 ? -16.53279 6.33483   -3.17642  1.000 27.99033  ? 79  ARG A CB  1 
ATOM   638  C CG  . ARG A 1 103 ? -15.38219 5.54275   -3.66691  1.000 29.67373  ? 79  ARG A CG  1 
ATOM   639  C CD  . ARG A 1 103 ? -15.98364 4.41780   -4.45282  1.000 27.32797  ? 79  ARG A CD  1 
ATOM   640  N NE  . ARG A 1 103 ? -15.00171 3.61508   -5.15342  1.000 30.97980  ? 79  ARG A NE  1 
ATOM   641  C CZ  . ARG A 1 103 ? -14.38958 2.56582   -4.63029  1.000 30.71007  ? 79  ARG A CZ  1 
ATOM   642  N NH1 . ARG A 1 103 ? -14.64548 2.20033   -3.37780  1.000 32.66938  ? 79  ARG A NH1 1 
ATOM   643  N NH2 . ARG A 1 103 ? -13.53936 1.88260   -5.37944  1.000 35.89662  ? 79  ARG A NH2 1 
ATOM   644  N N   . MET A 1 104 ? -14.37012 7.37775   -0.89841  1.000 23.08449  ? 80  MET A N   1 
ATOM   645  C CA  . MET A 1 104 ? -13.88481 7.22047   0.47221   1.000 20.90590  ? 80  MET A CA  1 
ATOM   646  C C   . MET A 1 104 ? -14.07730 8.49351   1.28672   1.000 25.43229  ? 80  MET A C   1 
ATOM   647  O O   . MET A 1 104 ? -14.28453 8.42225   2.50457   1.000 24.86413  ? 80  MET A O   1 
ATOM   648  C CB  . MET A 1 104 ? -12.40993 6.82532   0.48187   1.000 22.44091  ? 80  MET A CB  1 
ATOM   649  C CG  . MET A 1 104 ? -12.14859 5.45057   -0.16550  1.000 24.27403  ? 80  MET A CG  1 
ATOM   650  S SD  . MET A 1 104 ? -10.39966 4.95745   -0.15670  1.000 24.97505  ? 80  MET A SD  1 
ATOM   651  C CE  . MET A 1 104 ? -10.16415 4.63321   1.58490   1.000 25.34993  ? 80  MET A CE  1 
ATOM   652  N N   . GLU A 1 105 ? -14.00420 9.65902   0.63784   1.000 22.44122  ? 81  GLU A N   1 
ATOM   653  C CA  . GLU A 1 105 ? -14.29385 10.91783  1.31847   1.000 23.44056  ? 81  GLU A CA  1 
ATOM   654  C C   . GLU A 1 105 ? -15.77409 11.04083  1.63404   1.000 26.40292  ? 81  GLU A C   1 
ATOM   655  O O   . GLU A 1 105 ? -16.14538 11.53842  2.70944   1.000 25.46931  ? 81  GLU A O   1 
ATOM   656  C CB  . GLU A 1 105 ? -13.82357 12.09195  0.45556   1.000 26.32279  ? 81  GLU A CB  1 
ATOM   657  C CG  . GLU A 1 105 ? -13.83421 13.43024  1.17913   1.000 31.70149  ? 81  GLU A CG  1 
ATOM   658  C CD  . GLU A 1 105 ? -12.97655 14.47366  0.48833   1.000 36.04689  ? 81  GLU A CD  1 
ATOM   659  O OE1 . GLU A 1 105 ? -12.78171 14.37855  -0.74407  1.000 38.82704  ? 81  GLU A OE1 1 
ATOM   660  O OE2 . GLU A 1 105 ? -12.48589 15.37997  1.18831   1.000 34.46908  ? 81  GLU A OE2 1 
ATOM   661  N N   . ALA A 1 106 ? -16.63612 10.59814  0.70807   1.000 24.58067  ? 82  ALA A N   1 
ATOM   662  C CA  . ALA A 1 106 ? -18.06594 10.55111  1.00013   1.000 26.19736  ? 82  ALA A CA  1 
ATOM   663  C C   . ALA A 1 106 ? -18.35541 9.74617   2.26477   1.000 27.48763  ? 82  ALA A C   1 
ATOM   664  O O   . ALA A 1 106 ? -19.26038 10.08884  3.03669   1.000 31.49499  ? 82  ALA A O   1 
ATOM   665  C CB  . ALA A 1 106 ? -18.81259 9.96501   -0.19947  1.000 27.07641  ? 82  ALA A CB  1 
ATOM   666  N N   . ARG A 1 107 ? -17.60176 8.66481   2.49137   1.000 25.68115  ? 83  ARG A N   1 
ATOM   667  C CA  . ARG A 1 107 ? -17.77325 7.80033   3.65303   1.000 26.07605  ? 83  ARG A CA  1 
ATOM   668  C C   . ARG A 1 107 ? -16.98978 8.28495   4.86695   1.000 27.68565  ? 83  ARG A C   1 
ATOM   669  O O   . ARG A 1 107 ? -17.00422 7.60698   5.90309   1.000 29.23170  ? 83  ARG A O   1 
ATOM   670  C CB  . ARG A 1 107 ? -17.36067 6.36112   3.32231   1.000 30.56150  ? 83  ARG A CB  1 
ATOM   671  C CG  . ARG A 1 107 ? -18.26474 5.67883   2.28902   1.000 30.89224  ? 83  ARG A CG  1 
ATOM   672  C CD  . ARG A 1 107 ? -17.73844 4.30251   1.90610   1.000 31.99793  ? 83  ARG A CD  1 
ATOM   673  N NE  . ARG A 1 107 ? -17.66578 3.40591   3.05653   1.000 38.31466  ? 83  ARG A NE  1 
ATOM   674  C CZ  . ARG A 1 107 ? -17.22251 2.15705   2.99555   1.000 59.71905  ? 83  ARG A CZ  1 
ATOM   675  N NH1 . ARG A 1 107 ? -16.81774 1.65257   1.83438   1.000 61.87458  ? 83  ARG A NH1 1 
ATOM   676  N NH2 . ARG A 1 107 ? -17.18482 1.41259   4.09303   1.000 48.56009  ? 83  ARG A NH2 1 
ATOM   677  N N   . GLY A 1 108 ? -16.30066 9.41848   4.75381   1.000 27.67420  ? 84  GLY A N   1 
ATOM   678  C CA  . GLY A 1 108 ? -15.61781 10.00640  5.88967   1.000 26.07339  ? 84  GLY A CA  1 
ATOM   679  C C   . GLY A 1 108 ? -14.34892 9.30648   6.30259   1.000 30.76475  ? 84  GLY A C   1 
ATOM   680  O O   . GLY A 1 108 ? -13.88162 9.51192   7.42510   1.000 28.65173  ? 84  GLY A O   1 
ATOM   681  N N   . GLN A 1 109 ? -13.77379 8.47965   5.42968   1.000 24.96380  ? 85  GLN A N   1 
ATOM   682  C CA  . GLN A 1 109 ? -12.56311 7.73748   5.75759   1.000 22.92909  ? 85  GLN A CA  1 
ATOM   683  C C   . GLN A 1 109 ? -11.28787 8.49061   5.43288   1.000 21.01578  ? 85  GLN A C   1 
ATOM   684  O O   . GLN A 1 109 ? -10.23674 8.16720   5.99606   1.000 24.81564  ? 85  GLN A O   1 
ATOM   685  C CB  . GLN A 1 109 ? -12.52984 6.40341   4.99990   1.000 25.41606  ? 85  GLN A CB  1 
ATOM   686  C CG  . GLN A 1 109 ? -13.69700 5.50197   5.28345   1.000 30.39145  ? 85  GLN A CG  1 
ATOM   687  C CD  . GLN A 1 109 ? -13.79293 4.38225   4.27061   1.000 38.95501  ? 85  GLN A CD  1 
ATOM   688  O OE1 . GLN A 1 109 ? -13.55845 4.59098   3.07612   1.000 35.57909  ? 85  GLN A OE1 1 
ATOM   689  N NE2 . GLN A 1 109 ? -14.10469 3.18091   4.74328   1.000 38.95233  ? 85  GLN A NE2 1 
ATOM   690  N N   . VAL A 1 110 ? -11.35334 9.44788   4.50245   1.000 22.13358  ? 86  VAL A N   1 
ATOM   691  C CA  . VAL A 1 110 ? -10.22512 10.26848  4.08848   1.000 23.13325  ? 86  VAL A CA  1 
ATOM   692  C C   . VAL A 1 110 ? -10.73656 11.68944  3.90964   1.000 27.60226  ? 86  VAL A C   1 
ATOM   693  O O   . VAL A 1 110 ? -11.94454 11.94512  3.84984   1.000 28.51251  ? 86  VAL A O   1 
ATOM   694  C CB  . VAL A 1 110 ? -9.56383  9.78456   2.76951   1.000 24.53718  ? 86  VAL A CB  1 
ATOM   695  C CG1 . VAL A 1 110 ? -9.07624  8.36108   2.91343   1.000 25.09196  ? 86  VAL A CG1 1 
ATOM   696  C CG2 . VAL A 1 110 ? -10.53968 9.90316   1.60003   1.000 23.76525  ? 86  VAL A CG2 1 
ATOM   697  N N   . GLU A 1 111 ? -9.78787  12.61144  3.79524   1.000 28.09320  ? 87  GLU A N   1 
ATOM   698  C CA  . GLU A 1 111 ? -10.10131 14.01047  3.53600   1.000 31.55942  ? 87  GLU A CA  1 
ATOM   699  C C   . GLU A 1 111 ? -9.08143  14.58919  2.57258   1.000 30.50651  ? 87  GLU A C   1 
ATOM   700  O O   . GLU A 1 111 ? -7.86992  14.40819  2.76534   1.000 30.90505  ? 87  GLU A O   1 
ATOM   701  C CB  . GLU A 1 111 ? -10.11584 14.83461  4.82466   1.000 30.25016  ? 87  GLU A CB  1 
ATOM   702  C CG  . GLU A 1 111 ? -10.69138 16.23210  4.59827   1.000 35.37878  ? 87  GLU A CG  1 
ATOM   703  C CD  . GLU A 1 111 ? -10.35730 17.21920  5.69993   1.000 43.58534  ? 87  GLU A CD  1 
ATOM   704  O OE1 . GLU A 1 111 ? -9.55261  16.88924  6.58653   1.000 35.44559  ? 87  GLU A OE1 1 
ATOM   705  O OE2 . GLU A 1 111 ? -10.90643 18.34148  5.67431   1.000 59.36571  ? 87  GLU A OE2 1 
ATOM   706  N N   . ARG A 1 112 ? -9.58053  15.27374  1.53971   1.000 29.17687  ? 88  ARG A N   1 
ATOM   707  C CA  . ARG A 1 112 ? -8.73804  16.03256  0.63138   1.000 27.86965  ? 88  ARG A CA  1 
ATOM   708  C C   . ARG A 1 112 ? -8.67261  17.48500  1.09581   1.000 43.95106  ? 88  ARG A C   1 
ATOM   709  O O   . ARG A 1 112 ? -9.65694  18.03435  1.60239   1.000 38.17234  ? 88  ARG A O   1 
ATOM   710  C CB  . ARG A 1 112 ? -9.25500  15.93924  -0.80512  1.000 32.53214  ? 88  ARG A CB  1 
ATOM   711  C CG  . ARG A 1 112 ? -8.72549  14.70347  -1.53758  1.000 35.14965  ? 88  ARG A CG  1 
ATOM   712  C CD  . ARG A 1 112 ? -9.38946  14.49382  -2.87828  1.000 30.44814  ? 88  ARG A CD  1 
ATOM   713  N NE  . ARG A 1 112 ? -10.80887 14.19423  -2.71841  1.000 35.61306  ? 88  ARG A NE  1 
ATOM   714  C CZ  . ARG A 1 112 ? -11.57574 13.66588  -3.66324  1.000 27.85107  ? 88  ARG A CZ  1 
ATOM   715  N NH1 . ARG A 1 112 ? -11.06026 13.36900  -4.84887  1.000 36.72557  ? 88  ARG A NH1 1 
ATOM   716  N NH2 . ARG A 1 112 ? -12.85519 13.43417  -3.41740  1.000 34.10702  ? 88  ARG A NH2 1 
ATOM   717  N N   . LEU A 1 113 ? -7.49724  18.08662  0.93785   1.000 38.35000  ? 89  LEU A N   1 
ATOM   718  C CA  . LEU A 1 113 ? -7.15526  19.40050  1.46877   1.000 45.47060  ? 89  LEU A CA  1 
ATOM   719  C C   . LEU A 1 113 ? -6.37586  20.18069  0.42447   1.000 49.31532  ? 89  LEU A C   1 
ATOM   720  O O   . LEU A 1 113 ? -5.67966  19.58619  -0.40647  1.000 42.87675  ? 89  LEU A O   1 
ATOM   721  C CB  . LEU A 1 113 ? -6.29722  19.29227  2.73791   1.000 51.35542  ? 89  LEU A CB  1 
ATOM   722  C CG  . LEU A 1 113 ? -6.79054  18.40664  3.87240   1.000 48.66446  ? 89  LEU A CG  1 
ATOM   723  C CD1 . LEU A 1 113 ? -5.60927  17.92162  4.68110   1.000 40.35281  ? 89  LEU A CD1 1 
ATOM   724  C CD2 . LEU A 1 113 ? -7.75134  19.19037  4.73835   1.000 50.80467  ? 89  LEU A CD2 1 
ATOM   725  N N   . PRO A 1 114 ? -6.44838  21.51001  0.45391   1.000 64.82076  ? 90  PRO A N   1 
ATOM   726  C CA  . PRO A 1 114 ? -5.60027  22.29620  -0.44641  1.000 58.54846  ? 90  PRO A CA  1 
ATOM   727  C C   . PRO A 1 114 ? -4.15598  22.27177  0.02475   1.000 55.70579  ? 90  PRO A C   1 
ATOM   728  O O   . PRO A 1 114 ? -3.87571  22.26880  1.22539   1.000 52.55301  ? 90  PRO A O   1 
ATOM   729  C CB  . PRO A 1 114 ? -6.19914  23.70264  -0.35400  1.000 58.68393  ? 90  PRO A CB  1 
ATOM   730  C CG  . PRO A 1 114 ? -6.73832  23.76270  1.03753   1.000 51.75772  ? 90  PRO A CG  1 
ATOM   731  C CD  . PRO A 1 114 ? -7.25475  22.37087  1.33860   1.000 57.45832  ? 90  PRO A CD  1 
ATOM   732  N N   . HIS A 1 115 ? -3.23545  22.22490  -0.93432  1.000 60.70997  ? 91  HIS A N   1 
ATOM   733  C CA  . HIS A 1 115 ? -1.83113  22.42773  -0.60788  1.000 72.09186  ? 91  HIS A CA  1 
ATOM   734  C C   . HIS A 1 115 ? -1.62501  23.87747  -0.19032  1.000 84.32368  ? 91  HIS A C   1 
ATOM   735  O O   . HIS A 1 115 ? -2.24387  24.79289  -0.74078  1.000 80.23968  ? 91  HIS A O   1 
ATOM   736  C CB  . HIS A 1 115 ? -0.94303  22.07416  -1.80098  1.000 77.38481  ? 91  HIS A CB  1 
ATOM   737  C CG  . HIS A 1 115 ? 0.52399   22.06178  -1.49253  1.000 88.25120  ? 91  HIS A CG  1 
ATOM   738  N ND1 . HIS A 1 115 ? 1.02214   21.98165  -0.20943  1.000 98.79677  ? 91  HIS A ND1 1 
ATOM   739  C CD2 . HIS A 1 115 ? 1.60277   22.13151  -2.30876  1.000 90.70382  ? 91  HIS A CD2 1 
ATOM   740  C CE1 . HIS A 1 115 ? 2.34305   21.99506  -0.24849  1.000 90.29472  ? 91  HIS A CE1 1 
ATOM   741  N NE2 . HIS A 1 115 ? 2.72045   22.08729  -1.51145  1.000 94.18795  ? 91  HIS A NE2 1 
ATOM   742  N N   . GLU A 1 116 ? -0.75779  24.08051  0.80171   1.000 81.41800  ? 92  GLU A N   1 
ATOM   743  C CA  . GLU A 1 116 ? -0.62020  25.39812  1.41167   1.000 94.68574  ? 92  GLU A CA  1 
ATOM   744  C C   . GLU A 1 116 ? -0.09375  26.43651  0.42681   1.000 91.44749  ? 92  GLU A C   1 
ATOM   745  O O   . GLU A 1 116 ? -0.44598  27.61724  0.52950   1.000 86.81065  ? 92  GLU A O   1 
ATOM   746  C CB  . GLU A 1 116 ? 0.29055   25.31688  2.64092   1.000 90.31229  ? 92  GLU A CB  1 
ATOM   747  C CG  . GLU A 1 116 ? -0.09809  24.23503  3.65155   1.000 104.46521 ? 92  GLU A CG  1 
ATOM   748  C CD  . GLU A 1 116 ? 0.33286   22.83840  3.23396   1.000 106.35732 ? 92  GLU A CD  1 
ATOM   749  O OE1 . GLU A 1 116 ? -0.24513  21.85501  3.74440   1.000 101.44740 ? 92  GLU A OE1 1 
ATOM   750  O OE2 . GLU A 1 116 ? 1.25092   22.72536  2.39521   1.000 104.40115 ? 92  GLU A OE2 1 
ATOM   751  N N   . SER A 1 117 ? 0.73300   26.02373  -0.53199  1.000 86.13955  ? 93  SER A N   1 
ATOM   752  C CA  . SER A 1 117 ? 1.36091   26.94513  -1.46971  1.000 82.45328  ? 93  SER A CA  1 
ATOM   753  C C   . SER A 1 117 ? 0.84281   26.76147  -2.88900  1.000 82.64990  ? 93  SER A C   1 
ATOM   754  O O   . SER A 1 117 ? 0.22084   27.67098  -3.44430  1.000 81.48558  ? 93  SER A O   1 
ATOM   755  C CB  . SER A 1 117 ? 2.88123   26.76275  -1.44607  1.000 92.58947  ? 93  SER A CB  1 
ATOM   756  O OG  . SER A 1 117 ? 3.36650   26.70584  -0.11985  1.000 94.12540  ? 93  SER A OG  1 
ATOM   757  N N   . ASP A 1 118 ? 1.10025   25.60887  -3.50427  1.000 88.36107  ? 94  ASP A N   1 
ATOM   758  C CA  . ASP A 1 118 ? 0.70373   25.37231  -4.88906  1.000 90.13119  ? 94  ASP A CA  1 
ATOM   759  C C   . ASP A 1 118 ? -0.73765  24.88074  -4.94098  1.000 85.70141  ? 94  ASP A C   1 
ATOM   760  O O   . ASP A 1 118 ? -1.11968  24.00795  -4.15708  1.000 81.55926  ? 94  ASP A O   1 
ATOM   761  C CB  . ASP A 1 118 ? 1.62318   24.35115  -5.55935  1.000 83.81298  ? 94  ASP A CB  1 
ATOM   762  C CG  . ASP A 1 118 ? 1.27091   24.12693  -7.02765  1.000 96.64011  ? 94  ASP A CG  1 
ATOM   763  O OD1 . ASP A 1 118 ? 1.96665   23.33744  -7.69304  1.000 94.50009  ? 94  ASP A OD1 1 
ATOM   764  O OD2 . ASP A 1 118 ? 0.29924   24.74109  -7.52902  1.000 99.85476  ? 94  ASP A OD2 1 
ATOM   765  N N   . ARG A 1 119 ? -1.53593  25.41859  -5.88011  1.000 84.20674  ? 95  ARG A N   1 
ATOM   766  C CA  . ARG A 1 119 ? -2.93971  25.02646  -5.93003  1.000 77.28508  ? 95  ARG A CA  1 
ATOM   767  C C   . ARG A 1 119 ? -3.18341  23.92562  -6.94961  1.000 78.19798  ? 95  ARG A C   1 
ATOM   768  O O   . ARG A 1 119 ? -4.22291  23.25467  -6.90488  1.000 77.48411  ? 95  ARG A O   1 
ATOM   769  C CB  . ARG A 1 119 ? -3.87210  26.23782  -6.19072  1.000 87.59850  ? 95  ARG A CB  1 
ATOM   770  C CG  . ARG A 1 119 ? -5.18643  25.73481  -5.80126  1.000 102.34332 ? 95  ARG A CG  1 
ATOM   771  C CD  . ARG A 1 119 ? -6.00042  26.67569  -5.06964  1.000 117.00640 ? 95  ARG A CD  1 
ATOM   772  N NE  . ARG A 1 119 ? -7.22333  26.00161  -4.57714  1.000 125.64650 ? 95  ARG A NE  1 
ATOM   773  C CZ  . ARG A 1 119 ? -7.32731  24.81112  -3.93622  1.000 130.60954 ? 95  ARG A CZ  1 
ATOM   774  N NH1 . ARG A 1 119 ? -6.28413  23.96087  -3.77296  1.000 119.35858 ? 95  ARG A NH1 1 
ATOM   775  N NH2 . ARG A 1 119 ? -8.50995  24.40559  -3.48706  1.000 124.28431 ? 95  ARG A NH2 1 
ATOM   776  N N   . ARG A 1 120 ? -2.25098  23.71380  -7.85671  1.000 87.27095  ? 96  ARG A N   1 
ATOM   777  C CA  . ARG A 1 120 ? -2.34663  22.53696  -8.69343  1.000 91.30628  ? 96  ARG A CA  1 
ATOM   778  C C   . ARG A 1 120 ? -2.22959  21.24413  -7.89217  1.000 82.61423  ? 96  ARG A C   1 
ATOM   779  O O   . ARG A 1 120 ? -2.27225  20.16469  -8.49016  1.000 74.57682  ? 96  ARG A O   1 
ATOM   780  C CB  . ARG A 1 120 ? -1.25987  22.62248  -9.75588  1.000 84.03960  ? 96  ARG A CB  1 
ATOM   781  C CG  . ARG A 1 120 ? -1.29027  23.93783  -10.51256 1.000 89.79972  ? 96  ARG A CG  1 
ATOM   782  C CD  . ARG A 1 120 ? -0.96550  23.69761  -11.96679 1.000 103.38008 ? 96  ARG A CD  1 
ATOM   783  N NE  . ARG A 1 120 ? -1.78222  24.50122  -12.86979 1.000 100.03114 ? 96  ARG A NE  1 
ATOM   784  C CZ  . ARG A 1 120 ? -1.44841  24.77248  -14.12623 1.000 93.82417  ? 96  ARG A CZ  1 
ATOM   785  N NH1 . ARG A 1 120 ? -0.31136  24.30577  -14.62549 1.000 86.60108  ? 96  ARG A NH1 1 
ATOM   786  N NH2 . ARG A 1 120 ? -2.24818  25.50951  -14.88366 1.000 99.67298  ? 96  ARG A NH2 1 
ATOM   787  N N   . ILE A 1 121 ? -2.09963  21.32671  -6.56776  1.000 73.51380  ? 97  ILE A N   1 
ATOM   788  C CA  . ILE A 1 121 ? -1.78305  20.18764  -5.71573  1.000 69.08623  ? 97  ILE A CA  1 
ATOM   789  C C   . ILE A 1 121 ? -2.88693  20.02164  -4.68246  1.000 69.04852  ? 97  ILE A C   1 
ATOM   790  O O   . ILE A 1 121 ? -3.17494  20.94746  -3.91335  1.000 64.49485  ? 97  ILE A O   1 
ATOM   791  C CB  . ILE A 1 121 ? -0.42330  20.35774  -5.02335  1.000 67.88061  ? 97  ILE A CB  1 
ATOM   792  C CG1 . ILE A 1 121 ? 0.65313   20.70300  -6.05784  1.000 75.95655  ? 97  ILE A CG1 1 
ATOM   793  C CG2 . ILE A 1 121 ? -0.07274  19.10197  -4.23326  1.000 53.16955  ? 97  ILE A CG2 1 
ATOM   794  C CD1 . ILE A 1 121 ? 2.05934   20.33959  -5.63972  1.000 84.83931  ? 97  ILE A CD1 1 
ATOM   795  N N   . THR A 1 122 ? -3.49351  18.84180  -4.66283  1.000 54.35230  ? 98  THR A N   1 
ATOM   796  C CA  . THR A 1 122 ? -4.41268  18.43892  -3.61097  1.000 46.71685  ? 98  THR A CA  1 
ATOM   797  C C   . THR A 1 122 ? -3.70255  17.45234  -2.69638  1.000 40.28591  ? 98  THR A C   1 
ATOM   798  O O   . THR A 1 122 ? -3.07787  16.49979  -3.17379  1.000 40.01294  ? 98  THR A O   1 
ATOM   799  C CB  . THR A 1 122 ? -5.67034  17.79910  -4.20164  1.000 42.46947  ? 98  THR A CB  1 
ATOM   800  O OG1 . THR A 1 122 ? -6.26346  18.68907  -5.15682  1.000 44.44760  ? 98  THR A OG1 1 
ATOM   801  C CG2 . THR A 1 122 ? -6.67608  17.47238  -3.11037  1.000 36.15451  ? 98  THR A CG2 1 
ATOM   802  N N   . LEU A 1 123 ? -3.76794  17.69868  -1.39160  1.000 35.91855  ? 99  LEU A N   1 
ATOM   803  C CA  . LEU A 1 123 ? -3.26372  16.76345  -0.40306  1.000 33.97186  ? 99  LEU A CA  1 
ATOM   804  C C   . LEU A 1 123 ? -4.39480  15.85432  0.06253   1.000 28.26968  ? 99  LEU A C   1 
ATOM   805  O O   . LEU A 1 123 ? -5.57521  16.17833  -0.07272  1.000 32.02145  ? 99  LEU A O   1 
ATOM   806  C CB  . LEU A 1 123 ? -2.66647  17.50327  0.79523   1.000 34.00488  ? 99  LEU A CB  1 
ATOM   807  C CG  . LEU A 1 123 ? -1.53929  18.48611  0.49581   1.000 43.54895  ? 99  LEU A CG  1 
ATOM   808  C CD1 . LEU A 1 123 ? -1.02726  19.11437  1.77957   1.000 46.04696  ? 99  LEU A CD1 1 
ATOM   809  C CD2 . LEU A 1 123 ? -0.41784  17.78885  -0.25238  1.000 41.58383  ? 99  LEU A CD2 1 
ATOM   810  N N   . VAL A 1 124 ? -4.02748  14.70957  0.63698   1.000 28.26373  ? 100 VAL A N   1 
ATOM   811  C CA  . VAL A 1 124 ? -5.02467  13.79768  1.18240   1.000 28.06910  ? 100 VAL A CA  1 
ATOM   812  C C   . VAL A 1 124 ? -4.48775  13.19692  2.47580   1.000 24.34209  ? 100 VAL A C   1 
ATOM   813  O O   . VAL A 1 124 ? -3.28102  12.97981  2.62729   1.000 27.91098  ? 100 VAL A O   1 
ATOM   814  C CB  . VAL A 1 124 ? -5.40212  12.70162  0.15520   1.000 27.81969  ? 100 VAL A CB  1 
ATOM   815  C CG1 . VAL A 1 124 ? -4.19303  11.87670  -0.21171  1.000 31.38664  ? 100 VAL A CG1 1 
ATOM   816  C CG2 . VAL A 1 124 ? -6.55439  11.81581  0.66415   1.000 29.22039  ? 100 VAL A CG2 1 
ATOM   817  N N   A ARG A 1 125 ? -5.40351  12.93189  3.41053   0.573 25.74194  ? 101 ARG A N   1 
ATOM   818  N N   B ARG A 1 125 ? -5.40132  12.94317  3.41478   0.427 25.72588  ? 101 ARG A N   1 
ATOM   819  C CA  A ARG A 1 125 ? -5.07943  12.33576  4.69766   0.573 24.35220  ? 101 ARG A CA  1 
ATOM   820  C CA  B ARG A 1 125 ? -5.07697  12.33831  4.69834   0.427 24.37148  ? 101 ARG A CA  1 
ATOM   821  C C   A ARG A 1 125 ? -6.15684  11.32860  5.07952   0.573 24.09680  ? 101 ARG A C   1 
ATOM   822  C C   B ARG A 1 125 ? -6.14457  11.31339  5.05263   0.427 24.19103  ? 101 ARG A C   1 
ATOM   823  O O   A ARG A 1 125 ? -7.28809  11.38316  4.58849   0.573 25.16753  ? 101 ARG A O   1 
ATOM   824  O O   B ARG A 1 125 ? -7.26208  11.34433  4.52709   0.427 25.10261  ? 101 ARG A O   1 
ATOM   825  C CB  A ARG A 1 125 ? -4.95666  13.40041  5.79973   0.573 27.43622  ? 101 ARG A CB  1 
ATOM   826  C CB  B ARG A 1 125 ? -5.00295  13.38237  5.82128   0.427 27.32963  ? 101 ARG A CB  1 
ATOM   827  C CG  A ARG A 1 125 ? -6.14605  14.35061  5.86273   0.573 25.57630  ? 101 ARG A CG  1 
ATOM   828  C CG  B ARG A 1 125 ? -6.38422  13.82037  6.27346   0.427 25.01143  ? 101 ARG A CG  1 
ATOM   829  C CD  A ARG A 1 125 ? -6.02091  15.28513  7.07045   0.573 25.24551  ? 101 ARG A CD  1 
ATOM   830  C CD  B ARG A 1 125 ? -6.34901  14.87191  7.36053   0.427 29.83833  ? 101 ARG A CD  1 
ATOM   831  N NE  A ARG A 1 125 ? -6.07442  14.56756  8.34562   0.573 27.76663  ? 101 ARG A NE  1 
ATOM   832  N NE  B ARG A 1 125 ? -7.69482  15.38516  7.56801   0.427 25.90230  ? 101 ARG A NE  1 
ATOM   833  C CZ  A ARG A 1 125 ? -7.18939  14.37634  9.04707   0.573 21.47422  ? 101 ARG A CZ  1 
ATOM   834  C CZ  B ARG A 1 125 ? -8.53622  14.95237  8.50157   0.427 28.34955  ? 101 ARG A CZ  1 
ATOM   835  N NH1 A ARG A 1 125 ? -7.15282  13.71909  10.19375  0.573 25.38342  ? 101 ARG A NH1 1 
ATOM   836  N NH1 B ARG A 1 125 ? -8.17975  14.00534  9.36382   0.427 22.17914  ? 101 ARG A NH1 1 
ATOM   837  N NH2 A ARG A 1 125 ? -8.34587  14.84224  8.59815   0.573 27.92472  ? 101 ARG A NH2 1 
ATOM   838  N NH2 B ARG A 1 125 ? -9.74385  15.48718  8.57678   0.427 29.77560  ? 101 ARG A NH2 1 
ATOM   839  N N   . ILE A 1 126 ? -5.79763  10.41538  5.97558   1.000 22.96767  ? 102 ILE A N   1 
ATOM   840  C CA  . ILE A 1 126 ? -6.76523  9.50575   6.57857   1.000 23.30437  ? 102 ILE A CA  1 
ATOM   841  C C   . ILE A 1 126 ? -7.42157  10.23772  7.74490   1.000 24.77063  ? 102 ILE A C   1 
ATOM   842  O O   . ILE A 1 126 ? -6.77952  11.04691  8.42582   1.000 29.23371  ? 102 ILE A O   1 
ATOM   843  C CB  . ILE A 1 126 ? -6.10119  8.18487   7.03143   1.000 23.69051  ? 102 ILE A CB  1 
ATOM   844  C CG1 . ILE A 1 126 ? -7.14853  7.10583   7.34334   1.000 26.89682  ? 102 ILE A CG1 1 
ATOM   845  C CG2 . ILE A 1 126 ? -5.16489  8.40963   8.22157   1.000 28.44498  ? 102 ILE A CG2 1 
ATOM   846  C CD1 . ILE A 1 126 ? -6.55774  5.70291   7.60665   1.000 25.39683  ? 102 ILE A CD1 1 
ATOM   847  N N   . THR A 1 127 ? -8.70652  9.99585   7.94760   1.000 23.77752  ? 103 THR A N   1 
ATOM   848  C CA  . THR A 1 127 ? -9.39763  10.56146  9.10381   1.000 24.86173  ? 103 THR A CA  1 
ATOM   849  C C   . THR A 1 127 ? -9.31384  9.61587   10.29119  1.000 25.43788  ? 103 THR A C   1 
ATOM   850  O O   . THR A 1 127 ? -8.91146  8.46694   10.16918  1.000 26.22252  ? 103 THR A O   1 
ATOM   851  C CB  . THR A 1 127 ? -10.86550 10.80585  8.78869   1.000 23.05518  ? 103 THR A CB  1 
ATOM   852  O OG1 . THR A 1 127 ? -11.50294 9.52822   8.63311   1.000 24.85031  ? 103 THR A OG1 1 
ATOM   853  C CG2 . THR A 1 127 ? -11.02545 11.65549  7.56567   1.000 25.34371  ? 103 THR A CG2 1 
ATOM   854  N N   . ARG A 1 128 ? -9.74918  10.09047  11.46878  1.000 23.49321  ? 104 ARG A N   1 
ATOM   855  C CA  . ARG A 1 128 ? -9.79866  9.18177   12.60780  1.000 24.43735  ? 104 ARG A CA  1 
ATOM   856  C C   . ARG A 1 128 ? -10.74122 8.01455   12.35207  1.000 26.86485  ? 104 ARG A C   1 
ATOM   857  O O   . ARG A 1 128 ? -10.45992 6.88802   12.76202  1.000 26.47839  ? 104 ARG A O   1 
ATOM   858  C CB  . ARG A 1 128 ? -10.22131 9.92736   13.88150  1.000 30.57208  ? 104 ARG A CB  1 
ATOM   859  C CG  . ARG A 1 128 ? -10.36013 8.98972   15.08092  1.000 31.61484  ? 104 ARG A CG  1 
ATOM   860  C CD  . ARG A 1 128 ? -10.95735 9.70223   16.27811  1.000 39.41830  ? 104 ARG A CD  1 
ATOM   861  N NE  . ARG A 1 128 ? -11.21038 8.82344   17.41784  1.000 35.59822  ? 104 ARG A NE  1 
ATOM   862  C CZ  . ARG A 1 128 ? -12.29501 8.06755   17.56502  1.000 35.64740  ? 104 ARG A CZ  1 
ATOM   863  N NH1 . ARG A 1 128 ? -13.24906 8.07163   16.64482  1.000 42.46316  ? 104 ARG A NH1 1 
ATOM   864  N NH2 . ARG A 1 128 ? -12.42850 7.30500   18.64070  1.000 46.75662  ? 104 ARG A NH2 1 
ATOM   865  N N   . LYS A 1 129 ? -11.87569 8.26384   11.69364  1.000 25.07225  ? 105 LYS A N   1 
ATOM   866  C CA  . LYS A 1 129 ? -12.78996 7.17775   11.35753  1.000 24.59144  ? 105 LYS A CA  1 
ATOM   867  C C   . LYS A 1 129 ? -12.08567 6.12153   10.50699  1.000 24.40361  ? 105 LYS A C   1 
ATOM   868  O O   . LYS A 1 129 ? -12.19168 4.92157   10.77911  1.000 28.89001  ? 105 LYS A O   1 
ATOM   869  C CB  . LYS A 1 129 ? -14.01323 7.74369   10.62655  1.000 26.68329  ? 105 LYS A CB  1 
ATOM   870  C CG  . LYS A 1 129 ? -15.01141 6.69568   10.18460  1.000 29.86976  ? 105 LYS A CG  1 
ATOM   871  C CD  . LYS A 1 129 ? -16.13198 7.32200   9.36858   1.000 38.43749  ? 105 LYS A CD  1 
ATOM   872  C CE  . LYS A 1 129 ? -17.17798 6.28309   8.98710   1.000 45.21818  ? 105 LYS A CE  1 
ATOM   873  N NZ  . LYS A 1 129 ? -18.31015 6.87909   8.22173   1.000 45.13994  ? 105 LYS A NZ  1 
ATOM   874  N N   . GLY A 1 130 ? -11.34843 6.55785   9.48475   1.000 25.58091  ? 106 GLY A N   1 
ATOM   875  C CA  . GLY A 1 130 ? -10.61897 5.59806   8.65693   1.000 25.73109  ? 106 GLY A CA  1 
ATOM   876  C C   . GLY A 1 130 ? -9.55939  4.82631   9.42806   1.000 26.60122  ? 106 GLY A C   1 
ATOM   877  O O   . GLY A 1 130 ? -9.43346  3.59930   9.28371   1.000 27.58429  ? 106 GLY A O   1 
ATOM   878  N N   . LEU A 1 131 ? -8.80433  5.52240   10.28688  1.000 24.36539  ? 107 LEU A N   1 
ATOM   879  C CA  . LEU A 1 131 ? -7.77862  4.85787   11.08769  1.000 24.69796  ? 107 LEU A CA  1 
ATOM   880  C C   . LEU A 1 131 ? -8.39144  3.81018   12.01577  1.000 28.93198  ? 107 LEU A C   1 
ATOM   881  O O   . LEU A 1 131 ? -7.89035  2.68330   12.11995  1.000 30.07588  ? 107 LEU A O   1 
ATOM   882  C CB  . LEU A 1 131 ? -6.98768  5.89706   11.87985  1.000 29.27240  ? 107 LEU A CB  1 
ATOM   883  C CG  . LEU A 1 131 ? -5.67959  5.38135   12.47159  1.000 37.99200  ? 107 LEU A CG  1 
ATOM   884  C CD1 . LEU A 1 131 ? -4.64303  5.20785   11.36667  1.000 34.19834  ? 107 LEU A CD1 1 
ATOM   885  C CD2 . LEU A 1 131 ? -5.17102  6.32739   13.55192  1.000 39.81927  ? 107 LEU A CD2 1 
ATOM   886  N N   . LYS A 1 132 ? -9.46701  4.16877   12.72361  1.000 27.46699  ? 108 LYS A N   1 
ATOM   887  C CA  . LYS A 1 132 ? -10.10968 3.19040   13.59327  1.000 29.90780  ? 108 LYS A CA  1 
ATOM   888  C C   . LYS A 1 132 ? -10.67653 2.03346   12.78456  1.000 28.61847  ? 108 LYS A C   1 
ATOM   889  O O   . LYS A 1 132 ? -10.68486 0.88661   13.24851  1.000 32.86576  ? 108 LYS A O   1 
ATOM   890  C CB  . LYS A 1 132 ? -11.20655 3.85536   14.43453  1.000 30.70238  ? 108 LYS A CB  1 
ATOM   891  C CG  . LYS A 1 132 ? -10.67290 4.87709   15.43407  1.000 35.52572  ? 108 LYS A CG  1 
ATOM   892  C CD  . LYS A 1 132 ? -10.05531 4.18975   16.65169  1.000 55.12841  ? 108 LYS A CD  1 
ATOM   893  C CE  . LYS A 1 132 ? -9.76055  5.18343   17.76930  1.000 66.18845  ? 108 LYS A CE  1 
ATOM   894  N NZ  . LYS A 1 132 ? -8.70443  4.70003   18.70586  1.000 64.92238  ? 108 LYS A NZ  1 
ATOM   895  N N   . ALA A 1 133 ? -11.13933 2.31151   11.55863  1.000 30.56319  ? 109 ALA A N   1 
ATOM   896  C CA  . ALA A 1 133 ? -11.70613 1.25875   10.72311  1.000 31.90903  ? 109 ALA A CA  1 
ATOM   897  C C   . ALA A 1 133 ? -10.65657 0.23202   10.33305  1.000 31.44895  ? 109 ALA A C   1 
ATOM   898  O O   . ALA A 1 133 ? -10.97154 -0.95777  10.18814  1.000 31.34889  ? 109 ALA A O   1 
ATOM   899  C CB  . ALA A 1 133 ? -12.31853 1.85919   9.45951   1.000 28.93846  ? 109 ALA A CB  1 
ATOM   900  N N   . VAL A 1 134 ? -9.41894  0.67699   10.13963  1.000 26.98978  ? 110 VAL A N   1 
ATOM   901  C CA  . VAL A 1 134 ? -8.36867  -0.17812  9.58966   1.000 26.02486  ? 110 VAL A CA  1 
ATOM   902  C C   . VAL A 1 134 ? -7.35491  -0.64462  10.63726  1.000 29.55499  ? 110 VAL A C   1 
ATOM   903  O O   . VAL A 1 134 ? -6.46166  -1.42587  10.30482  1.000 29.70611  ? 110 VAL A O   1 
ATOM   904  C CB  . VAL A 1 134 ? -7.67077  0.53511   8.41249   1.000 28.19402  ? 110 VAL A CB  1 
ATOM   905  C CG1 . VAL A 1 134 ? -6.64705  1.54699   8.88091   1.000 25.22123  ? 110 VAL A CG1 1 
ATOM   906  C CG2 . VAL A 1 134 ? -7.06934  -0.47076  7.42604   1.000 36.16445  ? 110 VAL A CG2 1 
ATOM   907  N N   . GLU A 1 135 ? -7.47246  -0.19681  11.89156  1.000 28.20696  ? 111 GLU A N   1 
ATOM   908  C CA  . GLU A 1 135 ? -6.50270  -0.54696  12.94064  1.000 30.99476  ? 111 GLU A CA  1 
ATOM   909  C C   . GLU A 1 135 ? -6.27252  -2.05370  13.08031  1.000 28.05149  ? 111 GLU A C   1 
ATOM   910  O O   . GLU A 1 135 ? -5.12072  -2.53149  13.10888  1.000 31.63701  ? 111 GLU A O   1 
ATOM   911  C CB  . GLU A 1 135 ? -7.00160  0.01372   14.27452  1.000 37.87555  ? 111 GLU A CB  1 
ATOM   912  C CG  . GLU A 1 135 ? -6.14062  1.07389   14.90817  1.000 57.31744  ? 111 GLU A CG  1 
ATOM   913  C CD  . GLU A 1 135 ? -6.88843  1.80988   16.00270  1.000 59.72470  ? 111 GLU A CD  1 
ATOM   914  O OE1 . GLU A 1 135 ? -6.78037  3.05142   16.06765  1.000 58.97708  ? 111 GLU A OE1 1 
ATOM   915  O OE2 . GLU A 1 135 ? -7.60438  1.14030   16.78210  1.000 53.80661  ? 111 GLU A OE2 1 
ATOM   916  N N   . HIS A 1 136 ? -7.35749  -2.81505  13.23436  1.000 30.80072  ? 112 HIS A N   1 
ATOM   917  C CA  . HIS A 1 136 ? -7.22344  -4.25125  13.44665  1.000 31.06037  ? 112 HIS A CA  1 
ATOM   918  C C   . HIS A 1 136 ? -6.60796  -4.91731  12.22155  1.000 29.83620  ? 112 HIS A C   1 
ATOM   919  O O   . HIS A 1 136 ? -5.69232  -5.74725  12.34103  1.000 27.39255  ? 112 HIS A O   1 
ATOM   920  C CB  . HIS A 1 136 ? -8.58621  -4.86380  13.77781  1.000 33.05957  ? 112 HIS A CB  1 
ATOM   921  C CG  . HIS A 1 136 ? -8.54548  -6.34539  14.00042  1.000 33.33660  ? 112 HIS A CG  1 
ATOM   922  N ND1 . HIS A 1 136 ? -7.61752  -6.95494  14.81789  1.000 39.25373  ? 112 HIS A ND1 1 
ATOM   923  C CD2 . HIS A 1 136 ? -9.30131  -7.34327  13.48313  1.000 44.04192  ? 112 HIS A CD2 1 
ATOM   924  C CE1 . HIS A 1 136 ? -7.81207  -8.26114  14.80595  1.000 32.60012  ? 112 HIS A CE1 1 
ATOM   925  N NE2 . HIS A 1 136 ? -8.82597  -8.52457  14.00276  1.000 35.32615  ? 112 HIS A NE2 1 
ATOM   926  N N   . LEU A 1 137 ? -7.09578  -4.55006  11.03415  1.000 27.27393  ? 113 LEU A N   1 
ATOM   927  C CA  . LEU A 1 137 ? -6.51286  -5.06468  9.79672   1.000 24.85613  ? 113 LEU A CA  1 
ATOM   928  C C   . LEU A 1 137 ? -5.01643  -4.78410  9.71846   1.000 26.03366  ? 113 LEU A C   1 
ATOM   929  O O   . LEU A 1 137 ? -4.25059  -5.62249  9.23261   1.000 24.28676  ? 113 LEU A O   1 
ATOM   930  C CB  . LEU A 1 137 ? -7.23346  -4.45581  8.59676   1.000 25.82035  ? 113 LEU A CB  1 
ATOM   931  C CG  . LEU A 1 137 ? -7.10648  -5.19044  7.25933   1.000 28.38091  ? 113 LEU A CG  1 
ATOM   932  C CD1 . LEU A 1 137 ? -7.43912  -6.68292  7.38278   1.000 27.53016  ? 113 LEU A CD1 1 
ATOM   933  C CD2 . LEU A 1 137 ? -7.97566  -4.52285  6.17884   1.000 26.44549  ? 113 LEU A CD2 1 
ATOM   934  N N   . MET A 1 138 ? -4.57465  -3.60528  10.16389  1.000 25.28154  ? 114 MET A N   1 
ATOM   935  C CA  . MET A 1 138 ? -3.14448  -3.30658  10.12628  1.000 25.54325  ? 114 MET A CA  1 
ATOM   936  C C   . MET A 1 138 ? -2.37059  -4.23055  11.05367  1.000 26.03283  ? 114 MET A C   1 
ATOM   937  O O   . MET A 1 138 ? -1.25231  -4.66031  10.72954  1.000 26.62149  ? 114 MET A O   1 
ATOM   938  C CB  . MET A 1 138 ? -2.89898  -1.84835  10.49210  1.000 29.09521  ? 114 MET A CB  1 
ATOM   939  C CG  . MET A 1 138 ? -3.23059  -0.90132  9.36277   1.000 30.74266  ? 114 MET A CG  1 
ATOM   940  S SD  . MET A 1 138 ? -3.11139  0.81280   9.89511   1.000 36.94052  ? 114 MET A SD  1 
ATOM   941  C CE  . MET A 1 138 ? -1.36148  0.92103   10.21118  1.000 42.55522  ? 114 MET A CE  1 
ATOM   942  N N   . GLU A 1 139 ? -2.94509  -4.55230  12.22043  1.000 28.09756  ? 115 GLU A N   1 
ATOM   943  C CA  . GLU A 1 139 ? -2.26513  -5.52560  13.07579  1.000 28.34283  ? 115 GLU A CA  1 
ATOM   944  C C   . GLU A 1 139 ? -2.16285  -6.88969  12.39349  1.000 29.06450  ? 115 GLU A C   1 
ATOM   945  O O   . GLU A 1 139 ? -1.11736  -7.56739  12.46200  1.000 26.94663  ? 115 GLU A O   1 
ATOM   946  C CB  . GLU A 1 139 ? -2.97428  -5.65421  14.42408  1.000 32.13259  ? 115 GLU A CB  1 
ATOM   947  C CG  . GLU A 1 139 ? -2.17285  -6.48266  15.43328  1.000 43.52925  ? 115 GLU A CG  1 
ATOM   948  C CD  . GLU A 1 139 ? -0.66269  -6.26422  15.31920  1.000 64.24258  ? 115 GLU A CD  1 
ATOM   949  O OE1 . GLU A 1 139 ? 0.06848   -7.24946  15.05958  1.000 56.92901  ? 115 GLU A OE1 1 
ATOM   950  O OE2 . GLU A 1 139 ? -0.20372  -5.11293  15.49310  1.000 56.69022  ? 115 GLU A OE2 1 
ATOM   951  N N   . LEU A 1 140 ? -3.24281  -7.31044  11.73460  1.000 26.15612  ? 116 LEU A N   1 
ATOM   952  C CA  . LEU A 1 140 ? -3.21124  -8.58265  11.02024  1.000 23.04593  ? 116 LEU A CA  1 
ATOM   953  C C   . LEU A 1 140 ? -2.18034  -8.53702  9.90227   1.000 24.61860  ? 116 LEU A C   1 
ATOM   954  O O   . LEU A 1 140 ? -1.50268  -9.53355  9.63003   1.000 24.75321  ? 116 LEU A O   1 
ATOM   955  C CB  . LEU A 1 140 ? -4.59100  -8.91260  10.46224  1.000 22.83715  ? 116 LEU A CB  1 
ATOM   956  C CG  . LEU A 1 140 ? -5.68177  -9.10996  11.52702  1.000 26.89627  ? 116 LEU A CG  1 
ATOM   957  C CD1 . LEU A 1 140 ? -7.06199  -9.22242  10.88068  1.000 27.46270  ? 116 LEU A CD1 1 
ATOM   958  C CD2 . LEU A 1 140 ? -5.36354  -10.33115 12.38197  1.000 30.81783  ? 116 LEU A CD2 1 
ATOM   959  N N   . ALA A 1 141 ? -2.03940  -7.37595  9.25991   1.000 22.51949  ? 117 ALA A N   1 
ATOM   960  C CA  . ALA A 1 141 ? -1.06029  -7.21803  8.18641   1.000 19.73975  ? 117 ALA A CA  1 
ATOM   961  C C   . ALA A 1 141 ? 0.35346   -7.36753  8.70794   1.000 23.01775  ? 117 ALA A C   1 
ATOM   962  O O   . ALA A 1 141 ? 1.19529   -7.99474  8.05071   1.000 23.32721  ? 117 ALA A O   1 
ATOM   963  C CB  . ALA A 1 141 ? -1.23515  -5.85741  7.51877   1.000 22.19700  ? 117 ALA A CB  1 
ATOM   964  N N   . ARG A 1 142 ? 0.63657   -6.76578  9.87140   1.000 22.75256  ? 118 ARG A N   1 
ATOM   965  C CA  . ARG A 1 142 ? 1.93935   -6.95022  10.51376  1.000 23.69001  ? 118 ARG A CA  1 
ATOM   966  C C   . ARG A 1 142 ? 2.19915   -8.41310  10.85682  1.000 23.68870  ? 118 ARG A C   1 
ATOM   967  O O   . ARG A 1 142 ? 3.31363   -8.91315  10.64983  1.000 24.80598  ? 118 ARG A O   1 
ATOM   968  C CB  . ARG A 1 142 ? 2.01939   -6.09480  11.77878  1.000 28.95521  ? 118 ARG A CB  1 
ATOM   969  C CG  . ARG A 1 142 ? 2.01196   -4.60630  11.53505  1.000 35.68569  ? 118 ARG A CG  1 
ATOM   970  C CD  . ARG A 1 142 ? 2.18366   -3.85205  12.85565  1.000 47.83496  ? 118 ARG A CD  1 
ATOM   971  N NE  . ARG A 1 142 ? 2.16269   -2.40677  12.66343  1.000 46.04137  ? 118 ARG A NE  1 
ATOM   972  C CZ  . ARG A 1 142 ? 1.11780   -1.63088  12.93404  1.000 56.00804  ? 118 ARG A CZ  1 
ATOM   973  N NH1 . ARG A 1 142 ? 0.00343   -2.15776  13.42554  1.000 35.56754  ? 118 ARG A NH1 1 
ATOM   974  N NH2 . ARG A 1 142 ? 1.19351   -0.32363  12.72226  1.000 51.15471  ? 118 ARG A NH2 1 
ATOM   975  N N   A GLU A 1 143 ? 1.19301   -9.11084  11.39324  0.486 24.89616  ? 119 GLU A N   1 
ATOM   976  N N   B GLU A 1 143 ? 1.19396   -9.10934  11.40030  0.514 24.92247  ? 119 GLU A N   1 
ATOM   977  C CA  A GLU A 1 143 ? 1.36782   -10.52706 11.72355  0.486 28.75685  ? 119 GLU A CA  1 
ATOM   978  C CA  B GLU A 1 143 ? 1.36867   -10.52723 11.72404  0.514 28.77189  ? 119 GLU A CA  1 
ATOM   979  C C   A GLU A 1 143 ? 1.65446   -11.35448 10.47296  0.486 26.24070  ? 119 GLU A C   1 
ATOM   980  C C   B GLU A 1 143 ? 1.65988   -11.34983 10.47124  0.514 26.24291  ? 119 GLU A C   1 
ATOM   981  O O   A GLU A 1 143 ? 2.52305   -12.24267 10.48015  0.486 26.49072  ? 119 GLU A O   1 
ATOM   982  O O   B GLU A 1 143 ? 2.52967   -12.23533 10.47727  0.514 26.51272  ? 119 GLU A O   1 
ATOM   983  C CB  A GLU A 1 143 ? 0.12395   -11.04680 12.44884  0.486 29.34246  ? 119 GLU A CB  1 
ATOM   984  C CB  B GLU A 1 143 ? 0.12456   -11.06687 12.43659  0.514 29.32009  ? 119 GLU A CB  1 
ATOM   985  C CG  A GLU A 1 143 ? -0.06301  -12.56093 12.42183  0.486 33.23759  ? 119 GLU A CG  1 
ATOM   986  C CG  B GLU A 1 143 ? -0.22393  -10.36845 13.75210  0.514 30.15000  ? 119 GLU A CG  1 
ATOM   987  C CD  A GLU A 1 143 ? -1.50408  -12.97825 12.67648  0.486 43.98386  ? 119 GLU A CD  1 
ATOM   988  C CD  B GLU A 1 143 ? -1.60204  -10.75211 14.27722  0.514 43.89920  ? 119 GLU A CD  1 
ATOM   989  O OE1 A GLU A 1 143 ? -2.08539  -12.54421 13.69398  0.486 44.67209  ? 119 GLU A OE1 1 
ATOM   990  O OE1 B GLU A 1 143 ? -2.22435  -11.67712 13.71342  0.514 42.85410  ? 119 GLU A OE1 1 
ATOM   991  O OE2 A GLU A 1 143 ? -2.06581  -13.72763 11.84710  0.486 43.97454  ? 119 GLU A OE2 1 
ATOM   992  O OE2 B GLU A 1 143 ? -2.07136  -10.12223 15.24950  0.514 48.38895  ? 119 GLU A OE2 1 
ATOM   993  N N   . HIS A 1 144 ? 0.94376   -11.06212 9.38153   1.000 24.79441  ? 120 HIS A N   1 
ATOM   994  C CA  . HIS A 1 144 ? 1.16003   -11.78860 8.13840   1.000 25.54738  ? 120 HIS A CA  1 
ATOM   995  C C   . HIS A 1 144 ? 2.55780   -11.52596 7.58519   1.000 25.74910  ? 120 HIS A C   1 
ATOM   996  O O   . HIS A 1 144 ? 3.24473   -12.46109 7.15235   1.000 24.33036  ? 120 HIS A O   1 
ATOM   997  C CB  . HIS A 1 144 ? 0.09010   -11.37960 7.12800   1.000 23.09850  ? 120 HIS A CB  1 
ATOM   998  C CG  . HIS A 1 144 ? 0.33184   -11.89834 5.74553   1.000 23.19124  ? 120 HIS A CG  1 
ATOM   999  N ND1 . HIS A 1 144 ? 0.57340   -11.06803 4.67232   1.000 23.09359  ? 120 HIS A ND1 1 
ATOM   1000 C CD2 . HIS A 1 144 ? 0.35221   -13.16227 5.26080   1.000 28.70703  ? 120 HIS A CD2 1 
ATOM   1001 C CE1 . HIS A 1 144 ? 0.74907   -11.80127 3.58823   1.000 23.07833  ? 120 HIS A CE1 1 
ATOM   1002 N NE2 . HIS A 1 144 ? 0.61335   -13.07330 3.91365   1.000 25.23422  ? 120 HIS A NE2 1 
ATOM   1003 N N   . GLU A 1 145 ? 2.98758   -10.26011 7.58431   1.000 23.34061  ? 121 GLU A N   1 
ATOM   1004 C CA  A GLU A 1 145 ? 4.33713   -9.94840  7.12690   0.377 21.63356  ? 121 GLU A CA  1 
ATOM   1005 C CA  B GLU A 1 145 ? 4.33836   -9.93648  7.13511   0.623 21.60041  ? 121 GLU A CA  1 
ATOM   1006 C C   . GLU A 1 145 ? 5.38024   -10.65293 7.97734   1.000 25.89120  ? 121 GLU A C   1 
ATOM   1007 O O   . GLU A 1 145 ? 6.38344   -11.15720 7.45155   1.000 23.30250  ? 121 GLU A O   1 
ATOM   1008 C CB  A GLU A 1 145 ? 4.57855   -8.43975  7.13640   0.377 24.74943  ? 121 GLU A CB  1 
ATOM   1009 C CB  B GLU A 1 145 ? 4.55778   -8.42631  7.18578   0.623 24.80223  ? 121 GLU A CB  1 
ATOM   1010 C CG  A GLU A 1 145 ? 5.80900   -8.03549  6.34255   0.377 28.59922  ? 121 GLU A CG  1 
ATOM   1011 C CG  B GLU A 1 145 ? 5.96498   -8.00218  6.83922   0.623 24.87816  ? 121 GLU A CG  1 
ATOM   1012 C CD  A GLU A 1 145 ? 6.46155   -6.77131  6.85843   0.377 20.82513  ? 121 GLU A CD  1 
ATOM   1013 C CD  B GLU A 1 145 ? 6.16160   -6.51037  6.94799   0.623 24.89326  ? 121 GLU A CD  1 
ATOM   1014 O OE1 A GLU A 1 145 ? 7.29862   -6.86152  7.78734   0.377 28.84556  ? 121 GLU A OE1 1 
ATOM   1015 O OE1 B GLU A 1 145 ? 5.46247   -5.86718  7.77054   0.623 33.24793  ? 121 GLU A OE1 1 
ATOM   1016 O OE2 A GLU A 1 145 ? 6.13078   -5.67954  6.34667   0.377 23.34889  ? 121 GLU A OE2 1 
ATOM   1017 O OE2 B GLU A 1 145 ? 7.02707   -5.98213  6.22122   0.623 27.44393  ? 121 GLU A OE2 1 
ATOM   1018 N N   A ARG A 1 146 ? 5.16454   -10.69936 9.29672   0.504 26.23056  ? 122 ARG A N   1 
ATOM   1019 N N   B ARG A 1 146 ? 5.16180   -10.68822 9.29728   0.496 26.20009  ? 122 ARG A N   1 
ATOM   1020 C CA  A ARG A 1 146 ? 6.10551   -11.40526 10.15981  0.504 26.83175  ? 122 ARG A CA  1 
ATOM   1021 C CA  B ARG A 1 146 ? 6.06295   -11.40669 10.19092  0.496 26.97815  ? 122 ARG A CA  1 
ATOM   1022 C C   A ARG A 1 146 ? 6.17694   -12.88055 9.78956   0.504 27.32027  ? 122 ARG A C   1 
ATOM   1023 C C   B ARG A 1 146 ? 6.16851   -12.86747 9.78438   0.496 27.30219  ? 122 ARG A C   1 
ATOM   1024 O O   A ARG A 1 146 ? 7.26649   -13.46183 9.74312   0.504 28.36033  ? 122 ARG A O   1 
ATOM   1025 O O   B ARG A 1 146 ? 7.26873   -13.42838 9.72028   0.496 28.31368  ? 122 ARG A O   1 
ATOM   1026 C CB  A ARG A 1 146 ? 5.71092   -11.23161 11.62895  0.504 28.03043  ? 122 ARG A CB  1 
ATOM   1027 C CB  B ARG A 1 146 ? 5.55813   -11.28517 11.63204  0.496 28.15889  ? 122 ARG A CB  1 
ATOM   1028 C CG  A ARG A 1 146 ? 6.76373   -11.70216 12.62300  0.504 34.05530  ? 122 ARG A CG  1 
ATOM   1029 C CG  B ARG A 1 146 ? 6.56745   -10.76392 12.63491  0.496 41.94430  ? 122 ARG A CG  1 
ATOM   1030 C CD  A ARG A 1 146 ? 6.12495   -12.16266 13.93752  0.504 29.05700  ? 122 ARG A CD  1 
ATOM   1031 C CD  B ARG A 1 146 ? 5.89528   -10.49015 13.98270  0.496 30.80308  ? 122 ARG A CD  1 
ATOM   1032 N NE  A ARG A 1 146 ? 5.30492   -13.35785 13.75011  0.504 40.81818  ? 122 ARG A NE  1 
ATOM   1033 N NE  B ARG A 1 146 ? 5.48798   -9.09080  14.11579  0.496 36.43085  ? 122 ARG A NE  1 
ATOM   1034 C CZ  A ARG A 1 146 ? 5.79195   -14.57794 13.55078  0.504 43.51580  ? 122 ARG A CZ  1 
ATOM   1035 C CZ  B ARG A 1 146 ? 4.25004   -8.67894  14.37700  0.496 30.28288  ? 122 ARG A CZ  1 
ATOM   1036 N NH1 A ARG A 1 146 ? 7.10350   -14.77557 13.51502  0.504 42.14182  ? 122 ARG A NH1 1 
ATOM   1037 N NH1 B ARG A 1 146 ? 3.26843   -9.55317  14.55170  0.496 33.83614  ? 122 ARG A NH1 1 
ATOM   1038 N NH2 A ARG A 1 146 ? 4.96835   -15.60320 13.38257  0.504 42.72801  ? 122 ARG A NH2 1 
ATOM   1039 N NH2 B ARG A 1 146 ? 3.99409   -7.38335  14.47644  0.496 39.59589  ? 122 ARG A NH2 1 
ATOM   1040 N N   . ARG A 1 147 ? 5.02640   -13.50158 9.51785   1.000 26.80225  ? 123 ARG A N   1 
ATOM   1041 C CA  . ARG A 1 147 ? 5.03615   -14.89506 9.05922   1.000 25.59954  ? 123 ARG A CA  1 
ATOM   1042 C C   . ARG A 1 147 ? 5.79917   -15.05455 7.74007   1.000 28.12818  ? 123 ARG A C   1 
ATOM   1043 O O   . ARG A 1 147 ? 6.57768   -16.00211 7.57471   1.000 30.51137  ? 123 ARG A O   1 
ATOM   1044 C CB  . ARG A 1 147 ? 3.61409   -15.42885 8.90517   1.000 32.96386  ? 123 ARG A CB  1 
ATOM   1045 C CG  . ARG A 1 147 ? 2.85732   -15.61186 10.20911  1.000 41.24358  ? 123 ARG A CG  1 
ATOM   1046 C CD  . ARG A 1 147 ? 1.66915   -16.53947 10.01183  1.000 52.17541  ? 123 ARG A CD  1 
ATOM   1047 N NE  . ARG A 1 147 ? 0.86244   -16.17560 8.84762   1.000 69.61314  ? 123 ARG A NE  1 
ATOM   1048 C CZ  . ARG A 1 147 ? -0.15185  -15.31322 8.87987   1.000 62.27055  ? 123 ARG A CZ  1 
ATOM   1049 N NH1 . ARG A 1 147 ? -0.48438  -14.71979 10.01751  1.000 50.73162  ? 123 ARG A NH1 1 
ATOM   1050 N NH2 . ARG A 1 147 ? -0.83361  -15.04427 7.77449   1.000 52.42083  ? 123 ARG A NH2 1 
ATOM   1051 N N   . VAL A 1 148 ? 5.57879   -14.14727 6.78080   1.000 23.72819  ? 124 VAL A N   1 
ATOM   1052 C CA  . VAL A 1 148 ? 6.26597   -14.23738 5.49213   1.000 22.06115  ? 124 VAL A CA  1 
ATOM   1053 C C   . VAL A 1 148 ? 7.77970   -14.12718 5.66358   1.000 25.64365  ? 124 VAL A C   1 
ATOM   1054 O O   . VAL A 1 148 ? 8.54801   -14.81280 4.97938   1.000 25.14285  ? 124 VAL A O   1 
ATOM   1055 C CB  . VAL A 1 148 ? 5.73246   -13.15158 4.53237   1.000 22.37434  ? 124 VAL A CB  1 
ATOM   1056 C CG1 . VAL A 1 148 ? 6.60253   -13.04572 3.26891   1.000 22.33801  ? 124 VAL A CG1 1 
ATOM   1057 C CG2 . VAL A 1 148 ? 4.27908   -13.41223 4.15470   1.000 23.05671  ? 124 VAL A CG2 1 
ATOM   1058 N N   . LEU A 1 149 ? 8.23243   -13.26613 6.56993   1.000 26.45606  ? 125 LEU A N   1 
ATOM   1059 C CA  . LEU A 1 149 ? 9.66348   -13.00092 6.68703   1.000 26.07079  ? 125 LEU A CA  1 
ATOM   1060 C C   . LEU A 1 149 ? 10.37153  -13.91948 7.67442   1.000 26.73120  ? 125 LEU A C   1 
ATOM   1061 O O   . LEU A 1 149 ? 11.60310  -14.04342 7.59796   1.000 26.98652  ? 125 LEU A O   1 
ATOM   1062 C CB  . LEU A 1 149 ? 9.89544   -11.54198 7.08711   1.000 26.29861  ? 125 LEU A CB  1 
ATOM   1063 C CG  . LEU A 1 149 ? 9.55702   -10.54581 5.96455   1.000 24.85788  ? 125 LEU A CG  1 
ATOM   1064 C CD1 . LEU A 1 149 ? 9.54910   -9.11900  6.49120   1.000 28.44972  ? 125 LEU A CD1 1 
ATOM   1065 C CD2 . LEU A 1 149 ? 10.51452  -10.69143 4.79908   1.000 29.11342  ? 125 LEU A CD2 1 
ATOM   1066 N N   . GLU A 1 150 ? 9.63141   -14.58382 8.55753   1.000 26.52144  ? 126 GLU A N   1 
ATOM   1067 C CA  . GLU A 1 150 ? 10.26522  -15.42533 9.57327   1.000 31.32253  ? 126 GLU A CA  1 
ATOM   1068 C C   . GLU A 1 150 ? 11.22132  -16.47977 9.01757   1.000 28.89733  ? 126 GLU A C   1 
ATOM   1069 O O   . GLU A 1 150 ? 12.30566  -16.65463 9.60576   1.000 29.61755  ? 126 GLU A O   1 
ATOM   1070 C CB  . GLU A 1 150 ? 9.17011   -16.08161 10.42804  1.000 32.31133  ? 126 GLU A CB  1 
ATOM   1071 C CG  . GLU A 1 150 ? 9.70667   -16.91112 11.60222  1.000 38.31116  ? 126 GLU A CG  1 
ATOM   1072 C CD  . GLU A 1 150 ? 8.60620   -17.36488 12.54826  1.000 73.40225  ? 126 GLU A CD  1 
ATOM   1073 O OE1 . GLU A 1 150 ? 8.93148   -17.95680 13.60105  1.000 78.65305  ? 126 GLU A OE1 1 
ATOM   1074 O OE2 . GLU A 1 150 ? 7.41805   -17.12869 12.24177  1.000 68.86131  ? 126 GLU A OE2 1 
ATOM   1075 N N   . PRO A 1 151 ? 10.90988  -17.21085 7.94007   1.000 26.91318  ? 127 PRO A N   1 
ATOM   1076 C CA  . PRO A 1 151 ? 11.85861  -18.23687 7.47295   1.000 30.38731  ? 127 PRO A CA  1 
ATOM   1077 C C   . PRO A 1 151 ? 13.17480  -17.66936 6.97591   1.000 30.45799  ? 127 PRO A C   1 
ATOM   1078 O O   . PRO A 1 151 ? 14.16626  -18.40751 6.91285   1.000 30.61497  ? 127 PRO A O   1 
ATOM   1079 C CB  . PRO A 1 151 ? 11.09723  -18.93929 6.33800   1.000 37.53099  ? 127 PRO A CB  1 
ATOM   1080 C CG  . PRO A 1 151 ? 9.67188   -18.57797 6.54315   1.000 31.93822  ? 127 PRO A CG  1 
ATOM   1081 C CD  . PRO A 1 151 ? 9.67369   -17.22171 7.13644   1.000 27.03025  ? 127 PRO A CD  1 
ATOM   1082 N N   . PHE A 1 152 ? 13.23413  -16.38643 6.64488   1.000 27.71058  ? 128 PHE A N   1 
ATOM   1083 C CA  . PHE A 1 152 ? 14.43834  -15.80413 6.07893   1.000 30.92924  ? 128 PHE A CA  1 
ATOM   1084 C C   . PHE A 1 152 ? 15.38768  -15.26548 7.13166   1.000 34.28302  ? 128 PHE A C   1 
ATOM   1085 O O   . PHE A 1 152 ? 16.55998  -15.02569 6.82448   1.000 36.47338  ? 128 PHE A O   1 
ATOM   1086 C CB  . PHE A 1 152 ? 14.05415  -14.70880 5.08199   1.000 31.53143  ? 128 PHE A CB  1 
ATOM   1087 C CG  . PHE A 1 152 ? 13.35655  -15.25512 3.88829   1.000 29.16228  ? 128 PHE A CG  1 
ATOM   1088 C CD1 . PHE A 1 152 ? 14.09230  -15.77924 2.82631   1.000 26.20340  ? 128 PHE A CD1 1 
ATOM   1089 C CD2 . PHE A 1 152 ? 11.97082  -15.32306 3.84754   1.000 27.19003  ? 128 PHE A CD2 1 
ATOM   1090 C CE1 . PHE A 1 152 ? 13.46631  -16.32814 1.73980   1.000 27.11806  ? 128 PHE A CE1 1 
ATOM   1091 C CE2 . PHE A 1 152 ? 11.32703  -15.87424 2.75456   1.000 27.92296  ? 128 PHE A CE2 1 
ATOM   1092 C CZ  . PHE A 1 152 ? 12.07667  -16.38291 1.69621   1.000 26.78521  ? 128 PHE A CZ  1 
ATOM   1093 N N   . GLY A 1 153 ? 14.92095  -15.09445 8.35742   1.000 35.71918  ? 129 GLY A N   1 
ATOM   1094 C CA  . GLY A 1 153 ? 15.75346  -14.51151 9.38478   1.000 40.61896  ? 129 GLY A CA  1 
ATOM   1095 C C   . GLY A 1 153 ? 15.77080  -12.99328 9.30490   1.000 44.37270  ? 129 GLY A C   1 
ATOM   1096 O O   . GLY A 1 153 ? 15.49614  -12.38317 8.27428   1.000 34.51467  ? 129 GLY A O   1 
ATOM   1097 N N   A LEU A 1 154 ? 16.11705  -12.38715 10.44730  0.458 37.47113  ? 130 LEU A N   1 
ATOM   1098 N N   B LEU A 1 154 ? 16.11997  -12.38717 10.44422  0.542 37.45392  ? 130 LEU A N   1 
ATOM   1099 C CA  A LEU A 1 154 ? 16.07698  -10.93311 10.56231  0.458 36.95284  ? 130 LEU A CA  1 
ATOM   1100 C CA  B LEU A 1 154 ? 16.07215  -10.93371 10.55417  0.542 36.91518  ? 130 LEU A CA  1 
ATOM   1101 C C   A LEU A 1 154 ? 17.04629  -10.26713 9.59342   0.458 38.90219  ? 130 LEU A C   1 
ATOM   1102 C C   B LEU A 1 154 ? 17.04699  -10.26637 9.59245   0.542 38.90957  ? 130 LEU A C   1 
ATOM   1103 O O   A LEU A 1 154 ? 16.70801  -9.25409  8.97064   0.458 39.90018  ? 130 LEU A O   1 
ATOM   1104 O O   B LEU A 1 154 ? 16.71289  -9.25113  8.97134   0.542 39.92292  ? 130 LEU A O   1 
ATOM   1105 C CB  A LEU A 1 154 ? 16.38446  -10.51229 12.00241  0.458 42.79213  ? 130 LEU A CB  1 
ATOM   1106 C CB  B LEU A 1 154 ? 16.36041  -10.51195 11.99552  0.542 42.83124  ? 130 LEU A CB  1 
ATOM   1107 C CG  A LEU A 1 154 ? 15.30864  -10.71256 13.07684  0.458 44.22365  ? 130 LEU A CG  1 
ATOM   1108 C CG  B LEU A 1 154 ? 16.27191  -9.00902  12.25583  0.542 39.06533  ? 130 LEU A CG  1 
ATOM   1109 C CD1 A LEU A 1 154 ? 13.93483  -10.26108 12.59613  0.458 43.30766  ? 130 LEU A CD1 1 
ATOM   1110 C CD1 B LEU A 1 154 ? 14.83055  -8.52929  12.16193  0.542 44.18782  ? 130 LEU A CD1 1 
ATOM   1111 C CD2 A LEU A 1 154 ? 15.26705  -12.15630 13.56796  0.458 44.19910  ? 130 LEU A CD2 1 
ATOM   1112 C CD2 B LEU A 1 154 ? 16.87318  -8.66855  13.61133  0.542 51.33706  ? 130 LEU A CD2 1 
ATOM   1113 N N   . ARG A 1 155 ? 18.25367  -10.82263 9.44573   1.000 36.98789  ? 131 ARG A N   1 
ATOM   1114 C CA  . ARG A 1 155 ? 19.25471  -10.19244 8.58483   1.000 33.71344  ? 131 ARG A CA  1 
ATOM   1115 C C   . ARG A 1 155 ? 18.80666  -10.17011 7.12368   1.000 40.05605  ? 131 ARG A C   1 
ATOM   1116 O O   . ARG A 1 155 ? 18.86520  -9.12693  6.45912   1.000 34.85328  ? 131 ARG A O   1 
ATOM   1117 C CB  . ARG A 1 155 ? 20.59971  -10.90564 8.70986   1.000 42.38411  ? 131 ARG A CB  1 
ATOM   1118 C CG  . ARG A 1 155 ? 21.65931  -10.31329 7.78820   1.000 51.80764  ? 131 ARG A CG  1 
ATOM   1119 C CD  . ARG A 1 155 ? 22.88630  -11.20293 7.64991   1.000 66.89254  ? 131 ARG A CD  1 
ATOM   1120 N NE  . ARG A 1 155 ? 22.57252  -12.50865 7.07648   1.000 67.49966  ? 131 ARG A NE  1 
ATOM   1121 C CZ  . ARG A 1 155 ? 22.48043  -12.75455 5.77344   1.000 70.61134  ? 131 ARG A CZ  1 
ATOM   1122 N NH1 . ARG A 1 155 ? 22.66493  -11.77807 4.89303   1.000 65.53266  ? 131 ARG A NH1 1 
ATOM   1123 N NH2 . ARG A 1 155 ? 22.19750  -13.97859 5.34904   1.000 76.13641  ? 131 ARG A NH2 1 
ATOM   1124 N N   . ARG A 1 156 ? 18.37336  -11.31652 6.59897   1.000 30.21823  ? 132 ARG A N   1 
ATOM   1125 C CA  . ARG A 1 156 ? 17.94577  -11.35237 5.20026   1.000 26.16528  ? 132 ARG A CA  1 
ATOM   1126 C C   . ARG A 1 156 ? 16.67504  -10.53622 4.98952   1.000 35.51109  ? 132 ARG A C   1 
ATOM   1127 O O   . ARG A 1 156 ? 16.51050  -9.89629  3.94027   1.000 28.67185  ? 132 ARG A O   1 
ATOM   1128 C CB  . ARG A 1 156 ? 17.73997  -12.79081 4.74102   1.000 27.67122  ? 132 ARG A CB  1 
ATOM   1129 C CG  . ARG A 1 156 ? 19.02161  -13.61700 4.67281   1.000 32.18377  ? 132 ARG A CG  1 
ATOM   1130 C CD  . ARG A 1 156 ? 18.73323  -15.00421 4.13877   1.000 36.63849  ? 132 ARG A CD  1 
ATOM   1131 N NE  . ARG A 1 156 ? 18.38858  -14.96285 2.72025   1.000 32.60202  ? 132 ARG A NE  1 
ATOM   1132 C CZ  . ARG A 1 156 ? 17.83878  -15.97224 2.06091   1.000 38.25172  ? 132 ARG A CZ  1 
ATOM   1133 N NH1 . ARG A 1 156 ? 17.56565  -17.10619 2.69465   1.000 38.13901  ? 132 ARG A NH1 1 
ATOM   1134 N NH2 . ARG A 1 156 ? 17.55369  -15.84214 0.77019   1.000 35.69027  ? 132 ARG A NH2 1 
ATOM   1135 N N   . ALA A 1 157 ? 15.77221  -10.52559 5.97445   1.000 28.91884  ? 133 ALA A N   1 
ATOM   1136 C CA  . ALA A 1 157 ? 14.55501  -9.73137  5.83835   1.000 25.57625  ? 133 ALA A CA  1 
ATOM   1137 C C   . ALA A 1 157 ? 14.87170  -8.24163  5.77061   1.000 31.99320  ? 133 ALA A C   1 
ATOM   1138 O O   . ALA A 1 157 ? 14.33203  -7.50684  4.92715   1.000 29.26943  ? 133 ALA A O   1 
ATOM   1139 C CB  . ALA A 1 157 ? 13.61144  -10.02645 7.00191   1.000 28.01119  ? 133 ALA A CB  1 
ATOM   1140 N N   . GLU A 1 158 ? 15.75420  -7.77481  6.65895   1.000 30.29702  ? 134 GLU A N   1 
ATOM   1141 C CA  . GLU A 1 158 ? 16.15473  -6.37689  6.64742   1.000 33.28780  ? 134 GLU A CA  1 
ATOM   1142 C C   . GLU A 1 158 ? 16.89320  -6.02740  5.36271   1.000 25.46758  ? 134 GLU A C   1 
ATOM   1143 O O   . GLU A 1 158 ? 16.71573  -4.92792  4.82667   1.000 29.12603  ? 134 GLU A O   1 
ATOM   1144 C CB  . GLU A 1 158 ? 17.02887  -6.08055  7.87351   1.000 31.68380  ? 134 GLU A CB  1 
ATOM   1145 C CG  . GLU A 1 158 ? 16.27972  -6.10320  9.19208   1.000 45.69365  ? 134 GLU A CG  1 
ATOM   1146 C CD  . GLU A 1 158 ? 17.16664  -5.72565  10.37116  1.000 88.26693  ? 134 GLU A CD  1 
ATOM   1147 O OE1 . GLU A 1 158 ? 18.30779  -5.27013  10.13752  1.000 104.39487 ? 134 GLU A OE1 1 
ATOM   1148 O OE2 . GLU A 1 158 ? 16.72595  -5.88558  11.53054  1.000 77.61077  ? 134 GLU A OE2 1 
ATOM   1149 N N   . GLU A 1 159 ? 17.74138  -6.93986  4.86818   1.000 27.13297  ? 135 GLU A N   1 
ATOM   1150 C CA  . GLU A 1 159 ? 18.44849  -6.69332  3.61439   1.000 25.97652  ? 135 GLU A CA  1 
ATOM   1151 C C   . GLU A 1 159 ? 17.46762  -6.53371  2.45798   1.000 29.28346  ? 135 GLU A C   1 
ATOM   1152 O O   . GLU A 1 159 ? 17.61447  -5.63817  1.61499   1.000 27.82785  ? 135 GLU A O   1 
ATOM   1153 C CB  . GLU A 1 159 ? 19.42094  -7.83571  3.32076   1.000 28.67684  ? 135 GLU A CB  1 
ATOM   1154 C CG  . GLU A 1 159 ? 19.98341  -7.84990  1.90871   1.000 38.08559  ? 135 GLU A CG  1 
ATOM   1155 C CD  . GLU A 1 159 ? 20.94431  -6.70531  1.64453   1.000 51.28919  ? 135 GLU A CD  1 
ATOM   1156 O OE1 . GLU A 1 159 ? 21.45886  -6.11705  2.61860   1.000 55.53815  ? 135 GLU A OE1 1 
ATOM   1157 O OE2 . GLU A 1 159 ? 21.18982  -6.39460  0.46061   1.000 45.19873  ? 135 GLU A OE2 1 
ATOM   1158 N N   . LEU A 1 160 ? 16.46644  -7.40595  2.40530   1.000 25.06047  ? 136 LEU A N   1 
ATOM   1159 C CA  . LEU A 1 160 ? 15.44276  -7.29942  1.36466   1.000 23.68847  ? 136 LEU A CA  1 
ATOM   1160 C C   . LEU A 1 160 ? 14.72259  -5.95775  1.42968   1.000 23.39062  ? 136 LEU A C   1 
ATOM   1161 O O   . LEU A 1 160 ? 14.56761  -5.27524  0.40536   1.000 22.99346  ? 136 LEU A O   1 
ATOM   1162 C CB  . LEU A 1 160 ? 14.45787  -8.44832  1.51359   1.000 22.68573  ? 136 LEU A CB  1 
ATOM   1163 C CG  . LEU A 1 160 ? 13.23145  -8.41611  0.58505   1.000 20.58247  ? 136 LEU A CG  1 
ATOM   1164 C CD1 . LEU A 1 160 ? 13.68053  -8.58971  -0.84641  1.000 24.06990  ? 136 LEU A CD1 1 
ATOM   1165 C CD2 . LEU A 1 160 ? 12.24970  -9.51524  0.97978   1.000 25.02223  ? 136 LEU A CD2 1 
ATOM   1166 N N   . LYS A 1 161 ? 14.25906  -5.56556  2.62347   1.000 23.54761  ? 137 LYS A N   1 
ATOM   1167 C CA  . LYS A 1 161 ? 13.52288  -4.30818  2.73801   1.000 22.09363  ? 137 LYS A CA  1 
ATOM   1168 C C   . LYS A 1 161 ? 14.39656  -3.10918  2.38778   1.000 25.22850  ? 137 LYS A C   1 
ATOM   1169 O O   . LYS A 1 161 ? 13.93310  -2.15787  1.74755   1.000 26.07376  ? 137 LYS A O   1 
ATOM   1170 C CB  . LYS A 1 161 ? 12.94398  -4.15223  4.14498   1.000 26.06039  ? 137 LYS A CB  1 
ATOM   1171 C CG  . LYS A 1 161 ? 11.76106  -5.03191  4.42901   1.000 28.92759  ? 137 LYS A CG  1 
ATOM   1172 C CD  . LYS A 1 161 ? 11.06178  -4.54710  5.68988   1.000 33.42779  ? 137 LYS A CD  1 
ATOM   1173 C CE  . LYS A 1 161 ? 10.07313  -5.55647  6.21661   1.000 35.35077  ? 137 LYS A CE  1 
ATOM   1174 N NZ  . LYS A 1 161 ? 9.26079   -4.96113  7.31515   1.000 30.81633  ? 137 LYS A NZ  1 
ATOM   1175 N N   . GLN A 1 162 ? 15.67715  -3.13824  2.78370   1.000 24.88347  ? 138 GLN A N   1 
ATOM   1176 C CA  . GLN A 1 162 ? 16.54639  -2.02013  2.45366   1.000 26.93829  ? 138 GLN A CA  1 
ATOM   1177 C C   . GLN A 1 162 ? 16.78357  -1.92986  0.95422   1.000 22.36023  ? 138 GLN A C   1 
ATOM   1178 O O   . GLN A 1 162 ? 16.76415  -0.83320  0.38386   1.000 24.66862  ? 138 GLN A O   1 
ATOM   1179 C CB  . GLN A 1 162 ? 17.86601  -2.16107  3.21099   1.000 33.40265  ? 138 GLN A CB  1 
ATOM   1180 C CG  . GLN A 1 162 ? 18.79815  -1.00245  3.00225   1.000 36.08723  ? 138 GLN A CG  1 
ATOM   1181 C CD  . GLN A 1 162 ? 20.19234  -1.30990  3.49197   1.000 73.63516  ? 138 GLN A CD  1 
ATOM   1182 O OE1 . GLN A 1 162 ? 20.42385  -2.32460  4.15386   1.000 56.75873  ? 138 GLN A OE1 1 
ATOM   1183 N NE2 . GLN A 1 162 ? 21.13274  -0.43066  3.17813   1.000 81.94153  ? 138 GLN A NE2 1 
ATOM   1184 N N   . THR A 1 163 ? 16.99194  -3.07054  0.30012   1.000 23.38111  ? 139 THR A N   1 
ATOM   1185 C CA  . THR A 1 163 ? 17.21561  -3.05041  -1.13685  1.000 22.08631  ? 139 THR A CA  1 
ATOM   1186 C C   . THR A 1 163 ? 15.97925  -2.54571  -1.87062  1.000 20.59559  ? 139 THR A C   1 
ATOM   1187 O O   . THR A 1 163 ? 16.08275  -1.70261  -2.76887  1.000 21.63804  ? 139 THR A O   1 
ATOM   1188 C CB  . THR A 1 163 ? 17.62310  -4.44154  -1.61179  1.000 24.02755  ? 139 THR A CB  1 
ATOM   1189 O OG1 . THR A 1 163 ? 18.86079  -4.80728  -0.94807  1.000 25.37699  ? 139 THR A OG1 1 
ATOM   1190 C CG2 . THR A 1 163 ? 17.85779  -4.44336  -3.09430  1.000 25.01313  ? 139 THR A CG2 1 
ATOM   1191 N N   . LEU A 1 164 ? 14.80275  -3.03360  -1.48186  1.000 23.61578  ? 140 LEU A N   1 
ATOM   1192 C CA  . LEU A 1 164 ? 13.57485  -2.57823  -2.12698  1.000 20.80075  ? 140 LEU A CA  1 
ATOM   1193 C C   . LEU A 1 164 ? 13.38382  -1.07661  -1.94761  1.000 20.90464  ? 140 LEU A C   1 
ATOM   1194 O O   . LEU A 1 164 ? 13.04386  -0.36578  -2.89775  1.000 21.74122  ? 140 LEU A O   1 
ATOM   1195 C CB  . LEU A 1 164 ? 12.37504  -3.33795  -1.56997  1.000 19.21188  ? 140 LEU A CB  1 
ATOM   1196 C CG  . LEU A 1 164 ? 12.31895  -4.82549  -1.94634  1.000 20.14815  ? 140 LEU A CG  1 
ATOM   1197 C CD1 . LEU A 1 164 ? 11.18546  -5.53017  -1.20742  1.000 18.82186  ? 140 LEU A CD1 1 
ATOM   1198 C CD2 . LEU A 1 164 ? 12.19050  -5.03493  -3.45562  1.000 22.91699  ? 140 LEU A CD2 1 
ATOM   1199 N N   . ARG A 1 165 ? 13.60034  -0.57373  -0.72074  1.000 20.72212  ? 141 ARG A N   1 
ATOM   1200 C CA  . ARG A 1 165 ? 13.47598  0.86106   -0.47697  1.000 21.85177  ? 141 ARG A CA  1 
ATOM   1201 C C   . ARG A 1 165 ? 14.45976  1.66158   -1.32936  1.000 22.01740  ? 141 ARG A C   1 
ATOM   1202 O O   . ARG A 1 165 ? 14.09594  2.68744   -1.92124  1.000 22.73791  ? 141 ARG A O   1 
ATOM   1203 C CB  . ARG A 1 165 ? 13.68832  1.14944   1.01146   1.000 25.26167  ? 141 ARG A CB  1 
ATOM   1204 C CG  . ARG A 1 165 ? 13.88802  2.61465   1.34940   1.000 27.15122  ? 141 ARG A CG  1 
ATOM   1205 C CD  . ARG A 1 165 ? 12.79764  3.49506   0.78555   1.000 31.84646  ? 141 ARG A CD  1 
ATOM   1206 N NE  . ARG A 1 165 ? 11.48681  3.12509   1.29996   1.000 33.81310  ? 141 ARG A NE  1 
ATOM   1207 C CZ  . ARG A 1 165 ? 10.34496  3.49451   0.73387   1.000 32.56771  ? 141 ARG A CZ  1 
ATOM   1208 N NH1 . ARG A 1 165 ? 10.36622  4.22651   -0.37713  1.000 32.39221  ? 141 ARG A NH1 1 
ATOM   1209 N NH2 . ARG A 1 165 ? 9.18841   3.11799   1.27051   1.000 28.90190  ? 141 ARG A NH2 1 
ATOM   1210 N N   . GLN A 1 166 ? 15.71499  1.21373   -1.39786  1.000 23.68831  ? 142 GLN A N   1 
ATOM   1211 C CA  . GLN A 1 166 ? 16.69650  1.92977   -2.20850  1.000 25.94169  ? 142 GLN A CA  1 
ATOM   1212 C C   . GLN A 1 166 ? 16.30335  1.92706   -3.68462  1.000 22.27228  ? 142 GLN A C   1 
ATOM   1213 O O   . GLN A 1 166 ? 16.44156  2.94368   -4.37737  1.000 26.52349  ? 142 GLN A O   1 
ATOM   1214 C CB  . GLN A 1 166 ? 18.08012  1.31267   -1.99832  1.000 27.29988  ? 142 GLN A CB  1 
ATOM   1215 C CG  . GLN A 1 166 ? 18.64171  1.66375   -0.60842  1.000 26.03673  ? 142 GLN A CG  1 
ATOM   1216 C CD  . GLN A 1 166 ? 19.88642  0.86562   -0.19192  1.000 37.36988  ? 142 GLN A CD  1 
ATOM   1217 O OE1 . GLN A 1 166 ? 20.33399  0.96825   0.95140   1.000 53.80075  ? 142 GLN A OE1 1 
ATOM   1218 N NE2 . GLN A 1 166 ? 20.42631  0.07113   -1.09202  1.000 31.74458  ? 142 GLN A NE2 1 
ATOM   1219 N N   A MET A 1 167 ? 15.79384  0.79422   -4.17743  0.582 23.02817  ? 143 MET A N   1 
ATOM   1220 N N   B MET A 1 167 ? 15.79595  0.79413   -4.18322  0.418 23.00433  ? 143 MET A N   1 
ATOM   1221 C CA  A MET A 1 167 ? 15.37818  0.71293   -5.57420  0.582 24.04342  ? 143 MET A CA  1 
ATOM   1222 C CA  B MET A 1 167 ? 15.37166  0.72449   -5.57918  0.418 24.06221  ? 143 MET A CA  1 
ATOM   1223 C C   A MET A 1 167 ? 14.21627  1.66223   -5.86316  0.582 20.73168  ? 143 MET A C   1 
ATOM   1224 C C   B MET A 1 167 ? 14.22196  1.68441   -5.85504  0.418 20.67421  ? 143 MET A C   1 
ATOM   1225 O O   A MET A 1 167 ? 14.20721  2.36331   -6.88475  0.582 22.74023  ? 143 MET A O   1 
ATOM   1226 O O   B MET A 1 167 ? 14.21347  2.39877   -6.86678  0.418 22.79297  ? 143 MET A O   1 
ATOM   1227 C CB  A MET A 1 167 ? 14.99982  -0.73473  -5.90821  0.582 23.56458  ? 143 MET A CB  1 
ATOM   1228 C CB  B MET A 1 167 ? 14.95855  -0.70590  -5.93426  0.418 23.65280  ? 143 MET A CB  1 
ATOM   1229 C CG  A MET A 1 167 ? 14.88497  -1.03623  -7.38985  0.582 24.61068  ? 143 MET A CG  1 
ATOM   1230 C CG  B MET A 1 167 ? 16.10053  -1.67100  -6.03005  0.418 22.64996  ? 143 MET A CG  1 
ATOM   1231 S SD  A MET A 1 167 ? 14.80567  -2.81536  -7.69125  0.582 25.31395  ? 143 MET A SD  1 
ATOM   1232 S SD  B MET A 1 167 ? 15.59891  -3.28885  -6.62006  0.418 23.00744  ? 143 MET A SD  1 
ATOM   1233 C CE  A MET A 1 167 ? 16.50582  -3.30781  -7.37729  0.582 24.30539  ? 143 MET A CE  1 
ATOM   1234 C CE  B MET A 1 167 ? 13.96626  -3.40551  -5.93120  0.418 36.05009  ? 143 MET A CE  1 
ATOM   1235 N N   . ILE A 1 168 ? 13.22173  1.69337   -4.97248  1.000 21.22215  ? 144 ILE A N   1 
ATOM   1236 C CA  . ILE A 1 168 ? 12.10657  2.61559   -5.14188  1.000 21.17567  ? 144 ILE A CA  1 
ATOM   1237 C C   . ILE A 1 168 ? 12.61762  4.04665   -5.20028  1.000 21.40981  ? 144 ILE A C   1 
ATOM   1238 O O   . ILE A 1 168 ? 12.28699  4.81069   -6.11313  1.000 23.06585  ? 144 ILE A O   1 
ATOM   1239 C CB  . ILE A 1 168 ? 11.08746  2.43331   -4.01093  1.000 22.15096  ? 144 ILE A CB  1 
ATOM   1240 C CG1 . ILE A 1 168 ? 10.39661  1.06056   -4.13513  1.000 22.00435  ? 144 ILE A CG1 1 
ATOM   1241 C CG2 . ILE A 1 168 ? 10.11946  3.59548   -3.97437  1.000 22.55416  ? 144 ILE A CG2 1 
ATOM   1242 C CD1 . ILE A 1 168 ? 9.73796   0.59832   -2.84787  1.000 23.77880  ? 144 ILE A CD1 1 
ATOM   1243 N N   . ASP A 1 169 ? 13.46764  4.41831   -4.23735  1.000 24.19592  ? 145 ASP A N   1 
ATOM   1244 C CA  . ASP A 1 169 ? 13.88432  5.81253   -4.20268  1.000 26.96155  ? 145 ASP A CA  1 
ATOM   1245 C C   . ASP A 1 169 ? 14.74587  6.17619   -5.40105  1.000 24.47469  ? 145 ASP A C   1 
ATOM   1246 O O   . ASP A 1 169 ? 14.74732  7.33774   -5.81903  1.000 28.63971  ? 145 ASP A O   1 
ATOM   1247 C CB  . ASP A 1 169 ? 14.62290  6.10987   -2.90243  1.000 25.75787  ? 145 ASP A CB  1 
ATOM   1248 C CG  . ASP A 1 169 ? 13.71506  6.06377   -1.68892  1.000 32.01079  ? 145 ASP A CG  1 
ATOM   1249 O OD1 . ASP A 1 169 ? 12.47513  5.98442   -1.83983  1.000 35.56687  ? 145 ASP A OD1 1 
ATOM   1250 O OD2 . ASP A 1 169 ? 14.25095  6.11805   -0.56183  1.000 39.02805  ? 145 ASP A OD2 1 
ATOM   1251 N N   . LEU A 1 170 ? 15.42323  5.20252   -6.00501  1.000 23.37639  ? 146 LEU A N   1 
ATOM   1252 C CA  . LEU A 1 170 ? 16.17935  5.49293   -7.21241  1.000 27.10062  ? 146 LEU A CA  1 
ATOM   1253 C C   . LEU A 1 170 ? 15.30647  5.58072   -8.45453  1.000 30.18862  ? 146 LEU A C   1 
ATOM   1254 O O   . LEU A 1 170 ? 15.68772  6.25298   -9.41868  1.000 31.12456  ? 146 LEU A O   1 
ATOM   1255 C CB  . LEU A 1 170 ? 17.24660  4.42853   -7.43567  1.000 26.69831  ? 146 LEU A CB  1 
ATOM   1256 C CG  . LEU A 1 170 ? 18.43603  4.55103   -6.48797  1.000 31.00135  ? 146 LEU A CG  1 
ATOM   1257 C CD1 . LEU A 1 170 ? 19.31597  3.33303   -6.63579  1.000 31.92096  ? 146 LEU A CD1 1 
ATOM   1258 C CD2 . LEU A 1 170 ? 19.20570  5.83816   -6.78652  1.000 35.35242  ? 146 LEU A CD2 1 
ATOM   1259 N N   . HIS A 1 171 ? 14.15070  4.90841   -8.47485  1.000 22.95558  ? 147 HIS A N   1 
ATOM   1260 C CA  . HIS A 1 171 ? 13.39944  4.82342   -9.71878  1.000 24.44939  ? 147 HIS A CA  1 
ATOM   1261 C C   . HIS A 1 171 ? 12.11133  5.62419   -9.72405  1.000 26.73786  ? 147 HIS A C   1 
ATOM   1262 O O   . HIS A 1 171 ? 11.49287  5.76458   -10.78913 1.000 29.82716  ? 147 HIS A O   1 
ATOM   1263 C CB  . HIS A 1 171 ? 13.11844  3.35365   -10.04281 1.000 23.14955  ? 147 HIS A CB  1 
ATOM   1264 C CG  . HIS A 1 171 ? 14.33838  2.64492   -10.52706 1.000 22.14138  ? 147 HIS A CG  1 
ATOM   1265 N ND1 . HIS A 1 171 ? 15.19402  1.96153   -9.69082  1.000 28.97724  ? 147 HIS A ND1 1 
ATOM   1266 C CD2 . HIS A 1 171 ? 14.89109  2.58374   -11.76026 1.000 21.31278  ? 147 HIS A CD2 1 
ATOM   1267 C CE1 . HIS A 1 171 ? 16.20878  1.48407   -10.39552 1.000 23.75470  ? 147 HIS A CE1 1 
ATOM   1268 N NE2 . HIS A 1 171 ? 16.04625  1.85250   -11.65296 1.000 28.86775  ? 147 HIS A NE2 1 
ATOM   1269 N N   . VAL A 1 172 ? 11.71758  6.19065   -8.58900  1.000 23.79867  ? 148 VAL A N   1 
ATOM   1270 C CA  . VAL A 1 172 ? 10.50098  6.98400   -8.55630  1.000 24.14811  ? 148 VAL A CA  1 
ATOM   1271 C C   . VAL A 1 172 ? 10.72619  8.29883   -9.30032  1.000 31.24035  ? 148 VAL A C   1 
ATOM   1272 O O   . VAL A 1 172 ? 11.85155  8.81085   -9.38378  1.000 36.02292  ? 148 VAL A O   1 
ATOM   1273 C CB  . VAL A 1 172 ? 10.06822  7.21131   -7.09553  1.000 29.25936  ? 148 VAL A CB  1 
ATOM   1274 C CG1 . VAL A 1 172 ? 11.00994  8.17569   -6.39138  1.000 30.28161  ? 148 VAL A CG1 1 
ATOM   1275 C CG2 . VAL A 1 172 ? 8.63450   7.67106   -7.02743  1.000 31.38515  ? 148 VAL A CG2 1 
ATOM   1276 N N   . HIS A 1 173 ? 9.65341   8.84257   -9.86445  1.000 32.86763  ? 149 HIS A N   1 
ATOM   1277 C CA  . HIS A 1 173 ? 9.74971   10.06984  -10.65521 1.000 53.73997  ? 149 HIS A CA  1 
ATOM   1278 C C   . HIS A 1 173 ? 9.00127   11.22696  -9.99904  1.000 45.85517  ? 149 HIS A C   1 
ATOM   1279 O O   . HIS A 1 173 ? 8.46243   11.08546  -8.89874  1.000 51.54314  ? 149 HIS A O   1 
ATOM   1280 C CB  . HIS A 1 173 ? 9.21432   9.83221   -12.06736 1.000 52.68580  ? 149 HIS A CB  1 
ATOM   1281 C CG  . HIS A 1 173 ? 10.21939  9.22676   -12.99712 1.000 80.44269  ? 149 HIS A CG  1 
ATOM   1282 N ND1 . HIS A 1 173 ? 11.46269  9.78414   -13.21404 1.000 88.43984  ? 149 HIS A ND1 1 
ATOM   1283 C CD2 . HIS A 1 173 ? 10.17049  8.10855   -13.75982 1.000 70.61826  ? 149 HIS A CD2 1 
ATOM   1284 C CE1 . HIS A 1 173 ? 12.13263  9.03687   -14.07344 1.000 86.17388  ? 149 HIS A CE1 1 
ATOM   1285 N NE2 . HIS A 1 173 ? 11.37203  8.01386   -14.41903 1.000 74.44858  ? 149 HIS A NE2 1 
HETATM 1286 S S   . SO4 B 2 .   ? -11.31192 -6.35291  -4.70021  0.748 29.01532  ? 201 SO4 A S   1 
HETATM 1287 O O1  . SO4 B 2 .   ? -11.06247 -6.16069  -3.27810  0.748 28.20496  ? 201 SO4 A O1  1 
HETATM 1288 O O2  . SO4 B 2 .   ? -10.44525 -7.40070  -5.24428  0.748 34.40125  ? 201 SO4 A O2  1 
HETATM 1289 O O3  . SO4 B 2 .   ? -12.71984 -6.71787  -4.86243  0.748 38.35409  ? 201 SO4 A O3  1 
HETATM 1290 O O4  . SO4 B 2 .   ? -11.04212 -5.06676  -5.33580  0.748 46.03057  ? 201 SO4 A O4  1 
HETATM 1291 S S   . SO4 C 2 .   ? -10.45747 14.23499  11.62460  0.465 20.72715  ? 202 SO4 A S   1 
HETATM 1292 O O1  . SO4 C 2 .   ? -9.99322  14.79211  12.89322  0.465 23.43903  ? 202 SO4 A O1  1 
HETATM 1293 O O2  . SO4 C 2 .   ? -9.50547  13.20958  11.23396  0.465 26.86877  ? 202 SO4 A O2  1 
HETATM 1294 O O3  . SO4 C 2 .   ? -11.79895 13.66552  11.75734  0.465 18.62080  ? 202 SO4 A O3  1 
HETATM 1295 O O4  . SO4 C 2 .   ? -10.48493 15.29374  10.62443  0.465 24.25384  ? 202 SO4 A O4  1 
HETATM 1296 S S   . SO4 D 2 .   ? -6.15792  -10.69173 -5.40329  1.000 47.32601  ? 203 SO4 A S   1 
HETATM 1297 O O1  . SO4 D 2 .   ? -5.38461  -9.81772  -4.52381  1.000 51.52256  ? 203 SO4 A O1  1 
HETATM 1298 O O2  . SO4 D 2 .   ? -5.25297  -11.39008 -6.31737  1.000 51.14585  ? 203 SO4 A O2  1 
HETATM 1299 O O3  . SO4 D 2 .   ? -6.89055  -11.69343 -4.63623  1.000 52.23571  ? 203 SO4 A O3  1 
HETATM 1300 O O4  . SO4 D 2 .   ? -7.10714  -9.88253  -6.16822  1.000 53.12398  ? 203 SO4 A O4  1 
HETATM 1301 O O   . HOH E 3 .   ? -6.66962  -12.80746 -2.76700  1.000 34.59243  ? 301 HOH A O   1 
HETATM 1302 O O   . HOH E 3 .   ? 22.74992  0.76178   2.27974   1.000 36.07645  ? 302 HOH A O   1 
HETATM 1303 O O   . HOH E 3 .   ? -5.12059  4.15343   -18.17127 1.000 38.33024  ? 303 HOH A O   1 
HETATM 1304 O O   . HOH E 3 .   ? 5.33204   10.33687  7.70424   1.000 85.95329  ? 304 HOH A O   1 
HETATM 1305 O O   . HOH E 3 .   ? -1.12452  -16.11304 -3.05487  1.000 30.74660  ? 305 HOH A O   1 
HETATM 1306 O O   . HOH E 3 .   ? -10.78610 10.39506  -12.13812 1.000 41.20042  ? 306 HOH A O   1 
HETATM 1307 O O   . HOH E 3 .   ? -11.20606 17.51281  10.49502  1.000 26.77106  ? 307 HOH A O   1 
HETATM 1308 O O   . HOH E 3 .   ? 15.34972  8.31574   -0.40028  1.000 58.06098  ? 308 HOH A O   1 
HETATM 1309 O O   . HOH E 3 .   ? 5.68522   -3.53952  8.55138   1.000 40.94433  ? 309 HOH A O   1 
HETATM 1310 O O   . HOH E 3 .   ? 8.03592   -8.01611  9.84951   1.000 43.83069  ? 310 HOH A O   1 
HETATM 1311 O O   . HOH E 3 .   ? -2.46468  -12.07031 10.02089  1.000 40.41648  ? 311 HOH A O   1 
HETATM 1312 O O   . HOH E 3 .   ? -10.12803 -2.75619  -4.99074  1.000 32.46899  ? 312 HOH A O   1 
HETATM 1313 O O   . HOH E 3 .   ? -4.41548  -9.42284  15.89656  1.000 54.61173  ? 313 HOH A O   1 
HETATM 1314 O O   . HOH E 3 .   ? 19.82699  -7.43179  -1.40427  1.000 32.61732  ? 314 HOH A O   1 
HETATM 1315 O O   . HOH E 3 .   ? -14.58923 3.31015   1.14937   1.000 40.06776  ? 315 HOH A O   1 
HETATM 1316 O O   . HOH E 3 .   ? 18.63933  -16.07095 -8.31473  1.000 57.26754  ? 316 HOH A O   1 
HETATM 1317 O O   . HOH E 3 .   ? 17.42599  -14.12753 -17.38932 1.000 42.79535  ? 317 HOH A O   1 
HETATM 1318 O O   . HOH E 3 .   ? -0.53555  -16.08777 -9.60415  1.000 39.84545  ? 318 HOH A O   1 
HETATM 1319 O O   . HOH E 3 .   ? 0.03220   -18.04269 -1.47162  1.000 28.89502  ? 319 HOH A O   1 
HETATM 1320 O O   . HOH E 3 .   ? -13.72269 14.50793  10.16761  0.50  52.97029  ? 320 HOH A O   1 
HETATM 1321 O O   . HOH E 3 .   ? 14.55811  -5.45907  -17.82512 1.000 22.53651  ? 321 HOH A O   1 
HETATM 1322 O O   . HOH E 3 .   ? -11.61203 -12.90283 -0.97724  1.000 35.38948  ? 322 HOH A O   1 
HETATM 1323 O O   . HOH E 3 .   ? 4.02272   -0.77936  11.72036  1.000 53.81023  ? 323 HOH A O   1 
HETATM 1324 O O   . HOH E 3 .   ? -13.63530 0.79370   2.79479   1.000 44.09854  ? 324 HOH A O   1 
HETATM 1325 O O   . HOH E 3 .   ? -13.99970 -7.36667  -7.10043  1.000 31.99488  ? 325 HOH A O   1 
HETATM 1326 O O   . HOH E 3 .   ? -15.77665 -1.80768  1.15422   1.000 39.00152  ? 326 HOH A O   1 
HETATM 1327 O O   . HOH E 3 .   ? -1.75849  8.01633   -13.25070 1.000 45.69947  ? 327 HOH A O   1 
HETATM 1328 O O   . HOH E 3 .   ? 7.83395   6.58113   -2.68933  1.000 44.26687  ? 328 HOH A O   1 
HETATM 1329 O O   . HOH E 3 .   ? -2.23672  -9.88115  -5.60370  1.000 32.23069  ? 329 HOH A O   1 
HETATM 1330 O O   . HOH E 3 .   ? 14.52947  -20.82656 8.00536   1.000 36.07922  ? 330 HOH A O   1 
HETATM 1331 O O   . HOH E 3 .   ? 1.87171   -16.93988 4.27489   1.000 42.49699  ? 331 HOH A O   1 
HETATM 1332 O O   . HOH E 3 .   ? 8.48498   -18.78667 -11.09225 1.000 29.44061  ? 332 HOH A O   1 
HETATM 1333 O O   . HOH E 3 .   ? -10.05131 -1.72875  13.60873  1.000 38.05038  ? 333 HOH A O   1 
HETATM 1334 O O   . HOH E 3 .   ? -13.49047 -2.01189  10.26348  1.000 41.26603  ? 334 HOH A O   1 
HETATM 1335 O O   . HOH E 3 .   ? -14.77539 11.33399  9.25609   1.000 34.65305  ? 335 HOH A O   1 
HETATM 1336 O O   . HOH E 3 .   ? -10.22333 0.60482   16.20357  1.000 56.94938  ? 336 HOH A O   1 
HETATM 1337 O O   . HOH E 3 .   ? 8.16029   -6.13765  -12.40083 1.000 29.00196  ? 337 HOH A O   1 
HETATM 1338 O O   . HOH E 3 .   ? -9.77774  -3.35937  10.80346  1.000 32.60173  ? 338 HOH A O   1 
HETATM 1339 O O   . HOH E 3 .   ? 1.46625   4.49197   6.06003   1.000 33.33390  ? 339 HOH A O   1 
HETATM 1340 O O   . HOH E 3 .   ? -13.69578 13.47751  5.34016   1.000 39.07329  ? 340 HOH A O   1 
HETATM 1341 O O   . HOH E 3 .   ? -9.02662  18.75192  8.56317   1.000 39.95760  ? 341 HOH A O   1 
HETATM 1342 O O   . HOH E 3 .   ? -2.87677  -1.28544  14.20703  1.000 36.06748  ? 342 HOH A O   1 
HETATM 1343 O O   . HOH E 3 .   ? -16.26406 -12.14006 6.40419   1.000 42.06102  ? 343 HOH A O   1 
HETATM 1344 O O   . HOH E 3 .   ? -7.73157  13.30032  13.58260  0.50  40.85107  ? 344 HOH A O   1 
HETATM 1345 O O   . HOH E 3 .   ? 2.86202   -15.03193 -9.49623  1.000 28.26046  ? 345 HOH A O   1 
HETATM 1346 O O   . HOH E 3 .   ? -12.47667 18.09464  0.48590   1.000 48.35046  ? 346 HOH A O   1 
HETATM 1347 O O   . HOH E 3 .   ? -14.37686 3.69563   12.04095  1.000 37.57545  ? 347 HOH A O   1 
HETATM 1348 O O   . HOH E 3 .   ? 9.80880   -19.36272 -13.66965 1.000 35.36644  ? 348 HOH A O   1 
HETATM 1349 O O   . HOH E 3 .   ? -6.18850  -15.69006 -3.48851  1.000 56.97627  ? 349 HOH A O   1 
HETATM 1350 O O   . HOH E 3 .   ? 18.84184  -13.74323 7.95923   1.000 36.25642  ? 350 HOH A O   1 
HETATM 1351 O O   . HOH E 3 .   ? 10.28504  -16.69627 -12.83036 1.000 27.85726  ? 351 HOH A O   1 
HETATM 1352 O O   . HOH E 3 .   ? 2.60908   -8.15755  -9.27847  1.000 23.26309  ? 352 HOH A O   1 
HETATM 1353 O O   . HOH E 3 .   ? 1.70629   9.50433   -9.46692  1.000 40.23336  ? 353 HOH A O   1 
HETATM 1354 O O   . HOH E 3 .   ? -14.06617 15.85774  3.49001   1.000 45.48683  ? 354 HOH A O   1 
HETATM 1355 O O   . HOH E 3 .   ? 7.57130   -21.00997 -15.15060 1.000 53.24176  ? 355 HOH A O   1 
HETATM 1356 O O   . HOH E 3 .   ? -13.76418 -4.72803  9.65813   1.000 38.25243  ? 356 HOH A O   1 
HETATM 1357 O O   . HOH E 3 .   ? -1.49813  -6.01589  1.75131   1.000 30.13124  ? 357 HOH A O   1 
HETATM 1358 O O   . HOH E 3 .   ? -16.90533 12.99042  -2.57199  1.000 46.96343  ? 358 HOH A O   1 
HETATM 1359 O O   . HOH E 3 .   ? -2.95201  10.56775  6.59909   1.000 27.84338  ? 359 HOH A O   1 
HETATM 1360 O O   . HOH E 3 .   ? -0.43295  15.38586  -6.94088  1.000 42.30212  ? 360 HOH A O   1 
HETATM 1361 O O   . HOH E 3 .   ? -4.47491  1.56709   -11.22901 1.000 41.41126  ? 361 HOH A O   1 
HETATM 1362 O O   . HOH E 3 .   ? 9.63156   -12.28143 10.91311  1.000 36.53334  ? 362 HOH A O   1 
HETATM 1363 O O   . HOH E 3 .   ? 5.62757   -7.15953  10.66689  1.000 39.10329  ? 363 HOH A O   1 
HETATM 1364 O O   . HOH E 3 .   ? -5.01624  -15.89056 2.50438   1.000 44.18580  ? 364 HOH A O   1 
HETATM 1365 O O   . HOH E 3 .   ? -10.20518 8.37442   -16.30114 1.000 47.62275  ? 365 HOH A O   1 
HETATM 1366 O O   . HOH E 3 .   ? 6.01872   -18.82192 7.02106   1.000 42.29155  ? 366 HOH A O   1 
HETATM 1367 O O   . HOH E 3 .   ? -2.68018  20.80351  5.00404   1.000 61.49181  ? 367 HOH A O   1 
HETATM 1368 O O   . HOH E 3 .   ? 18.00769  5.04557   -3.03388  1.000 36.71725  ? 368 HOH A O   1 
HETATM 1369 O O   . HOH E 3 .   ? -5.09048  -0.39519  -5.05357  1.000 44.48295  ? 369 HOH A O   1 
HETATM 1370 O O   . HOH E 3 .   ? -2.17284  -4.00835  -1.58896  1.000 58.91407  ? 370 HOH A O   1 
HETATM 1371 O O   . HOH E 3 .   ? -2.86451  8.65643   10.88464  1.000 36.76931  ? 371 HOH A O   1 
HETATM 1372 O O   . HOH E 3 .   ? 5.93503   9.62568   -8.33696  1.000 45.64898  ? 372 HOH A O   1 
HETATM 1373 O O   . HOH E 3 .   ? -19.10455 11.03951  5.85070   1.000 53.29013  ? 373 HOH A O   1 
HETATM 1374 O O   . HOH E 3 .   ? 6.99006   7.52192   -10.04617 1.000 43.21186  ? 374 HOH A O   1 
HETATM 1375 O O   . HOH E 3 .   ? -10.24624 -10.99623 13.10494  1.000 54.69547  ? 375 HOH A O   1 
HETATM 1376 O O   . HOH E 3 .   ? -2.92359  16.70558  -6.67436  1.000 49.38378  ? 376 HOH A O   1 
HETATM 1377 O O   . HOH E 3 .   ? -15.31839 3.42757   7.46616   1.000 48.68544  ? 377 HOH A O   1 
HETATM 1378 O O   . HOH E 3 .   ? -2.04582  -16.41527 -5.66199  1.000 40.84307  ? 378 HOH A O   1 
HETATM 1379 O O   . HOH E 3 .   ? -3.86952  -16.28978 -1.80933  1.000 37.30518  ? 379 HOH A O   1 
HETATM 1380 O O   . HOH E 3 .   ? 12.54513  -12.45574 9.97547   1.000 39.75092  ? 380 HOH A O   1 
HETATM 1381 O O   . HOH E 3 .   ? 1.16895   5.13698   -10.11167 1.000 44.99083  ? 381 HOH A O   1 
HETATM 1382 O O   . HOH E 3 .   ? -0.91039  19.60259  5.70793   1.000 63.25729  ? 382 HOH A O   1 
HETATM 1383 O O   . HOH E 3 .   ? 23.15080  1.17516   4.82850   1.000 45.81955  ? 383 HOH A O   1 
HETATM 1384 O O   . HOH E 3 .   ? 0.34909   0.28658   -0.25089  1.000 39.18617  ? 384 HOH A O   1 
HETATM 1385 O O   . HOH E 3 .   ? -4.82920  -15.24491 -6.39847  1.000 52.29741  ? 385 HOH A O   1 
HETATM 1386 O O   . HOH E 3 .   ? -14.89733 -0.61494  4.50252   1.000 50.46402  ? 386 HOH A O   1 
HETATM 1387 O O   . HOH E 3 .   ? -1.36198  -1.94812  -4.24489  1.000 56.82281  ? 387 HOH A O   1 
HETATM 1388 O O   . HOH E 3 .   ? -0.89766  -5.46130  -0.75223  1.000 39.00994  ? 388 HOH A O   1 
HETATM 1389 O O   . HOH E 3 .   ? 5.81988   9.58955   -5.78604  1.000 42.27430  ? 389 HOH A O   1 
HETATM 1390 O O   . HOH E 3 .   ? -18.45422 10.07340  8.60566   1.000 55.72233  ? 390 HOH A O   1 
HETATM 1391 O O   . HOH E 3 .   ? -13.99450 1.65623   13.79174  1.000 50.53463  ? 391 HOH A O   1 
HETATM 1392 O O   . HOH E 3 .   ? 13.35647  -14.12798 11.83746  1.000 51.47849  ? 392 HOH A O   1 
HETATM 1393 O O   . HOH E 3 .   ? 17.48225  -8.89988  -0.71281  0.50  29.79909  ? 393 HOH A O   1 
HETATM 1394 O O   . HOH E 3 .   ? -18.88810 3.40722   6.61184   1.000 56.61159  ? 394 HOH A O   1 
HETATM 1395 O O   . HOH E 3 .   ? -2.20410  11.53086  -14.07369 1.000 49.19927  ? 395 HOH A O   1 
HETATM 1396 O O   . HOH E 3 .   ? 0.85442   7.38885   -10.69678 1.000 47.85097  ? 396 HOH A O   1 
HETATM 1397 O O   . HOH E 3 .   ? 8.09491   -8.82803  -16.14451 1.000 57.76017  ? 397 HOH A O   1 
HETATM 1398 O O   . HOH E 3 .   ? 6.40897   -7.19217  -14.43696 1.000 54.01968  ? 398 HOH A O   1 
HETATM 1399 O O   . HOH E 3 .   ? 0.10299   -6.12525  -5.74383  1.000 49.95260  ? 399 HOH A O   1 
HETATM 1400 O O   . HOH E 3 .   ? 19.68195  2.90241   -10.70000 1.000 39.10569  ? 400 HOH A O   1 
HETATM 1401 O O   . HOH E 3 .   ? 6.41263   -9.79582  -14.97457 1.000 46.81738  ? 401 HOH A O   1 
HETATM 1402 O O   . HOH E 3 .   ? -3.61215  -2.21644  -4.46772  1.000 51.16320  ? 402 HOH A O   1 
HETATM 1403 O O   . HOH E 3 .   ? -6.17027  0.76557   -9.82152  1.000 69.18002  ? 403 HOH A O   1 
HETATM 1404 O O   . HOH E 3 .   ? -11.65064 -5.36924  11.26278  1.000 39.21534  ? 404 HOH A O   1 
HETATM 1405 O O   . HOH E 3 .   ? -15.83321 2.99201   9.95992   1.000 52.05603  ? 405 HOH A O   1 
HETATM 1406 O O   . HOH E 3 .   ? -14.81427 13.60598  8.24781   1.000 54.88774  ? 406 HOH A O   1 
HETATM 1407 O O   . HOH E 3 .   ? -6.01294  6.26537   -16.56110 0.50  35.16102  ? 407 HOH A O   1 
HETATM 1408 O O   . HOH E 3 .   ? 1.00187   -4.27864  -7.69489  1.000 36.22424  ? 408 HOH A O   1 
HETATM 1409 O O   . HOH E 3 .   ? -0.74956  -1.73457  -0.27644  1.000 61.04220  ? 409 HOH A O   1 
HETATM 1410 O O   . HOH E 3 .   ? -3.51017  7.25341   -15.89857 1.000 37.45017  ? 410 HOH A O   1 
HETATM 1411 O O   . HOH E 3 .   ? -1.13979  -7.79882  -6.56625  1.000 35.88177  ? 411 HOH A O   1 
HETATM 1412 O O   . HOH E 3 .   ? 12.05387  -9.71916  9.99071   1.000 57.78681  ? 412 HOH A O   1 
HETATM 1413 O O   . HOH E 3 .   ? -3.50317  10.17717  -16.53957 1.000 46.30927  ? 413 HOH A O   1 
# 
loop_
_pdbx_poly_seq_scheme.asym_id 
_pdbx_poly_seq_scheme.entity_id 
_pdbx_poly_seq_scheme.seq_id 
_pdbx_poly_seq_scheme.mon_id 
_pdbx_poly_seq_scheme.ndb_seq_num 
_pdbx_poly_seq_scheme.pdb_seq_num 
_pdbx_poly_seq_scheme.auth_seq_num 
_pdbx_poly_seq_scheme.pdb_mon_id 
_pdbx_poly_seq_scheme.auth_mon_id 
_pdbx_poly_seq_scheme.pdb_strand_id 
_pdbx_poly_seq_scheme.pdb_ins_code 
_pdbx_poly_seq_scheme.hetero 
A 1 1   MET 1   -23 ?   ?   ?   A . n 
A 1 2   HIS 2   -22 ?   ?   ?   A . n 
A 1 3   HIS 3   -21 ?   ?   ?   A . n 
A 1 4   HIS 4   -20 ?   ?   ?   A . n 
A 1 5   HIS 5   -19 ?   ?   ?   A . n 
A 1 6   HIS 6   -18 ?   ?   ?   A . n 
A 1 7   HIS 7   -17 ?   ?   ?   A . n 
A 1 8   SER 8   -16 ?   ?   ?   A . n 
A 1 9   SER 9   -15 ?   ?   ?   A . n 
A 1 10  GLY 10  -14 ?   ?   ?   A . n 
A 1 11  VAL 11  -13 ?   ?   ?   A . n 
A 1 12  ASP 12  -12 ?   ?   ?   A . n 
A 1 13  LEU 13  -11 ?   ?   ?   A . n 
A 1 14  GLY 14  -10 ?   ?   ?   A . n 
A 1 15  THR 15  -9  ?   ?   ?   A . n 
A 1 16  GLU 16  -8  ?   ?   ?   A . n 
A 1 17  ASN 17  -7  ?   ?   ?   A . n 
A 1 18  LEU 18  -6  ?   ?   ?   A . n 
A 1 19  TYR 19  -5  ?   ?   ?   A . n 
A 1 20  PHE 20  -4  ?   ?   ?   A . n 
A 1 21  GLN 21  -3  ?   ?   ?   A . n 
A 1 22  SER 22  -2  ?   ?   ?   A . n 
A 1 23  ASN 23  -1  ?   ?   ?   A . n 
A 1 24  ALA 24  0   ?   ?   ?   A . n 
A 1 25  MET 25  1   ?   ?   ?   A . n 
A 1 26  ALA 26  2   ?   ?   ?   A . n 
A 1 27  GLU 27  3   ?   ?   ?   A . n 
A 1 28  GLN 28  4   ?   ?   ?   A . n 
A 1 29  PRO 29  5   ?   ?   ?   A . n 
A 1 30  PRO 30  6   ?   ?   ?   A . n 
A 1 31  GLU 31  7   ?   ?   ?   A . n 
A 1 32  THR 32  8   ?   ?   ?   A . n 
A 1 33  HIS 33  9   ?   ?   ?   A . n 
A 1 34  ARG 34  10  10  ARG ARG A . n 
A 1 35  PHE 35  11  11  PHE PHE A . n 
A 1 36  VAL 36  12  12  VAL VAL A . n 
A 1 37  ASP 37  13  13  ASP ASP A . n 
A 1 38  ASP 38  14  14  ASP ASP A . n 
A 1 39  TYR 39  15  15  TYR TYR A . n 
A 1 40  LEU 40  16  16  LEU LEU A . n 
A 1 41  PRO 41  17  17  PRO PRO A . n 
A 1 42  ALA 42  18  18  ALA ALA A . n 
A 1 43  LEU 43  19  19  LEU LEU A . n 
A 1 44  LEU 44  20  20  LEU LEU A . n 
A 1 45  ALA 45  21  21  ALA ALA A . n 
A 1 46  GLN 46  22  22  GLN GLN A . n 
A 1 47  ALA 47  23  23  ALA ALA A . n 
A 1 48  SER 48  24  24  SER SER A . n 
A 1 49  GLN 49  25  25  GLN GLN A . n 
A 1 50  LEU 50  26  26  LEU LEU A . n 
A 1 51  ILE 51  27  27  ILE ILE A . n 
A 1 52  ALA 52  28  28  ALA ALA A . n 
A 1 53  SER 53  29  29  SER SER A . n 
A 1 54  GLU 54  30  30  GLU GLU A . n 
A 1 55  PHE 55  31  31  PHE PHE A . n 
A 1 56  HIS 56  32  32  HIS HIS A . n 
A 1 57  GLU 57  33  33  GLU GLU A . n 
A 1 58  VAL 58  34  34  VAL VAL A . n 
A 1 59  ALA 59  35  35  ALA ALA A . n 
A 1 60  ARG 60  36  36  ARG ARG A . n 
A 1 61  GLN 61  37  37  GLN GLN A . n 
A 1 62  HIS 62  38  38  HIS HIS A . n 
A 1 63  GLY 63  39  39  GLY GLY A . n 
A 1 64  PHE 64  40  40  PHE PHE A . n 
A 1 65  SER 65  41  41  SER SER A . n 
A 1 66  VAL 66  42  42  VAL VAL A . n 
A 1 67  SER 67  43  43  SER SER A . n 
A 1 68  GLU 68  44  44  GLU GLU A . n 
A 1 69  TRP 69  45  45  TRP TRP A . n 
A 1 70  ALA 70  46  46  ALA ALA A . n 
A 1 71  VAL 71  47  47  VAL VAL A . n 
A 1 72  MET 72  48  48  MET MET A . n 
A 1 73  ALA 73  49  49  ALA ALA A . n 
A 1 74  SER 74  50  50  SER SER A . n 
A 1 75  LEU 75  51  51  LEU LEU A . n 
A 1 76  ALA 76  52  52  ALA ALA A . n 
A 1 77  GLY 77  53  53  GLY GLY A . n 
A 1 78  SER 78  54  54  SER SER A . n 
A 1 79  GLU 79  55  55  GLU GLU A . n 
A 1 80  PRO 80  56  56  PRO PRO A . n 
A 1 81  ILE 81  57  57  ILE ILE A . n 
A 1 82  SER 82  58  58  SER SER A . n 
A 1 83  ILE 83  59  59  ILE ILE A . n 
A 1 84  GLY 84  60  60  GLY GLY A . n 
A 1 85  GLN 85  61  61  GLN GLN A . n 
A 1 86  LEU 86  62  62  LEU LEU A . n 
A 1 87  ALA 87  63  63  ALA ALA A . n 
A 1 88  GLN 88  64  64  GLN GLN A . n 
A 1 89  VAL 89  65  65  VAL VAL A . n 
A 1 90  THR 90  66  66  THR THR A . n 
A 1 91  VAL 91  67  67  VAL VAL A . n 
A 1 92  THR 92  68  68  THR THR A . n 
A 1 93  LYS 93  69  69  LYS LYS A . n 
A 1 94  GLN 94  70  70  GLN GLN A . n 
A 1 95  PRO 95  71  71  PRO PRO A . n 
A 1 96  THR 96  72  72  THR THR A . n 
A 1 97  VAL 97  73  73  VAL VAL A . n 
A 1 98  THR 98  74  74  THR THR A . n 
A 1 99  ARG 99  75  75  ARG ARG A . n 
A 1 100 LEU 100 76  76  LEU LEU A . n 
A 1 101 LEU 101 77  77  LEU LEU A . n 
A 1 102 ASP 102 78  78  ASP ASP A . n 
A 1 103 ARG 103 79  79  ARG ARG A . n 
A 1 104 MET 104 80  80  MET MET A . n 
A 1 105 GLU 105 81  81  GLU GLU A . n 
A 1 106 ALA 106 82  82  ALA ALA A . n 
A 1 107 ARG 107 83  83  ARG ARG A . n 
A 1 108 GLY 108 84  84  GLY GLY A . n 
A 1 109 GLN 109 85  85  GLN GLN A . n 
A 1 110 VAL 110 86  86  VAL VAL A . n 
A 1 111 GLU 111 87  87  GLU GLU A . n 
A 1 112 ARG 112 88  88  ARG ARG A . n 
A 1 113 LEU 113 89  89  LEU LEU A . n 
A 1 114 PRO 114 90  90  PRO PRO A . n 
A 1 115 HIS 115 91  91  HIS HIS A . n 
A 1 116 GLU 116 92  92  GLU GLU A . n 
A 1 117 SER 117 93  93  SER SER A . n 
A 1 118 ASP 118 94  94  ASP ASP A . n 
A 1 119 ARG 119 95  95  ARG ARG A . n 
A 1 120 ARG 120 96  96  ARG ARG A . n 
A 1 121 ILE 121 97  97  ILE ILE A . n 
A 1 122 THR 122 98  98  THR THR A . n 
A 1 123 LEU 123 99  99  LEU LEU A . n 
A 1 124 VAL 124 100 100 VAL VAL A . n 
A 1 125 ARG 125 101 101 ARG ARG A . n 
A 1 126 ILE 126 102 102 ILE ILE A . n 
A 1 127 THR 127 103 103 THR THR A . n 
A 1 128 ARG 128 104 104 ARG ARG A . n 
A 1 129 LYS 129 105 105 LYS LYS A . n 
A 1 130 GLY 130 106 106 GLY GLY A . n 
A 1 131 LEU 131 107 107 LEU LEU A . n 
A 1 132 LYS 132 108 108 LYS LYS A . n 
A 1 133 ALA 133 109 109 ALA ALA A . n 
A 1 134 VAL 134 110 110 VAL VAL A . n 
A 1 135 GLU 135 111 111 GLU GLU A . n 
A 1 136 HIS 136 112 112 HIS HIS A . n 
A 1 137 LEU 137 113 113 LEU LEU A . n 
A 1 138 MET 138 114 114 MET MET A . n 
A 1 139 GLU 139 115 115 GLU GLU A . n 
A 1 140 LEU 140 116 116 LEU LEU A . n 
A 1 141 ALA 141 117 117 ALA ALA A . n 
A 1 142 ARG 142 118 118 ARG ARG A . n 
A 1 143 GLU 143 119 119 GLU GLU A . n 
A 1 144 HIS 144 120 120 HIS HIS A . n 
A 1 145 GLU 145 121 121 GLU GLU A . n 
A 1 146 ARG 146 122 122 ARG ARG A . n 
A 1 147 ARG 147 123 123 ARG ARG A . n 
A 1 148 VAL 148 124 124 VAL VAL A . n 
A 1 149 LEU 149 125 125 LEU LEU A . n 
A 1 150 GLU 150 126 126 GLU GLU A . n 
A 1 151 PRO 151 127 127 PRO PRO A . n 
A 1 152 PHE 152 128 128 PHE PHE A . n 
A 1 153 GLY 153 129 129 GLY GLY A . n 
A 1 154 LEU 154 130 130 LEU LEU A . n 
A 1 155 ARG 155 131 131 ARG ARG A . n 
A 1 156 ARG 156 132 132 ARG ARG A . n 
A 1 157 ALA 157 133 133 ALA ALA A . n 
A 1 158 GLU 158 134 134 GLU GLU A . n 
A 1 159 GLU 159 135 135 GLU GLU A . n 
A 1 160 LEU 160 136 136 LEU LEU A . n 
A 1 161 LYS 161 137 137 LYS LYS A . n 
A 1 162 GLN 162 138 138 GLN GLN A . n 
A 1 163 THR 163 139 139 THR THR A . n 
A 1 164 LEU 164 140 140 LEU LEU A . n 
A 1 165 ARG 165 141 141 ARG ARG A . n 
A 1 166 GLN 166 142 142 GLN GLN A . n 
A 1 167 MET 167 143 143 MET MET A . n 
A 1 168 ILE 168 144 144 ILE ILE A . n 
A 1 169 ASP 169 145 145 ASP ASP A . n 
A 1 170 LEU 170 146 146 LEU LEU A . n 
A 1 171 HIS 171 147 147 HIS HIS A . n 
A 1 172 VAL 172 148 148 VAL VAL A . n 
A 1 173 HIS 173 149 149 HIS HIS A . n 
A 1 174 VAL 174 150 ?   ?   ?   A . n 
A 1 175 PRO 175 151 ?   ?   ?   A . n 
A 1 176 VAL 176 152 ?   ?   ?   A . n 
A 1 177 GLU 177 153 ?   ?   ?   A . n 
A 1 178 GLU 178 154 ?   ?   ?   A . n 
A 1 179 PRO 179 155 ?   ?   ?   A . n 
A 1 180 GLU 180 156 ?   ?   ?   A . n 
A 1 181 GLU 181 157 ?   ?   ?   A . n 
A 1 182 ASP 182 158 ?   ?   ?   A . n 
# 
loop_
_pdbx_nonpoly_scheme.asym_id 
_pdbx_nonpoly_scheme.entity_id 
_pdbx_nonpoly_scheme.mon_id 
_pdbx_nonpoly_scheme.ndb_seq_num 
_pdbx_nonpoly_scheme.pdb_seq_num 
_pdbx_nonpoly_scheme.auth_seq_num 
_pdbx_nonpoly_scheme.pdb_mon_id 
_pdbx_nonpoly_scheme.auth_mon_id 
_pdbx_nonpoly_scheme.pdb_strand_id 
_pdbx_nonpoly_scheme.pdb_ins_code 
B 2 SO4 1   201 1   SO4 SO4 A . 
C 2 SO4 1   202 2   SO4 SO4 A . 
D 2 SO4 1   203 3   SO4 SO4 A . 
E 3 HOH 1   301 32  HOH HOH A . 
E 3 HOH 2   302 38  HOH HOH A . 
E 3 HOH 3   303 46  HOH HOH A . 
E 3 HOH 4   304 120 HOH HOH A . 
E 3 HOH 5   305 11  HOH HOH A . 
E 3 HOH 6   306 68  HOH HOH A . 
E 3 HOH 7   307 8   HOH HOH A . 
E 3 HOH 8   308 47  HOH HOH A . 
E 3 HOH 9   309 57  HOH HOH A . 
E 3 HOH 10  310 74  HOH HOH A . 
E 3 HOH 11  311 86  HOH HOH A . 
E 3 HOH 12  312 13  HOH HOH A . 
E 3 HOH 13  313 63  HOH HOH A . 
E 3 HOH 14  314 16  HOH HOH A . 
E 3 HOH 15  315 24  HOH HOH A . 
E 3 HOH 16  316 97  HOH HOH A . 
E 3 HOH 17  317 39  HOH HOH A . 
E 3 HOH 18  318 73  HOH HOH A . 
E 3 HOH 19  319 15  HOH HOH A . 
E 3 HOH 20  320 49  HOH HOH A . 
E 3 HOH 21  321 1   HOH HOH A . 
E 3 HOH 22  322 19  HOH HOH A . 
E 3 HOH 23  323 110 HOH HOH A . 
E 3 HOH 24  324 65  HOH HOH A . 
E 3 HOH 25  325 9   HOH HOH A . 
E 3 HOH 26  326 75  HOH HOH A . 
E 3 HOH 27  327 60  HOH HOH A . 
E 3 HOH 28  328 52  HOH HOH A . 
E 3 HOH 29  329 23  HOH HOH A . 
E 3 HOH 30  330 42  HOH HOH A . 
E 3 HOH 31  331 70  HOH HOH A . 
E 3 HOH 32  332 17  HOH HOH A . 
E 3 HOH 33  333 58  HOH HOH A . 
E 3 HOH 34  334 22  HOH HOH A . 
E 3 HOH 35  335 26  HOH HOH A . 
E 3 HOH 36  336 99  HOH HOH A . 
E 3 HOH 37  337 6   HOH HOH A . 
E 3 HOH 38  338 3   HOH HOH A . 
E 3 HOH 39  339 7   HOH HOH A . 
E 3 HOH 40  340 55  HOH HOH A . 
E 3 HOH 41  341 28  HOH HOH A . 
E 3 HOH 42  342 51  HOH HOH A . 
E 3 HOH 43  343 71  HOH HOH A . 
E 3 HOH 44  344 66  HOH HOH A . 
E 3 HOH 45  345 12  HOH HOH A . 
E 3 HOH 46  346 61  HOH HOH A . 
E 3 HOH 47  347 62  HOH HOH A . 
E 3 HOH 48  348 27  HOH HOH A . 
E 3 HOH 49  349 87  HOH HOH A . 
E 3 HOH 50  350 45  HOH HOH A . 
E 3 HOH 51  351 4   HOH HOH A . 
E 3 HOH 52  352 2   HOH HOH A . 
E 3 HOH 53  353 89  HOH HOH A . 
E 3 HOH 54  354 90  HOH HOH A . 
E 3 HOH 55  355 121 HOH HOH A . 
E 3 HOH 56  356 40  HOH HOH A . 
E 3 HOH 57  357 21  HOH HOH A . 
E 3 HOH 58  358 106 HOH HOH A . 
E 3 HOH 59  359 5   HOH HOH A . 
E 3 HOH 60  360 14  HOH HOH A . 
E 3 HOH 61  361 122 HOH HOH A . 
E 3 HOH 62  362 36  HOH HOH A . 
E 3 HOH 63  363 31  HOH HOH A . 
E 3 HOH 64  364 72  HOH HOH A . 
E 3 HOH 65  365 95  HOH HOH A . 
E 3 HOH 66  366 82  HOH HOH A . 
E 3 HOH 67  367 96  HOH HOH A . 
E 3 HOH 68  368 30  HOH HOH A . 
E 3 HOH 69  369 81  HOH HOH A . 
E 3 HOH 70  370 114 HOH HOH A . 
E 3 HOH 71  371 20  HOH HOH A . 
E 3 HOH 72  372 54  HOH HOH A . 
E 3 HOH 73  373 94  HOH HOH A . 
E 3 HOH 74  374 91  HOH HOH A . 
E 3 HOH 75  375 80  HOH HOH A . 
E 3 HOH 76  376 105 HOH HOH A . 
E 3 HOH 77  377 88  HOH HOH A . 
E 3 HOH 78  378 48  HOH HOH A . 
E 3 HOH 79  379 43  HOH HOH A . 
E 3 HOH 80  380 56  HOH HOH A . 
E 3 HOH 81  381 76  HOH HOH A . 
E 3 HOH 82  382 98  HOH HOH A . 
E 3 HOH 83  383 79  HOH HOH A . 
E 3 HOH 84  384 111 HOH HOH A . 
E 3 HOH 85  385 53  HOH HOH A . 
E 3 HOH 86  386 84  HOH HOH A . 
E 3 HOH 87  387 118 HOH HOH A . 
E 3 HOH 88  388 77  HOH HOH A . 
E 3 HOH 89  389 59  HOH HOH A . 
E 3 HOH 90  390 102 HOH HOH A . 
E 3 HOH 91  391 101 HOH HOH A . 
E 3 HOH 92  392 100 HOH HOH A . 
E 3 HOH 93  393 10  HOH HOH A . 
E 3 HOH 94  394 93  HOH HOH A . 
E 3 HOH 95  395 103 HOH HOH A . 
E 3 HOH 96  396 92  HOH HOH A . 
E 3 HOH 97  397 117 HOH HOH A . 
E 3 HOH 98  398 119 HOH HOH A . 
E 3 HOH 99  399 115 HOH HOH A . 
E 3 HOH 100 400 35  HOH HOH A . 
E 3 HOH 101 401 113 HOH HOH A . 
E 3 HOH 102 402 104 HOH HOH A . 
E 3 HOH 103 403 109 HOH HOH A . 
E 3 HOH 104 404 29  HOH HOH A . 
E 3 HOH 105 405 50  HOH HOH A . 
E 3 HOH 106 406 69  HOH HOH A . 
E 3 HOH 107 407 18  HOH HOH A . 
E 3 HOH 108 408 64  HOH HOH A . 
E 3 HOH 109 409 112 HOH HOH A . 
E 3 HOH 110 410 37  HOH HOH A . 
E 3 HOH 111 411 34  HOH HOH A . 
E 3 HOH 112 412 107 HOH HOH A . 
E 3 HOH 113 413 83  HOH HOH A . 
# 
_pdbx_struct_assembly.id                   1 
_pdbx_struct_assembly.details              author_and_software_defined_assembly 
_pdbx_struct_assembly.method_details       PISA 
_pdbx_struct_assembly.oligomeric_details   dimeric 
_pdbx_struct_assembly.oligomeric_count     2 
# 
loop_
_pdbx_struct_assembly_gen.assembly_id 
_pdbx_struct_assembly_gen.oper_expression 
_pdbx_struct_assembly_gen.asym_id_list 
1 1 A,B,C,D,E 
1 2 A,B,C,D,E 
# 
loop_
_pdbx_struct_oper_list.id 
_pdbx_struct_oper_list.type 
_pdbx_struct_oper_list.name 
_pdbx_struct_oper_list.symmetry_operation 
_pdbx_struct_oper_list.matrix[1][1] 
_pdbx_struct_oper_list.matrix[1][2] 
_pdbx_struct_oper_list.matrix[1][3] 
_pdbx_struct_oper_list.vector[1] 
_pdbx_struct_oper_list.matrix[2][1] 
_pdbx_struct_oper_list.matrix[2][2] 
_pdbx_struct_oper_list.matrix[2][3] 
_pdbx_struct_oper_list.vector[2] 
_pdbx_struct_oper_list.matrix[3][1] 
_pdbx_struct_oper_list.matrix[3][2] 
_pdbx_struct_oper_list.matrix[3][3] 
_pdbx_struct_oper_list.vector[3] 
1 'identity operation'         1_555 x,y,z     1.0000000000 0.0000000000  0.0000000000 0.0000000000 0.0000000000  1.0000000000  0.0000000000  0.0000000000   0.0000000000 0.0000000000  1.0000000000  0.0000000000   
2 'crystal symmetry operation' 2_565 -x,-y+1,z 0.4646231109 -0.2952183777 0.8348481744 7.3272731433 -0.2952183777 -0.9404939811 -0.1682770959 -12.2290223533 0.8348481744 -0.1682770959 -0.5241291298 -17.1790825764 
# 
loop_
_pdbx_struct_special_symmetry.id 
_pdbx_struct_special_symmetry.PDB_model_num 
_pdbx_struct_special_symmetry.auth_asym_id 
_pdbx_struct_special_symmetry.auth_comp_id 
_pdbx_struct_special_symmetry.auth_seq_id 
_pdbx_struct_special_symmetry.PDB_ins_code 
_pdbx_struct_special_symmetry.label_asym_id 
_pdbx_struct_special_symmetry.label_comp_id 
_pdbx_struct_special_symmetry.label_seq_id 
1 1 A HOH 320 ? E HOH . 
2 1 A HOH 344 ? E HOH . 
3 1 A HOH 393 ? E HOH . 
4 1 A HOH 407 ? E HOH . 
# 
loop_
_pdbx_audit_revision_history.ordinal 
_pdbx_audit_revision_history.data_content_type 
_pdbx_audit_revision_history.major_revision 
_pdbx_audit_revision_history.minor_revision 
_pdbx_audit_revision_history.revision_date 
1 'Structure model' 1 0 2021-12-01 
2 'Structure model' 1 1 2022-11-23 
3 'Structure model' 1 2 2023-10-25 
# 
_pdbx_audit_revision_details.ordinal             1 
_pdbx_audit_revision_details.revision_ordinal    1 
_pdbx_audit_revision_details.data_content_type   'Structure model' 
_pdbx_audit_revision_details.provider            repository 
_pdbx_audit_revision_details.type                'Initial release' 
_pdbx_audit_revision_details.description         ? 
_pdbx_audit_revision_details.details             ? 
# 
loop_
_pdbx_audit_revision_group.ordinal 
_pdbx_audit_revision_group.revision_ordinal 
_pdbx_audit_revision_group.data_content_type 
_pdbx_audit_revision_group.group 
1 2 'Structure model' 'Database references'    
2 3 'Structure model' 'Data collection'        
3 3 'Structure model' 'Refinement description' 
# 
loop_
_pdbx_audit_revision_category.ordinal 
_pdbx_audit_revision_category.revision_ordinal 
_pdbx_audit_revision_category.data_content_type 
_pdbx_audit_revision_category.category 
1 2 'Structure model' citation                      
2 2 'Structure model' citation_author               
3 3 'Structure model' chem_comp_atom                
4 3 'Structure model' chem_comp_bond                
5 3 'Structure model' pdbx_initial_refinement_model 
# 
loop_
_pdbx_audit_revision_item.ordinal 
_pdbx_audit_revision_item.revision_ordinal 
_pdbx_audit_revision_item.data_content_type 
_pdbx_audit_revision_item.item 
1  2 'Structure model' '_citation.country'                 
2  2 'Structure model' '_citation.journal_abbrev'          
3  2 'Structure model' '_citation.journal_id_CSD'          
4  2 'Structure model' '_citation.journal_id_ISSN'         
5  2 'Structure model' '_citation.journal_volume'          
6  2 'Structure model' '_citation.page_first'              
7  2 'Structure model' '_citation.page_last'               
8  2 'Structure model' '_citation.pdbx_database_id_DOI'    
9  2 'Structure model' '_citation.pdbx_database_id_PubMed' 
10 2 'Structure model' '_citation.title'                   
11 2 'Structure model' '_citation.year'                    
# 
loop_
_space_group_symop.id 
_space_group_symop.operation_xyz 
1  x,y,z           
2  x,-y,-z         
3  -x,y,-z         
4  -x,-y,z         
5  x,y+1/2,z+1/2   
6  x,-y+1/2,-z+1/2 
7  -x,y+1/2,-z+1/2 
8  -x,-y+1/2,z+1/2 
9  x+1/2,y,z+1/2   
10 x+1/2,-y,-z+1/2 
11 -x+1/2,y,-z+1/2 
12 -x+1/2,-y,z+1/2 
13 x+1/2,y+1/2,z   
14 x+1/2,-y+1/2,-z 
15 -x+1/2,y+1/2,-z 
16 -x+1/2,-y+1/2,z 
# 
loop_
_software.citation_id 
_software.classification 
_software.compiler_name 
_software.compiler_version 
_software.contact_author 
_software.contact_author_email 
_software.date 
_software.description 
_software.dependencies 
_software.hardware 
_software.language 
_software.location 
_software.mods 
_software.name 
_software.os 
_software.os_version 
_software.type 
_software.version 
_software.pdbx_ordinal 
? refinement       ? ? ? ? ? ? ? ? ? ? ? PHENIX  ? ? ? 1.17.1_3660 1 
? 'data reduction' ? ? ? ? ? ? ? ? ? ? ? XDS     ? ? ? .           2 
? 'data scaling'   ? ? ? ? ? ? ? ? ? ? ? Aimless ? ? ? .           3 
? phasing          ? ? ? ? ? ? ? ? ? ? ? PHENIX  ? ? ? .           4 
# 
_pdbx_entry_details.entry_id                 7KRH 
_pdbx_entry_details.has_ligand_of_interest   N 
_pdbx_entry_details.compound_details         ? 
_pdbx_entry_details.source_details           ? 
_pdbx_entry_details.nonpolymer_details       ? 
_pdbx_entry_details.sequence_details         ? 
# 
loop_
_pdbx_validate_close_contact.id 
_pdbx_validate_close_contact.PDB_model_num 
_pdbx_validate_close_contact.auth_atom_id_1 
_pdbx_validate_close_contact.auth_asym_id_1 
_pdbx_validate_close_contact.auth_comp_id_1 
_pdbx_validate_close_contact.auth_seq_id_1 
_pdbx_validate_close_contact.PDB_ins_code_1 
_pdbx_validate_close_contact.label_alt_id_1 
_pdbx_validate_close_contact.auth_atom_id_2 
_pdbx_validate_close_contact.auth_asym_id_2 
_pdbx_validate_close_contact.auth_comp_id_2 
_pdbx_validate_close_contact.auth_seq_id_2 
_pdbx_validate_close_contact.PDB_ins_code_2 
_pdbx_validate_close_contact.label_alt_id_2 
_pdbx_validate_close_contact.dist 
1 1 O  A HOH 370 ? ? O A HOH 388 ? ? 2.11 
2 1 O3 A SO4 203 ? ? O A HOH 301 ? ? 2.19 
# 
loop_
_pdbx_validate_symm_contact.id 
_pdbx_validate_symm_contact.PDB_model_num 
_pdbx_validate_symm_contact.auth_atom_id_1 
_pdbx_validate_symm_contact.auth_asym_id_1 
_pdbx_validate_symm_contact.auth_comp_id_1 
_pdbx_validate_symm_contact.auth_seq_id_1 
_pdbx_validate_symm_contact.PDB_ins_code_1 
_pdbx_validate_symm_contact.label_alt_id_1 
_pdbx_validate_symm_contact.site_symmetry_1 
_pdbx_validate_symm_contact.auth_atom_id_2 
_pdbx_validate_symm_contact.auth_asym_id_2 
_pdbx_validate_symm_contact.auth_comp_id_2 
_pdbx_validate_symm_contact.auth_seq_id_2 
_pdbx_validate_symm_contact.PDB_ins_code_2 
_pdbx_validate_symm_contact.label_alt_id_2 
_pdbx_validate_symm_contact.site_symmetry_2 
_pdbx_validate_symm_contact.dist 
1 1 O A HOH 397 ? ? 1_555 O A HOH 409 ? ? 2_565 2.11 
2 1 O A HOH 388 ? ? 1_555 O A HOH 397 ? ? 2_565 2.19 
# 
loop_
_pdbx_validate_torsion.id 
_pdbx_validate_torsion.PDB_model_num 
_pdbx_validate_torsion.auth_comp_id 
_pdbx_validate_torsion.auth_asym_id 
_pdbx_validate_torsion.auth_seq_id 
_pdbx_validate_torsion.PDB_ins_code 
_pdbx_validate_torsion.label_alt_id 
_pdbx_validate_torsion.phi 
_pdbx_validate_torsion.psi 
1 1 VAL A 67 ? B 39.87  49.96 
2 1 ARG A 96 ? ? -64.07 1.95  
# 
loop_
_pdbx_unobs_or_zero_occ_residues.id 
_pdbx_unobs_or_zero_occ_residues.PDB_model_num 
_pdbx_unobs_or_zero_occ_residues.polymer_flag 
_pdbx_unobs_or_zero_occ_residues.occupancy_flag 
_pdbx_unobs_or_zero_occ_residues.auth_asym_id 
_pdbx_unobs_or_zero_occ_residues.auth_comp_id 
_pdbx_unobs_or_zero_occ_residues.auth_seq_id 
_pdbx_unobs_or_zero_occ_residues.PDB_ins_code 
_pdbx_unobs_or_zero_occ_residues.label_asym_id 
_pdbx_unobs_or_zero_occ_residues.label_comp_id 
_pdbx_unobs_or_zero_occ_residues.label_seq_id 
1  1 Y 1 A MET -23 ? A MET 1   
2  1 Y 1 A HIS -22 ? A HIS 2   
3  1 Y 1 A HIS -21 ? A HIS 3   
4  1 Y 1 A HIS -20 ? A HIS 4   
5  1 Y 1 A HIS -19 ? A HIS 5   
6  1 Y 1 A HIS -18 ? A HIS 6   
7  1 Y 1 A HIS -17 ? A HIS 7   
8  1 Y 1 A SER -16 ? A SER 8   
9  1 Y 1 A SER -15 ? A SER 9   
10 1 Y 1 A GLY -14 ? A GLY 10  
11 1 Y 1 A VAL -13 ? A VAL 11  
12 1 Y 1 A ASP -12 ? A ASP 12  
13 1 Y 1 A LEU -11 ? A LEU 13  
14 1 Y 1 A GLY -10 ? A GLY 14  
15 1 Y 1 A THR -9  ? A THR 15  
16 1 Y 1 A GLU -8  ? A GLU 16  
17 1 Y 1 A ASN -7  ? A ASN 17  
18 1 Y 1 A LEU -6  ? A LEU 18  
19 1 Y 1 A TYR -5  ? A TYR 19  
20 1 Y 1 A PHE -4  ? A PHE 20  
21 1 Y 1 A GLN -3  ? A GLN 21  
22 1 Y 1 A SER -2  ? A SER 22  
23 1 Y 1 A ASN -1  ? A ASN 23  
24 1 Y 1 A ALA 0   ? A ALA 24  
25 1 Y 1 A MET 1   ? A MET 25  
26 1 Y 1 A ALA 2   ? A ALA 26  
27 1 Y 1 A GLU 3   ? A GLU 27  
28 1 Y 1 A GLN 4   ? A GLN 28  
29 1 Y 1 A PRO 5   ? A PRO 29  
30 1 Y 1 A PRO 6   ? A PRO 30  
31 1 Y 1 A GLU 7   ? A GLU 31  
32 1 Y 1 A THR 8   ? A THR 32  
33 1 Y 1 A HIS 9   ? A HIS 33  
34 1 Y 1 A VAL 150 ? A VAL 174 
35 1 Y 1 A PRO 151 ? A PRO 175 
36 1 Y 1 A VAL 152 ? A VAL 176 
37 1 Y 1 A GLU 153 ? A GLU 177 
38 1 Y 1 A GLU 154 ? A GLU 178 
39 1 Y 1 A PRO 155 ? A PRO 179 
40 1 Y 1 A GLU 156 ? A GLU 180 
41 1 Y 1 A GLU 157 ? A GLU 181 
42 1 Y 1 A ASP 158 ? A ASP 182 
# 
loop_
_chem_comp_atom.comp_id 
_chem_comp_atom.atom_id 
_chem_comp_atom.type_symbol 
_chem_comp_atom.pdbx_aromatic_flag 
_chem_comp_atom.pdbx_stereo_config 
_chem_comp_atom.pdbx_ordinal 
ALA N    N N N 1   
ALA CA   C N S 2   
ALA C    C N N 3   
ALA O    O N N 4   
ALA CB   C N N 5   
ALA OXT  O N N 6   
ALA H    H N N 7   
ALA H2   H N N 8   
ALA HA   H N N 9   
ALA HB1  H N N 10  
ALA HB2  H N N 11  
ALA HB3  H N N 12  
ALA HXT  H N N 13  
ARG N    N N N 14  
ARG CA   C N S 15  
ARG C    C N N 16  
ARG O    O N N 17  
ARG CB   C N N 18  
ARG CG   C N N 19  
ARG CD   C N N 20  
ARG NE   N N N 21  
ARG CZ   C N N 22  
ARG NH1  N N N 23  
ARG NH2  N N N 24  
ARG OXT  O N N 25  
ARG H    H N N 26  
ARG H2   H N N 27  
ARG HA   H N N 28  
ARG HB2  H N N 29  
ARG HB3  H N N 30  
ARG HG2  H N N 31  
ARG HG3  H N N 32  
ARG HD2  H N N 33  
ARG HD3  H N N 34  
ARG HE   H N N 35  
ARG HH11 H N N 36  
ARG HH12 H N N 37  
ARG HH21 H N N 38  
ARG HH22 H N N 39  
ARG HXT  H N N 40  
ASN N    N N N 41  
ASN CA   C N S 42  
ASN C    C N N 43  
ASN O    O N N 44  
ASN CB   C N N 45  
ASN CG   C N N 46  
ASN OD1  O N N 47  
ASN ND2  N N N 48  
ASN OXT  O N N 49  
ASN H    H N N 50  
ASN H2   H N N 51  
ASN HA   H N N 52  
ASN HB2  H N N 53  
ASN HB3  H N N 54  
ASN HD21 H N N 55  
ASN HD22 H N N 56  
ASN HXT  H N N 57  
ASP N    N N N 58  
ASP CA   C N S 59  
ASP C    C N N 60  
ASP O    O N N 61  
ASP CB   C N N 62  
ASP CG   C N N 63  
ASP OD1  O N N 64  
ASP OD2  O N N 65  
ASP OXT  O N N 66  
ASP H    H N N 67  
ASP H2   H N N 68  
ASP HA   H N N 69  
ASP HB2  H N N 70  
ASP HB3  H N N 71  
ASP HD2  H N N 72  
ASP HXT  H N N 73  
GLN N    N N N 74  
GLN CA   C N S 75  
GLN C    C N N 76  
GLN O    O N N 77  
GLN CB   C N N 78  
GLN CG   C N N 79  
GLN CD   C N N 80  
GLN OE1  O N N 81  
GLN NE2  N N N 82  
GLN OXT  O N N 83  
GLN H    H N N 84  
GLN H2   H N N 85  
GLN HA   H N N 86  
GLN HB2  H N N 87  
GLN HB3  H N N 88  
GLN HG2  H N N 89  
GLN HG3  H N N 90  
GLN HE21 H N N 91  
GLN HE22 H N N 92  
GLN HXT  H N N 93  
GLU N    N N N 94  
GLU CA   C N S 95  
GLU C    C N N 96  
GLU O    O N N 97  
GLU CB   C N N 98  
GLU CG   C N N 99  
GLU CD   C N N 100 
GLU OE1  O N N 101 
GLU OE2  O N N 102 
GLU OXT  O N N 103 
GLU H    H N N 104 
GLU H2   H N N 105 
GLU HA   H N N 106 
GLU HB2  H N N 107 
GLU HB3  H N N 108 
GLU HG2  H N N 109 
GLU HG3  H N N 110 
GLU HE2  H N N 111 
GLU HXT  H N N 112 
GLY N    N N N 113 
GLY CA   C N N 114 
GLY C    C N N 115 
GLY O    O N N 116 
GLY OXT  O N N 117 
GLY H    H N N 118 
GLY H2   H N N 119 
GLY HA2  H N N 120 
GLY HA3  H N N 121 
GLY HXT  H N N 122 
HIS N    N N N 123 
HIS CA   C N S 124 
HIS C    C N N 125 
HIS O    O N N 126 
HIS CB   C N N 127 
HIS CG   C Y N 128 
HIS ND1  N Y N 129 
HIS CD2  C Y N 130 
HIS CE1  C Y N 131 
HIS NE2  N Y N 132 
HIS OXT  O N N 133 
HIS H    H N N 134 
HIS H2   H N N 135 
HIS HA   H N N 136 
HIS HB2  H N N 137 
HIS HB3  H N N 138 
HIS HD1  H N N 139 
HIS HD2  H N N 140 
HIS HE1  H N N 141 
HIS HE2  H N N 142 
HIS HXT  H N N 143 
HOH O    O N N 144 
HOH H1   H N N 145 
HOH H2   H N N 146 
ILE N    N N N 147 
ILE CA   C N S 148 
ILE C    C N N 149 
ILE O    O N N 150 
ILE CB   C N S 151 
ILE CG1  C N N 152 
ILE CG2  C N N 153 
ILE CD1  C N N 154 
ILE OXT  O N N 155 
ILE H    H N N 156 
ILE H2   H N N 157 
ILE HA   H N N 158 
ILE HB   H N N 159 
ILE HG12 H N N 160 
ILE HG13 H N N 161 
ILE HG21 H N N 162 
ILE HG22 H N N 163 
ILE HG23 H N N 164 
ILE HD11 H N N 165 
ILE HD12 H N N 166 
ILE HD13 H N N 167 
ILE HXT  H N N 168 
LEU N    N N N 169 
LEU CA   C N S 170 
LEU C    C N N 171 
LEU O    O N N 172 
LEU CB   C N N 173 
LEU CG   C N N 174 
LEU CD1  C N N 175 
LEU CD2  C N N 176 
LEU OXT  O N N 177 
LEU H    H N N 178 
LEU H2   H N N 179 
LEU HA   H N N 180 
LEU HB2  H N N 181 
LEU HB3  H N N 182 
LEU HG   H N N 183 
LEU HD11 H N N 184 
LEU HD12 H N N 185 
LEU HD13 H N N 186 
LEU HD21 H N N 187 
LEU HD22 H N N 188 
LEU HD23 H N N 189 
LEU HXT  H N N 190 
LYS N    N N N 191 
LYS CA   C N S 192 
LYS C    C N N 193 
LYS O    O N N 194 
LYS CB   C N N 195 
LYS CG   C N N 196 
LYS CD   C N N 197 
LYS CE   C N N 198 
LYS NZ   N N N 199 
LYS OXT  O N N 200 
LYS H    H N N 201 
LYS H2   H N N 202 
LYS HA   H N N 203 
LYS HB2  H N N 204 
LYS HB3  H N N 205 
LYS HG2  H N N 206 
LYS HG3  H N N 207 
LYS HD2  H N N 208 
LYS HD3  H N N 209 
LYS HE2  H N N 210 
LYS HE3  H N N 211 
LYS HZ1  H N N 212 
LYS HZ2  H N N 213 
LYS HZ3  H N N 214 
LYS HXT  H N N 215 
MET N    N N N 216 
MET CA   C N S 217 
MET C    C N N 218 
MET O    O N N 219 
MET CB   C N N 220 
MET CG   C N N 221 
MET SD   S N N 222 
MET CE   C N N 223 
MET OXT  O N N 224 
MET H    H N N 225 
MET H2   H N N 226 
MET HA   H N N 227 
MET HB2  H N N 228 
MET HB3  H N N 229 
MET HG2  H N N 230 
MET HG3  H N N 231 
MET HE1  H N N 232 
MET HE2  H N N 233 
MET HE3  H N N 234 
MET HXT  H N N 235 
PHE N    N N N 236 
PHE CA   C N S 237 
PHE C    C N N 238 
PHE O    O N N 239 
PHE CB   C N N 240 
PHE CG   C Y N 241 
PHE CD1  C Y N 242 
PHE CD2  C Y N 243 
PHE CE1  C Y N 244 
PHE CE2  C Y N 245 
PHE CZ   C Y N 246 
PHE OXT  O N N 247 
PHE H    H N N 248 
PHE H2   H N N 249 
PHE HA   H N N 250 
PHE HB2  H N N 251 
PHE HB3  H N N 252 
PHE HD1  H N N 253 
PHE HD2  H N N 254 
PHE HE1  H N N 255 
PHE HE2  H N N 256 
PHE HZ   H N N 257 
PHE HXT  H N N 258 
PRO N    N N N 259 
PRO CA   C N S 260 
PRO C    C N N 261 
PRO O    O N N 262 
PRO CB   C N N 263 
PRO CG   C N N 264 
PRO CD   C N N 265 
PRO OXT  O N N 266 
PRO H    H N N 267 
PRO HA   H N N 268 
PRO HB2  H N N 269 
PRO HB3  H N N 270 
PRO HG2  H N N 271 
PRO HG3  H N N 272 
PRO HD2  H N N 273 
PRO HD3  H N N 274 
PRO HXT  H N N 275 
SER N    N N N 276 
SER CA   C N S 277 
SER C    C N N 278 
SER O    O N N 279 
SER CB   C N N 280 
SER OG   O N N 281 
SER OXT  O N N 282 
SER H    H N N 283 
SER H2   H N N 284 
SER HA   H N N 285 
SER HB2  H N N 286 
SER HB3  H N N 287 
SER HG   H N N 288 
SER HXT  H N N 289 
SO4 S    S N N 290 
SO4 O1   O N N 291 
SO4 O2   O N N 292 
SO4 O3   O N N 293 
SO4 O4   O N N 294 
THR N    N N N 295 
THR CA   C N S 296 
THR C    C N N 297 
THR O    O N N 298 
THR CB   C N R 299 
THR OG1  O N N 300 
THR CG2  C N N 301 
THR OXT  O N N 302 
THR H    H N N 303 
THR H2   H N N 304 
THR HA   H N N 305 
THR HB   H N N 306 
THR HG1  H N N 307 
THR HG21 H N N 308 
THR HG22 H N N 309 
THR HG23 H N N 310 
THR HXT  H N N 311 
TRP N    N N N 312 
TRP CA   C N S 313 
TRP C    C N N 314 
TRP O    O N N 315 
TRP CB   C N N 316 
TRP CG   C Y N 317 
TRP CD1  C Y N 318 
TRP CD2  C Y N 319 
TRP NE1  N Y N 320 
TRP CE2  C Y N 321 
TRP CE3  C Y N 322 
TRP CZ2  C Y N 323 
TRP CZ3  C Y N 324 
TRP CH2  C Y N 325 
TRP OXT  O N N 326 
TRP H    H N N 327 
TRP H2   H N N 328 
TRP HA   H N N 329 
TRP HB2  H N N 330 
TRP HB3  H N N 331 
TRP HD1  H N N 332 
TRP HE1  H N N 333 
TRP HE3  H N N 334 
TRP HZ2  H N N 335 
TRP HZ3  H N N 336 
TRP HH2  H N N 337 
TRP HXT  H N N 338 
TYR N    N N N 339 
TYR CA   C N S 340 
TYR C    C N N 341 
TYR O    O N N 342 
TYR CB   C N N 343 
TYR CG   C Y N 344 
TYR CD1  C Y N 345 
TYR CD2  C Y N 346 
TYR CE1  C Y N 347 
TYR CE2  C Y N 348 
TYR CZ   C Y N 349 
TYR OH   O N N 350 
TYR OXT  O N N 351 
TYR H    H N N 352 
TYR H2   H N N 353 
TYR HA   H N N 354 
TYR HB2  H N N 355 
TYR HB3  H N N 356 
TYR HD1  H N N 357 
TYR HD2  H N N 358 
TYR HE1  H N N 359 
TYR HE2  H N N 360 
TYR HH   H N N 361 
TYR HXT  H N N 362 
VAL N    N N N 363 
VAL CA   C N S 364 
VAL C    C N N 365 
VAL O    O N N 366 
VAL CB   C N N 367 
VAL CG1  C N N 368 
VAL CG2  C N N 369 
VAL OXT  O N N 370 
VAL H    H N N 371 
VAL H2   H N N 372 
VAL HA   H N N 373 
VAL HB   H N N 374 
VAL HG11 H N N 375 
VAL HG12 H N N 376 
VAL HG13 H N N 377 
VAL HG21 H N N 378 
VAL HG22 H N N 379 
VAL HG23 H N N 380 
VAL HXT  H N N 381 
# 
loop_
_chem_comp_bond.comp_id 
_chem_comp_bond.atom_id_1 
_chem_comp_bond.atom_id_2 
_chem_comp_bond.value_order 
_chem_comp_bond.pdbx_aromatic_flag 
_chem_comp_bond.pdbx_stereo_config 
_chem_comp_bond.pdbx_ordinal 
ALA N   CA   sing N N 1   
ALA N   H    sing N N 2   
ALA N   H2   sing N N 3   
ALA CA  C    sing N N 4   
ALA CA  CB   sing N N 5   
ALA CA  HA   sing N N 6   
ALA C   O    doub N N 7   
ALA C   OXT  sing N N 8   
ALA CB  HB1  sing N N 9   
ALA CB  HB2  sing N N 10  
ALA CB  HB3  sing N N 11  
ALA OXT HXT  sing N N 12  
ARG N   CA   sing N N 13  
ARG N   H    sing N N 14  
ARG N   H2   sing N N 15  
ARG CA  C    sing N N 16  
ARG CA  CB   sing N N 17  
ARG CA  HA   sing N N 18  
ARG C   O    doub N N 19  
ARG C   OXT  sing N N 20  
ARG CB  CG   sing N N 21  
ARG CB  HB2  sing N N 22  
ARG CB  HB3  sing N N 23  
ARG CG  CD   sing N N 24  
ARG CG  HG2  sing N N 25  
ARG CG  HG3  sing N N 26  
ARG CD  NE   sing N N 27  
ARG CD  HD2  sing N N 28  
ARG CD  HD3  sing N N 29  
ARG NE  CZ   sing N N 30  
ARG NE  HE   sing N N 31  
ARG CZ  NH1  sing N N 32  
ARG CZ  NH2  doub N N 33  
ARG NH1 HH11 sing N N 34  
ARG NH1 HH12 sing N N 35  
ARG NH2 HH21 sing N N 36  
ARG NH2 HH22 sing N N 37  
ARG OXT HXT  sing N N 38  
ASN N   CA   sing N N 39  
ASN N   H    sing N N 40  
ASN N   H2   sing N N 41  
ASN CA  C    sing N N 42  
ASN CA  CB   sing N N 43  
ASN CA  HA   sing N N 44  
ASN C   O    doub N N 45  
ASN C   OXT  sing N N 46  
ASN CB  CG   sing N N 47  
ASN CB  HB2  sing N N 48  
ASN CB  HB3  sing N N 49  
ASN CG  OD1  doub N N 50  
ASN CG  ND2  sing N N 51  
ASN ND2 HD21 sing N N 52  
ASN ND2 HD22 sing N N 53  
ASN OXT HXT  sing N N 54  
ASP N   CA   sing N N 55  
ASP N   H    sing N N 56  
ASP N   H2   sing N N 57  
ASP CA  C    sing N N 58  
ASP CA  CB   sing N N 59  
ASP CA  HA   sing N N 60  
ASP C   O    doub N N 61  
ASP C   OXT  sing N N 62  
ASP CB  CG   sing N N 63  
ASP CB  HB2  sing N N 64  
ASP CB  HB3  sing N N 65  
ASP CG  OD1  doub N N 66  
ASP CG  OD2  sing N N 67  
ASP OD2 HD2  sing N N 68  
ASP OXT HXT  sing N N 69  
GLN N   CA   sing N N 70  
GLN N   H    sing N N 71  
GLN N   H2   sing N N 72  
GLN CA  C    sing N N 73  
GLN CA  CB   sing N N 74  
GLN CA  HA   sing N N 75  
GLN C   O    doub N N 76  
GLN C   OXT  sing N N 77  
GLN CB  CG   sing N N 78  
GLN CB  HB2  sing N N 79  
GLN CB  HB3  sing N N 80  
GLN CG  CD   sing N N 81  
GLN CG  HG2  sing N N 82  
GLN CG  HG3  sing N N 83  
GLN CD  OE1  doub N N 84  
GLN CD  NE2  sing N N 85  
GLN NE2 HE21 sing N N 86  
GLN NE2 HE22 sing N N 87  
GLN OXT HXT  sing N N 88  
GLU N   CA   sing N N 89  
GLU N   H    sing N N 90  
GLU N   H2   sing N N 91  
GLU CA  C    sing N N 92  
GLU CA  CB   sing N N 93  
GLU CA  HA   sing N N 94  
GLU C   O    doub N N 95  
GLU C   OXT  sing N N 96  
GLU CB  CG   sing N N 97  
GLU CB  HB2  sing N N 98  
GLU CB  HB3  sing N N 99  
GLU CG  CD   sing N N 100 
GLU CG  HG2  sing N N 101 
GLU CG  HG3  sing N N 102 
GLU CD  OE1  doub N N 103 
GLU CD  OE2  sing N N 104 
GLU OE2 HE2  sing N N 105 
GLU OXT HXT  sing N N 106 
GLY N   CA   sing N N 107 
GLY N   H    sing N N 108 
GLY N   H2   sing N N 109 
GLY CA  C    sing N N 110 
GLY CA  HA2  sing N N 111 
GLY CA  HA3  sing N N 112 
GLY C   O    doub N N 113 
GLY C   OXT  sing N N 114 
GLY OXT HXT  sing N N 115 
HIS N   CA   sing N N 116 
HIS N   H    sing N N 117 
HIS N   H2   sing N N 118 
HIS CA  C    sing N N 119 
HIS CA  CB   sing N N 120 
HIS CA  HA   sing N N 121 
HIS C   O    doub N N 122 
HIS C   OXT  sing N N 123 
HIS CB  CG   sing N N 124 
HIS CB  HB2  sing N N 125 
HIS CB  HB3  sing N N 126 
HIS CG  ND1  sing Y N 127 
HIS CG  CD2  doub Y N 128 
HIS ND1 CE1  doub Y N 129 
HIS ND1 HD1  sing N N 130 
HIS CD2 NE2  sing Y N 131 
HIS CD2 HD2  sing N N 132 
HIS CE1 NE2  sing Y N 133 
HIS CE1 HE1  sing N N 134 
HIS NE2 HE2  sing N N 135 
HIS OXT HXT  sing N N 136 
HOH O   H1   sing N N 137 
HOH O   H2   sing N N 138 
ILE N   CA   sing N N 139 
ILE N   H    sing N N 140 
ILE N   H2   sing N N 141 
ILE CA  C    sing N N 142 
ILE CA  CB   sing N N 143 
ILE CA  HA   sing N N 144 
ILE C   O    doub N N 145 
ILE C   OXT  sing N N 146 
ILE CB  CG1  sing N N 147 
ILE CB  CG2  sing N N 148 
ILE CB  HB   sing N N 149 
ILE CG1 CD1  sing N N 150 
ILE CG1 HG12 sing N N 151 
ILE CG1 HG13 sing N N 152 
ILE CG2 HG21 sing N N 153 
ILE CG2 HG22 sing N N 154 
ILE CG2 HG23 sing N N 155 
ILE CD1 HD11 sing N N 156 
ILE CD1 HD12 sing N N 157 
ILE CD1 HD13 sing N N 158 
ILE OXT HXT  sing N N 159 
LEU N   CA   sing N N 160 
LEU N   H    sing N N 161 
LEU N   H2   sing N N 162 
LEU CA  C    sing N N 163 
LEU CA  CB   sing N N 164 
LEU CA  HA   sing N N 165 
LEU C   O    doub N N 166 
LEU C   OXT  sing N N 167 
LEU CB  CG   sing N N 168 
LEU CB  HB2  sing N N 169 
LEU CB  HB3  sing N N 170 
LEU CG  CD1  sing N N 171 
LEU CG  CD2  sing N N 172 
LEU CG  HG   sing N N 173 
LEU CD1 HD11 sing N N 174 
LEU CD1 HD12 sing N N 175 
LEU CD1 HD13 sing N N 176 
LEU CD2 HD21 sing N N 177 
LEU CD2 HD22 sing N N 178 
LEU CD2 HD23 sing N N 179 
LEU OXT HXT  sing N N 180 
LYS N   CA   sing N N 181 
LYS N   H    sing N N 182 
LYS N   H2   sing N N 183 
LYS CA  C    sing N N 184 
LYS CA  CB   sing N N 185 
LYS CA  HA   sing N N 186 
LYS C   O    doub N N 187 
LYS C   OXT  sing N N 188 
LYS CB  CG   sing N N 189 
LYS CB  HB2  sing N N 190 
LYS CB  HB3  sing N N 191 
LYS CG  CD   sing N N 192 
LYS CG  HG2  sing N N 193 
LYS CG  HG3  sing N N 194 
LYS CD  CE   sing N N 195 
LYS CD  HD2  sing N N 196 
LYS CD  HD3  sing N N 197 
LYS CE  NZ   sing N N 198 
LYS CE  HE2  sing N N 199 
LYS CE  HE3  sing N N 200 
LYS NZ  HZ1  sing N N 201 
LYS NZ  HZ2  sing N N 202 
LYS NZ  HZ3  sing N N 203 
LYS OXT HXT  sing N N 204 
MET N   CA   sing N N 205 
MET N   H    sing N N 206 
MET N   H2   sing N N 207 
MET CA  C    sing N N 208 
MET CA  CB   sing N N 209 
MET CA  HA   sing N N 210 
MET C   O    doub N N 211 
MET C   OXT  sing N N 212 
MET CB  CG   sing N N 213 
MET CB  HB2  sing N N 214 
MET CB  HB3  sing N N 215 
MET CG  SD   sing N N 216 
MET CG  HG2  sing N N 217 
MET CG  HG3  sing N N 218 
MET SD  CE   sing N N 219 
MET CE  HE1  sing N N 220 
MET CE  HE2  sing N N 221 
MET CE  HE3  sing N N 222 
MET OXT HXT  sing N N 223 
PHE N   CA   sing N N 224 
PHE N   H    sing N N 225 
PHE N   H2   sing N N 226 
PHE CA  C    sing N N 227 
PHE CA  CB   sing N N 228 
PHE CA  HA   sing N N 229 
PHE C   O    doub N N 230 
PHE C   OXT  sing N N 231 
PHE CB  CG   sing N N 232 
PHE CB  HB2  sing N N 233 
PHE CB  HB3  sing N N 234 
PHE CG  CD1  doub Y N 235 
PHE CG  CD2  sing Y N 236 
PHE CD1 CE1  sing Y N 237 
PHE CD1 HD1  sing N N 238 
PHE CD2 CE2  doub Y N 239 
PHE CD2 HD2  sing N N 240 
PHE CE1 CZ   doub Y N 241 
PHE CE1 HE1  sing N N 242 
PHE CE2 CZ   sing Y N 243 
PHE CE2 HE2  sing N N 244 
PHE CZ  HZ   sing N N 245 
PHE OXT HXT  sing N N 246 
PRO N   CA   sing N N 247 
PRO N   CD   sing N N 248 
PRO N   H    sing N N 249 
PRO CA  C    sing N N 250 
PRO CA  CB   sing N N 251 
PRO CA  HA   sing N N 252 
PRO C   O    doub N N 253 
PRO C   OXT  sing N N 254 
PRO CB  CG   sing N N 255 
PRO CB  HB2  sing N N 256 
PRO CB  HB3  sing N N 257 
PRO CG  CD   sing N N 258 
PRO CG  HG2  sing N N 259 
PRO CG  HG3  sing N N 260 
PRO CD  HD2  sing N N 261 
PRO CD  HD3  sing N N 262 
PRO OXT HXT  sing N N 263 
SER N   CA   sing N N 264 
SER N   H    sing N N 265 
SER N   H2   sing N N 266 
SER CA  C    sing N N 267 
SER CA  CB   sing N N 268 
SER CA  HA   sing N N 269 
SER C   O    doub N N 270 
SER C   OXT  sing N N 271 
SER CB  OG   sing N N 272 
SER CB  HB2  sing N N 273 
SER CB  HB3  sing N N 274 
SER OG  HG   sing N N 275 
SER OXT HXT  sing N N 276 
SO4 S   O1   doub N N 277 
SO4 S   O2   doub N N 278 
SO4 S   O3   sing N N 279 
SO4 S   O4   sing N N 280 
THR N   CA   sing N N 281 
THR N   H    sing N N 282 
THR N   H2   sing N N 283 
THR CA  C    sing N N 284 
THR CA  CB   sing N N 285 
THR CA  HA   sing N N 286 
THR C   O    doub N N 287 
THR C   OXT  sing N N 288 
THR CB  OG1  sing N N 289 
THR CB  CG2  sing N N 290 
THR CB  HB   sing N N 291 
THR OG1 HG1  sing N N 292 
THR CG2 HG21 sing N N 293 
THR CG2 HG22 sing N N 294 
THR CG2 HG23 sing N N 295 
THR OXT HXT  sing N N 296 
TRP N   CA   sing N N 297 
TRP N   H    sing N N 298 
TRP N   H2   sing N N 299 
TRP CA  C    sing N N 300 
TRP CA  CB   sing N N 301 
TRP CA  HA   sing N N 302 
TRP C   O    doub N N 303 
TRP C   OXT  sing N N 304 
TRP CB  CG   sing N N 305 
TRP CB  HB2  sing N N 306 
TRP CB  HB3  sing N N 307 
TRP CG  CD1  doub Y N 308 
TRP CG  CD2  sing Y N 309 
TRP CD1 NE1  sing Y N 310 
TRP CD1 HD1  sing N N 311 
TRP CD2 CE2  doub Y N 312 
TRP CD2 CE3  sing Y N 313 
TRP NE1 CE2  sing Y N 314 
TRP NE1 HE1  sing N N 315 
TRP CE2 CZ2  sing Y N 316 
TRP CE3 CZ3  doub Y N 317 
TRP CE3 HE3  sing N N 318 
TRP CZ2 CH2  doub Y N 319 
TRP CZ2 HZ2  sing N N 320 
TRP CZ3 CH2  sing Y N 321 
TRP CZ3 HZ3  sing N N 322 
TRP CH2 HH2  sing N N 323 
TRP OXT HXT  sing N N 324 
TYR N   CA   sing N N 325 
TYR N   H    sing N N 326 
TYR N   H2   sing N N 327 
TYR CA  C    sing N N 328 
TYR CA  CB   sing N N 329 
TYR CA  HA   sing N N 330 
TYR C   O    doub N N 331 
TYR C   OXT  sing N N 332 
TYR CB  CG   sing N N 333 
TYR CB  HB2  sing N N 334 
TYR CB  HB3  sing N N 335 
TYR CG  CD1  doub Y N 336 
TYR CG  CD2  sing Y N 337 
TYR CD1 CE1  sing Y N 338 
TYR CD1 HD1  sing N N 339 
TYR CD2 CE2  doub Y N 340 
TYR CD2 HD2  sing N N 341 
TYR CE1 CZ   doub Y N 342 
TYR CE1 HE1  sing N N 343 
TYR CE2 CZ   sing Y N 344 
TYR CE2 HE2  sing N N 345 
TYR CZ  OH   sing N N 346 
TYR OH  HH   sing N N 347 
TYR OXT HXT  sing N N 348 
VAL N   CA   sing N N 349 
VAL N   H    sing N N 350 
VAL N   H2   sing N N 351 
VAL CA  C    sing N N 352 
VAL CA  CB   sing N N 353 
VAL CA  HA   sing N N 354 
VAL C   O    doub N N 355 
VAL C   OXT  sing N N 356 
VAL CB  CG1  sing N N 357 
VAL CB  CG2  sing N N 358 
VAL CB  HB   sing N N 359 
VAL CG1 HG11 sing N N 360 
VAL CG1 HG12 sing N N 361 
VAL CG1 HG13 sing N N 362 
VAL CG2 HG21 sing N N 363 
VAL CG2 HG22 sing N N 364 
VAL CG2 HG23 sing N N 365 
VAL OXT HXT  sing N N 366 
# 
_pdbx_audit_support.funding_organization   'National Science Foundation (NSF, United States)' 
_pdbx_audit_support.country                'United States' 
_pdbx_audit_support.grant_number           IOS-1917270 
_pdbx_audit_support.ordinal                1 
# 
loop_
_pdbx_entity_nonpoly.entity_id 
_pdbx_entity_nonpoly.name 
_pdbx_entity_nonpoly.comp_id 
2 'SULFATE ION' SO4 
3 water         HOH 
# 
_pdbx_initial_refinement_model.id               1 
_pdbx_initial_refinement_model.entity_id_list   ? 
_pdbx_initial_refinement_model.type             'experimental model' 
_pdbx_initial_refinement_model.source_name      PDB 
_pdbx_initial_refinement_model.accession_code   7KFO 
_pdbx_initial_refinement_model.details          ? 
# 
_pdbx_struct_assembly_auth_evidence.id                     1 
_pdbx_struct_assembly_auth_evidence.assembly_id            1 
_pdbx_struct_assembly_auth_evidence.experimental_support   'gel filtration' 
_pdbx_struct_assembly_auth_evidence.details                ? 
# 
_space_group.name_H-M_alt     'F 2 2 2' 
_space_group.name_Hall        'F 2 2' 
_space_group.IT_number        22 
_space_group.crystal_system   orthorhombic 
_space_group.id               1 
# 
